data_1P0Y
#
_entry.id   1P0Y
#
_cell.length_a   130.410
_cell.length_b   153.190
_cell.length_c   266.320
_cell.angle_alpha   90.00
_cell.angle_beta   90.00
_cell.angle_gamma   90.00
#
_symmetry.space_group_name_H-M   'I 2 2 2'
#
loop_
_entity.id
_entity.type
_entity.pdbx_description
1 polymer 'Ribulose-1,5 bisphosphate carboxylase/oxygenase large subunit N-methyltransferase, chloroplast'
2 non-polymer S-ADENOSYL-L-HOMOCYSTEINE
3 non-polymer N-METHYL-LYSINE
4 water water
#
_entity_poly.entity_id   1
_entity_poly.type   'polypeptide(L)'
_entity_poly.pdbx_seq_one_letter_code
;MTEPSLSPAVQTFWKWLQEEGVITAKTPVKASVVTEGLGLVALKDISRNDVILQVPKRLWINPDAVAASEIGRVCSELKP
WLSVILFLIRERSREDSVWKHYFGILPQETDSTIYWSEEELQELQGSQLLKTTVSVKEYVKNECLKLEQEIILPNKRLFP
DPVTLDDFFWAFGILRSRAFSRLRNENLVVVPMADLINHSAGVTTEDHAYEVKGAAGLFSWDYLFSLKSPLSVKAGEQVY
IQYDLNKSNAELALDYGFIEPNENRHAYTLTLEISESDPFFDDKLDVAESNGFAQTAYFDIFYNRTLPPGLLPYLRLVAL
GGTDAFLLESLFRDTIWGHLELSVSRDNEELLCKAVREACKSALAGYHTTIEQDRELKEGNLDSRLAIAVGIREGEKMVL
QQIDGIFEQKELELDQLEYYQERRLKDLGLCGENGDILENLYFQ
;
_entity_poly.pdbx_strand_id   A,B,C
#
# COMPACT_ATOMS: atom_id res chain seq x y z
N SER A 5 -23.32 72.00 -13.85
CA SER A 5 -23.14 71.25 -15.13
C SER A 5 -23.25 69.74 -14.91
N LEU A 6 -24.48 69.25 -14.79
CA LEU A 6 -24.69 67.82 -14.58
C LEU A 6 -24.84 67.09 -15.91
N SER A 7 -26.07 66.83 -16.32
CA SER A 7 -26.35 66.13 -17.58
C SER A 7 -27.80 66.27 -18.02
N PRO A 8 -28.05 66.27 -19.34
CA PRO A 8 -29.39 66.39 -19.91
C PRO A 8 -30.32 65.26 -19.45
N ALA A 9 -29.98 64.04 -19.83
CA ALA A 9 -30.78 62.87 -19.46
C ALA A 9 -30.98 62.82 -17.95
N VAL A 10 -29.92 63.11 -17.21
CA VAL A 10 -30.00 63.11 -15.76
C VAL A 10 -30.99 64.19 -15.34
N GLN A 11 -30.93 65.32 -16.03
CA GLN A 11 -31.83 66.43 -15.73
C GLN A 11 -33.27 65.93 -15.77
N THR A 12 -33.62 65.24 -16.85
CA THR A 12 -34.96 64.70 -17.04
C THR A 12 -35.31 63.65 -15.96
N PHE A 13 -34.45 62.63 -15.83
CA PHE A 13 -34.68 61.58 -14.84
C PHE A 13 -34.97 62.13 -13.45
N TRP A 14 -34.28 63.21 -13.08
CA TRP A 14 -34.49 63.80 -11.77
C TRP A 14 -35.91 64.35 -11.70
N LYS A 15 -36.34 65.00 -12.77
CA LYS A 15 -37.68 65.56 -12.84
C LYS A 15 -38.73 64.46 -12.81
N TRP A 16 -38.59 63.48 -13.69
CA TRP A 16 -39.55 62.38 -13.75
C TRP A 16 -39.80 61.72 -12.40
N LEU A 17 -38.83 61.80 -11.49
CA LEU A 17 -38.99 61.20 -10.17
C LEU A 17 -39.73 62.13 -9.22
N GLN A 18 -39.83 63.40 -9.58
CA GLN A 18 -40.54 64.39 -8.78
C GLN A 18 -42.00 64.26 -9.19
N GLU A 19 -42.20 64.05 -10.50
CA GLU A 19 -43.53 63.88 -11.07
C GLU A 19 -43.96 62.41 -10.97
N GLU A 20 -43.83 61.85 -9.78
CA GLU A 20 -44.23 60.47 -9.51
C GLU A 20 -44.39 60.32 -8.01
N GLY A 21 -43.98 61.37 -7.29
CA GLY A 21 -44.09 61.39 -5.84
C GLY A 21 -42.99 60.61 -5.15
N VAL A 22 -41.86 60.43 -5.83
CA VAL A 22 -40.72 59.70 -5.27
C VAL A 22 -39.78 60.63 -4.53
N ILE A 23 -39.28 61.63 -5.24
CA ILE A 23 -38.39 62.62 -4.66
C ILE A 23 -39.22 63.79 -4.17
N THR A 24 -39.50 63.81 -2.87
CA THR A 24 -40.29 64.88 -2.27
C THR A 24 -39.41 66.12 -2.07
N ALA A 25 -39.86 67.04 -1.23
CA ALA A 25 -39.10 68.25 -0.95
C ALA A 25 -38.00 67.88 0.02
N LYS A 26 -38.28 66.86 0.85
CA LYS A 26 -37.32 66.38 1.83
C LYS A 26 -36.60 65.12 1.36
N THR A 27 -35.50 65.35 0.66
CA THR A 27 -34.65 64.28 0.13
C THR A 27 -33.26 64.88 0.18
N PRO A 28 -32.51 64.57 1.25
CA PRO A 28 -31.15 65.08 1.46
C PRO A 28 -30.19 64.41 0.49
N VAL A 29 -30.55 64.40 -0.79
CA VAL A 29 -29.70 63.74 -1.75
C VAL A 29 -30.01 64.06 -3.20
N LYS A 30 -29.05 64.66 -3.88
CA LYS A 30 -29.17 65.00 -5.29
C LYS A 30 -28.22 64.11 -6.09
N ALA A 31 -28.51 63.96 -7.37
CA ALA A 31 -27.65 63.15 -8.23
C ALA A 31 -26.49 63.99 -8.73
N SER A 32 -25.33 63.37 -8.85
CA SER A 32 -24.13 64.05 -9.34
C SER A 32 -23.18 63.07 -9.99
N VAL A 33 -22.23 63.61 -10.75
CA VAL A 33 -21.25 62.78 -11.44
C VAL A 33 -20.05 62.49 -10.55
N VAL A 34 -19.95 61.24 -10.10
CA VAL A 34 -18.87 60.81 -9.23
C VAL A 34 -17.89 59.92 -9.98
N THR A 35 -16.74 59.65 -9.35
CA THR A 35 -15.72 58.83 -9.97
C THR A 35 -16.31 57.51 -10.46
N GLU A 36 -17.24 56.95 -9.69
CA GLU A 36 -17.84 55.69 -10.06
C GLU A 36 -19.03 55.81 -11.01
N GLY A 37 -19.06 56.88 -11.81
CA GLY A 37 -20.13 57.09 -12.75
C GLY A 37 -21.15 58.12 -12.28
N LEU A 38 -22.28 57.64 -11.80
CA LEU A 38 -23.34 58.52 -11.28
C LEU A 38 -23.65 58.04 -9.87
N GLY A 39 -23.84 58.99 -8.96
CA GLY A 39 -24.12 58.60 -7.60
C GLY A 39 -25.03 59.59 -6.91
N LEU A 40 -25.29 59.33 -5.63
CA LEU A 40 -26.15 60.21 -4.87
C LEU A 40 -25.36 60.97 -3.82
N VAL A 41 -25.20 62.27 -4.05
CA VAL A 41 -24.47 63.14 -3.15
C VAL A 41 -25.42 63.84 -2.18
N ALA A 42 -25.18 63.67 -0.88
CA ALA A 42 -26.02 64.29 0.14
C ALA A 42 -26.25 65.78 -0.11
N LEU A 43 -27.52 66.18 -0.05
CA LEU A 43 -27.92 67.58 -0.25
C LEU A 43 -27.74 68.37 1.04
N LYS A 44 -27.44 67.65 2.10
CA LYS A 44 -27.20 68.23 3.41
C LYS A 44 -26.87 67.11 4.39
N ASP A 45 -26.46 67.48 5.60
CA ASP A 45 -26.11 66.49 6.60
C ASP A 45 -27.14 65.36 6.75
N ILE A 46 -26.65 64.13 6.65
CA ILE A 46 -27.49 62.95 6.79
C ILE A 46 -26.94 62.18 7.98
N SER A 47 -27.75 61.33 8.58
CA SER A 47 -27.27 60.57 9.73
C SER A 47 -27.51 59.07 9.51
N ARG A 48 -26.96 58.25 10.39
CA ARG A 48 -27.12 56.81 10.27
C ARG A 48 -28.61 56.45 10.27
N ASN A 49 -29.00 55.53 9.40
CA ASN A 49 -30.40 55.08 9.29
C ASN A 49 -31.39 56.11 8.75
N ASP A 50 -30.89 57.32 8.46
CA ASP A 50 -31.72 58.38 7.91
C ASP A 50 -32.22 57.93 6.54
N VAL A 51 -33.53 57.71 6.40
CA VAL A 51 -34.07 57.29 5.12
C VAL A 51 -33.65 58.28 4.03
N ILE A 52 -33.07 57.76 2.95
CA ILE A 52 -32.59 58.59 1.86
C ILE A 52 -33.64 58.79 0.78
N LEU A 53 -34.26 57.68 0.38
CA LEU A 53 -35.26 57.70 -0.66
C LEU A 53 -36.21 56.50 -0.55
N GLN A 54 -37.38 56.64 -1.17
CA GLN A 54 -38.39 55.57 -1.17
C GLN A 54 -39.03 55.50 -2.55
N VAL A 55 -39.27 54.29 -3.02
CA VAL A 55 -39.89 54.08 -4.32
C VAL A 55 -41.12 53.17 -4.19
N PRO A 56 -42.18 53.44 -4.97
CA PRO A 56 -43.43 52.66 -4.97
C PRO A 56 -43.30 51.38 -5.79
N LYS A 57 -43.87 50.28 -5.30
CA LYS A 57 -43.79 49.00 -6.02
C LYS A 57 -44.23 49.22 -7.47
N ARG A 58 -44.90 50.34 -7.69
CA ARG A 58 -45.40 50.73 -9.00
C ARG A 58 -44.21 50.81 -9.97
N LEU A 59 -43.03 51.09 -9.42
CA LEU A 59 -41.83 51.24 -10.23
C LEU A 59 -40.77 50.13 -10.17
N TRP A 60 -41.10 48.97 -9.58
CA TRP A 60 -40.16 47.85 -9.57
C TRP A 60 -40.10 47.32 -11.00
N ILE A 61 -39.24 46.32 -11.21
CA ILE A 61 -39.12 45.67 -12.51
C ILE A 61 -38.74 44.24 -12.16
N ASN A 62 -39.55 43.64 -11.29
CA ASN A 62 -39.33 42.27 -10.82
C ASN A 62 -40.19 41.26 -11.56
N PRO A 63 -40.01 39.96 -11.27
CA PRO A 63 -40.79 38.90 -11.93
C PRO A 63 -42.31 39.14 -11.86
N ASP A 64 -42.76 39.77 -10.78
CA ASP A 64 -44.19 40.06 -10.65
C ASP A 64 -44.56 41.08 -11.71
N ALA A 65 -43.63 41.99 -12.01
CA ALA A 65 -43.86 43.02 -13.02
C ALA A 65 -43.98 42.41 -14.41
N VAL A 66 -43.11 41.45 -14.72
CA VAL A 66 -43.12 40.78 -16.03
C VAL A 66 -44.34 39.86 -16.15
N ALA A 67 -44.79 39.33 -15.02
CA ALA A 67 -45.96 38.45 -15.01
C ALA A 67 -47.24 39.26 -15.22
N ALA A 68 -47.19 40.55 -14.86
CA ALA A 68 -48.32 41.45 -15.01
C ALA A 68 -48.24 42.24 -16.31
N SER A 69 -47.40 41.79 -17.23
CA SER A 69 -47.24 42.47 -18.52
C SER A 69 -47.70 41.57 -19.65
N GLU A 70 -47.66 42.09 -20.86
CA GLU A 70 -48.10 41.34 -22.04
C GLU A 70 -47.37 40.00 -22.24
N ILE A 71 -46.09 39.95 -21.90
CA ILE A 71 -45.31 38.73 -22.09
C ILE A 71 -45.33 37.74 -20.92
N GLY A 72 -45.97 38.13 -19.83
CA GLY A 72 -46.03 37.26 -18.67
C GLY A 72 -46.60 35.90 -19.00
N ARG A 73 -47.43 35.87 -20.04
CA ARG A 73 -48.06 34.64 -20.50
C ARG A 73 -47.00 33.66 -21.02
N VAL A 74 -46.27 34.11 -22.03
CA VAL A 74 -45.23 33.31 -22.67
C VAL A 74 -44.01 32.98 -21.78
N CYS A 75 -43.77 33.81 -20.76
CA CYS A 75 -42.64 33.61 -19.85
C CYS A 75 -43.00 32.82 -18.60
N SER A 76 -44.23 32.33 -18.54
CA SER A 76 -44.71 31.58 -17.37
C SER A 76 -43.80 30.44 -16.92
N GLU A 77 -43.07 29.80 -17.83
CA GLU A 77 -42.17 28.70 -17.43
C GLU A 77 -40.73 29.15 -17.21
N LEU A 78 -40.30 30.16 -17.97
CA LEU A 78 -38.94 30.68 -17.88
C LEU A 78 -38.53 31.02 -16.46
N LYS A 79 -37.25 30.78 -16.17
CA LYS A 79 -36.69 31.10 -14.87
C LYS A 79 -36.85 32.61 -14.70
N PRO A 80 -36.86 33.08 -13.44
CA PRO A 80 -37.01 34.50 -13.11
C PRO A 80 -36.13 35.52 -13.88
N TRP A 81 -34.81 35.27 -13.95
CA TRP A 81 -33.93 36.20 -14.64
C TRP A 81 -34.15 36.29 -16.14
N LEU A 82 -34.33 35.13 -16.77
CA LEU A 82 -34.60 35.06 -18.21
C LEU A 82 -35.83 35.91 -18.52
N SER A 83 -36.82 35.84 -17.62
CA SER A 83 -38.06 36.59 -17.77
C SER A 83 -37.86 38.09 -17.65
N VAL A 84 -36.98 38.49 -16.74
CA VAL A 84 -36.74 39.91 -16.54
C VAL A 84 -35.93 40.50 -17.69
N ILE A 85 -35.00 39.71 -18.21
CA ILE A 85 -34.16 40.14 -19.32
C ILE A 85 -35.06 40.50 -20.50
N LEU A 86 -35.87 39.53 -20.95
CA LEU A 86 -36.79 39.75 -22.08
C LEU A 86 -37.66 40.98 -21.82
N PHE A 87 -38.10 41.12 -20.57
CA PHE A 87 -38.92 42.24 -20.14
C PHE A 87 -38.13 43.53 -20.26
N LEU A 88 -36.87 43.47 -19.82
CA LEU A 88 -35.99 44.62 -19.86
C LEU A 88 -35.69 45.02 -21.30
N ILE A 89 -35.33 44.02 -22.10
CA ILE A 89 -35.02 44.24 -23.50
C ILE A 89 -36.23 44.88 -24.17
N ARG A 90 -37.37 44.23 -24.00
CA ARG A 90 -38.63 44.69 -24.59
C ARG A 90 -39.00 46.10 -24.12
N GLU A 91 -39.10 46.30 -22.81
CA GLU A 91 -39.45 47.61 -22.29
C GLU A 91 -38.50 48.65 -22.86
N ARG A 92 -37.25 48.26 -23.08
CA ARG A 92 -36.23 49.17 -23.59
C ARG A 92 -36.61 49.81 -24.93
N SER A 93 -37.19 49.01 -25.81
CA SER A 93 -37.59 49.47 -27.15
C SER A 93 -38.91 50.25 -27.19
N ARG A 94 -39.82 49.92 -26.27
CA ARG A 94 -41.12 50.58 -26.21
C ARG A 94 -41.03 52.10 -25.95
N GLU A 95 -41.49 52.87 -26.93
CA GLU A 95 -41.47 54.33 -26.83
C GLU A 95 -42.35 54.78 -25.66
N ASP A 96 -43.31 53.95 -25.28
CA ASP A 96 -44.25 54.26 -24.19
C ASP A 96 -43.95 53.49 -22.91
N SER A 97 -42.73 52.98 -22.81
CA SER A 97 -42.33 52.22 -21.63
C SER A 97 -42.36 53.12 -20.39
N VAL A 98 -42.74 52.54 -19.25
CA VAL A 98 -42.80 53.27 -18.00
C VAL A 98 -41.41 53.79 -17.61
N TRP A 99 -40.39 53.00 -17.94
CA TRP A 99 -39.01 53.34 -17.63
C TRP A 99 -38.29 53.99 -18.80
N LYS A 100 -39.05 54.77 -19.59
CA LYS A 100 -38.51 55.48 -20.74
C LYS A 100 -37.33 56.38 -20.36
N HIS A 101 -37.48 57.09 -19.24
CA HIS A 101 -36.47 58.02 -18.76
C HIS A 101 -35.41 57.34 -17.90
N TYR A 102 -35.81 56.25 -17.24
CA TYR A 102 -34.89 55.49 -16.42
C TYR A 102 -33.95 54.75 -17.37
N PHE A 103 -34.49 54.21 -18.45
CA PHE A 103 -33.66 53.51 -19.44
C PHE A 103 -32.75 54.55 -20.12
N GLY A 104 -33.18 55.82 -20.07
CA GLY A 104 -32.42 56.89 -20.67
C GLY A 104 -31.18 57.25 -19.88
N ILE A 105 -31.07 56.70 -18.67
CA ILE A 105 -29.94 56.96 -17.80
C ILE A 105 -28.97 55.76 -17.71
N LEU A 106 -29.53 54.56 -17.85
CA LEU A 106 -28.73 53.34 -17.78
C LEU A 106 -27.53 53.33 -18.72
N PRO A 107 -26.33 53.15 -18.17
CA PRO A 107 -25.10 53.12 -18.98
C PRO A 107 -25.25 51.91 -19.89
N GLN A 108 -24.84 52.04 -21.14
CA GLN A 108 -24.96 50.92 -22.07
C GLN A 108 -24.02 49.77 -21.73
N GLU A 109 -23.08 50.03 -20.81
CA GLU A 109 -22.11 49.03 -20.43
C GLU A 109 -21.43 49.31 -19.07
N THR A 110 -21.05 48.26 -18.36
CA THR A 110 -20.34 48.42 -17.10
C THR A 110 -18.97 47.79 -17.38
N ASP A 111 -18.13 47.63 -16.35
CA ASP A 111 -16.83 47.04 -16.60
C ASP A 111 -16.80 45.55 -16.31
N SER A 112 -17.98 44.96 -16.21
CA SER A 112 -18.08 43.53 -15.97
C SER A 112 -17.30 42.78 -17.03
N THR A 113 -16.71 41.65 -16.67
CA THR A 113 -15.94 40.89 -17.63
C THR A 113 -16.80 40.36 -18.78
N ILE A 114 -18.11 40.48 -18.67
CA ILE A 114 -18.98 39.99 -19.71
C ILE A 114 -18.94 40.88 -20.95
N TYR A 115 -18.45 42.10 -20.77
CA TYR A 115 -18.37 43.07 -21.86
C TYR A 115 -16.96 43.29 -22.38
N TRP A 116 -15.98 42.66 -21.75
CA TRP A 116 -14.60 42.82 -22.17
C TRP A 116 -14.32 42.32 -23.58
N SER A 117 -13.40 42.99 -24.26
CA SER A 117 -13.01 42.59 -25.60
C SER A 117 -12.08 41.39 -25.47
N GLU A 118 -11.76 40.76 -26.59
CA GLU A 118 -10.89 39.60 -26.54
C GLU A 118 -9.51 39.94 -25.98
N GLU A 119 -8.97 41.10 -26.36
CA GLU A 119 -7.67 41.51 -25.86
C GLU A 119 -7.80 41.68 -24.35
N GLU A 120 -8.80 42.47 -23.96
CA GLU A 120 -9.05 42.73 -22.55
C GLU A 120 -9.16 41.45 -21.75
N LEU A 121 -9.72 40.41 -22.35
CA LEU A 121 -9.86 39.14 -21.65
C LEU A 121 -8.56 38.36 -21.58
N GLN A 122 -7.62 38.65 -22.48
CA GLN A 122 -6.34 37.95 -22.47
C GLN A 122 -5.59 38.31 -21.20
N GLU A 123 -5.93 39.45 -20.65
CA GLU A 123 -5.31 39.94 -19.42
C GLU A 123 -5.69 39.06 -18.23
N LEU A 124 -6.73 38.24 -18.42
CA LEU A 124 -7.23 37.32 -17.39
C LEU A 124 -6.86 35.89 -17.73
N GLN A 125 -5.93 35.74 -18.66
CA GLN A 125 -5.48 34.43 -19.09
C GLN A 125 -5.13 33.51 -17.92
N GLY A 126 -5.73 32.32 -17.90
CA GLY A 126 -5.46 31.35 -16.85
C GLY A 126 -6.24 31.56 -15.58
N SER A 127 -6.83 32.73 -15.43
CA SER A 127 -7.60 33.05 -14.24
C SER A 127 -8.88 32.27 -14.17
N GLN A 128 -9.34 31.99 -12.95
CA GLN A 128 -10.60 31.29 -12.77
C GLN A 128 -11.69 32.26 -13.22
N LEU A 129 -11.50 33.54 -12.92
CA LEU A 129 -12.50 34.53 -13.31
C LEU A 129 -12.77 34.42 -14.80
N LEU A 130 -11.72 34.15 -15.57
CA LEU A 130 -11.91 34.02 -17.00
C LEU A 130 -12.78 32.79 -17.24
N LYS A 131 -12.32 31.63 -16.76
CA LYS A 131 -13.08 30.40 -16.93
C LYS A 131 -14.53 30.64 -16.54
N THR A 132 -14.75 31.33 -15.43
CA THR A 132 -16.09 31.61 -14.97
C THR A 132 -16.89 32.51 -15.91
N THR A 133 -16.32 33.63 -16.33
CA THR A 133 -17.03 34.56 -17.21
C THR A 133 -17.34 33.93 -18.56
N VAL A 134 -16.36 33.21 -19.12
CA VAL A 134 -16.52 32.52 -20.41
C VAL A 134 -17.75 31.64 -20.25
N SER A 135 -17.63 30.73 -19.29
CA SER A 135 -18.68 29.78 -18.92
C SER A 135 -20.03 30.47 -18.72
N VAL A 136 -20.04 31.65 -18.13
CA VAL A 136 -21.30 32.36 -17.90
C VAL A 136 -21.81 33.00 -19.16
N LYS A 137 -20.94 33.61 -19.95
CA LYS A 137 -21.38 34.24 -21.18
C LYS A 137 -22.02 33.20 -22.08
N GLU A 138 -21.38 32.04 -22.18
CA GLU A 138 -21.89 30.97 -23.02
C GLU A 138 -23.26 30.52 -22.56
N TYR A 139 -23.37 30.13 -21.29
CA TYR A 139 -24.65 29.69 -20.73
C TYR A 139 -25.74 30.73 -20.97
N VAL A 140 -25.46 31.99 -20.66
CA VAL A 140 -26.44 33.05 -20.87
C VAL A 140 -26.73 33.14 -22.36
N LYS A 141 -25.74 32.80 -23.18
CA LYS A 141 -25.89 32.86 -24.64
C LYS A 141 -26.89 31.80 -25.11
N ASN A 142 -26.59 30.54 -24.81
CA ASN A 142 -27.45 29.43 -25.21
C ASN A 142 -28.86 29.56 -24.62
N GLU A 143 -28.95 30.02 -23.38
CA GLU A 143 -30.24 30.20 -22.72
C GLU A 143 -31.04 31.33 -23.34
N CYS A 144 -30.36 32.19 -24.10
CA CYS A 144 -31.03 33.33 -24.72
C CYS A 144 -31.33 33.08 -26.19
N LEU A 145 -30.64 32.12 -26.77
CA LEU A 145 -30.86 31.73 -28.16
C LEU A 145 -32.03 30.75 -28.10
N LYS A 146 -32.17 30.14 -26.93
CA LYS A 146 -33.23 29.18 -26.65
C LYS A 146 -34.53 29.98 -26.43
N LEU A 147 -34.39 31.18 -25.88
CA LEU A 147 -35.53 32.07 -25.63
C LEU A 147 -35.92 32.71 -26.93
N GLU A 148 -34.93 32.90 -27.80
CA GLU A 148 -35.18 33.50 -29.10
C GLU A 148 -36.07 32.61 -29.96
N GLN A 149 -35.83 31.31 -29.87
CA GLN A 149 -36.58 30.32 -30.64
C GLN A 149 -37.85 29.75 -30.01
N GLU A 150 -37.96 29.88 -28.69
CA GLU A 150 -39.11 29.36 -27.98
C GLU A 150 -40.12 30.42 -27.57
N ILE A 151 -39.67 31.66 -27.39
CA ILE A 151 -40.57 32.73 -26.99
C ILE A 151 -40.51 33.97 -27.89
N ILE A 152 -39.30 34.39 -28.23
CA ILE A 152 -39.11 35.59 -29.04
C ILE A 152 -39.61 35.43 -30.47
N LEU A 153 -39.09 34.44 -31.19
CA LEU A 153 -39.48 34.21 -32.58
C LEU A 153 -40.95 33.79 -32.74
N PRO A 154 -41.39 32.78 -31.98
CA PRO A 154 -42.79 32.35 -32.09
C PRO A 154 -43.82 33.45 -31.76
N ASN A 155 -43.34 34.60 -31.27
CA ASN A 155 -44.24 35.70 -30.93
C ASN A 155 -43.79 37.03 -31.49
N LYS A 156 -43.40 37.04 -32.75
CA LYS A 156 -42.95 38.25 -33.44
C LYS A 156 -43.81 39.50 -33.17
N ARG A 157 -45.03 39.27 -32.68
CA ARG A 157 -45.93 40.38 -32.40
C ARG A 157 -45.47 41.12 -31.15
N LEU A 158 -45.26 40.37 -30.07
CA LEU A 158 -44.82 40.92 -28.78
C LEU A 158 -43.40 41.50 -28.82
N PHE A 159 -42.51 40.87 -29.59
CA PHE A 159 -41.13 41.32 -29.70
C PHE A 159 -40.90 41.88 -31.13
N PRO A 160 -41.34 43.14 -31.38
CA PRO A 160 -41.19 43.79 -32.68
C PRO A 160 -39.79 43.65 -33.29
N ASP A 161 -38.88 44.55 -32.88
CA ASP A 161 -37.51 44.58 -33.37
C ASP A 161 -36.74 43.29 -33.08
N PRO A 162 -35.62 43.07 -33.78
CA PRO A 162 -34.79 41.87 -33.58
C PRO A 162 -34.03 41.98 -32.26
N VAL A 163 -33.74 40.84 -31.64
CA VAL A 163 -33.00 40.83 -30.39
C VAL A 163 -31.66 40.13 -30.60
N THR A 164 -30.57 40.87 -30.39
CA THR A 164 -29.21 40.33 -30.55
C THR A 164 -28.59 39.98 -29.19
N LEU A 165 -27.46 39.30 -29.22
CA LEU A 165 -26.79 38.95 -27.99
C LEU A 165 -26.47 40.23 -27.22
N ASP A 166 -26.00 41.26 -27.92
CA ASP A 166 -25.66 42.51 -27.28
C ASP A 166 -26.85 43.06 -26.51
N ASP A 167 -28.04 42.61 -26.87
CA ASP A 167 -29.24 43.07 -26.20
C ASP A 167 -29.47 42.25 -24.93
N PHE A 168 -29.27 40.94 -25.05
CA PHE A 168 -29.40 40.05 -23.91
C PHE A 168 -28.38 40.44 -22.83
N PHE A 169 -27.09 40.40 -23.20
CA PHE A 169 -26.01 40.75 -22.29
C PHE A 169 -26.18 42.11 -21.64
N TRP A 170 -26.73 43.06 -22.40
CA TRP A 170 -26.98 44.39 -21.87
C TRP A 170 -27.92 44.24 -20.67
N ALA A 171 -28.96 43.44 -20.87
CA ALA A 171 -29.98 43.20 -19.84
C ALA A 171 -29.42 42.34 -18.72
N PHE A 172 -28.79 41.23 -19.06
CA PHE A 172 -28.21 40.34 -18.05
C PHE A 172 -27.29 41.15 -17.16
N GLY A 173 -26.72 42.22 -17.73
CA GLY A 173 -25.81 43.07 -16.97
C GLY A 173 -26.58 44.01 -16.07
N ILE A 174 -27.42 44.84 -16.66
CA ILE A 174 -28.22 45.80 -15.90
C ILE A 174 -28.90 45.09 -14.74
N LEU A 175 -29.29 43.85 -14.97
CA LEU A 175 -29.97 43.09 -13.95
C LEU A 175 -29.00 42.74 -12.81
N ARG A 176 -27.92 42.05 -13.15
CA ARG A 176 -26.92 41.59 -12.18
C ARG A 176 -26.07 42.67 -11.48
N SER A 177 -26.11 43.91 -11.97
CA SER A 177 -25.32 44.96 -11.33
C SER A 177 -26.18 45.97 -10.60
N ARG A 178 -27.50 45.87 -10.74
CA ARG A 178 -28.40 46.82 -10.11
C ARG A 178 -29.52 46.25 -9.26
N ALA A 179 -29.90 45.00 -9.50
CA ALA A 179 -31.00 44.37 -8.76
C ALA A 179 -30.75 44.16 -7.27
N PHE A 180 -31.73 44.58 -6.46
CA PHE A 180 -31.63 44.40 -5.02
C PHE A 180 -32.34 43.08 -4.69
N SER A 181 -31.55 42.06 -4.36
CA SER A 181 -32.11 40.75 -4.04
C SER A 181 -32.19 40.47 -2.55
N ARG A 182 -31.29 41.07 -1.77
CA ARG A 182 -31.26 40.85 -0.33
C ARG A 182 -32.60 41.24 0.28
N LEU A 183 -33.54 41.65 -0.59
CA LEU A 183 -34.88 42.03 -0.17
C LEU A 183 -35.65 40.76 0.19
N ARG A 184 -36.56 40.87 1.16
CA ARG A 184 -37.35 39.72 1.62
C ARG A 184 -38.62 39.50 0.80
N ASN A 185 -38.73 38.29 0.22
CA ASN A 185 -39.87 37.86 -0.59
C ASN A 185 -39.86 38.40 -2.02
N GLU A 186 -38.79 39.15 -2.32
CA GLU A 186 -38.56 39.72 -3.64
C GLU A 186 -37.05 39.55 -3.82
N ASN A 187 -36.63 38.50 -4.53
CA ASN A 187 -35.19 38.25 -4.70
C ASN A 187 -34.60 38.71 -6.05
N LEU A 188 -35.21 39.75 -6.61
CA LEU A 188 -34.79 40.32 -7.87
C LEU A 188 -35.64 41.53 -8.13
N VAL A 189 -35.19 42.69 -7.68
CA VAL A 189 -35.94 43.93 -7.86
C VAL A 189 -35.06 45.04 -8.39
N VAL A 190 -35.57 45.77 -9.36
CA VAL A 190 -34.84 46.88 -9.96
C VAL A 190 -35.55 48.16 -9.56
N VAL A 191 -34.90 48.95 -8.71
CA VAL A 191 -35.47 50.20 -8.23
C VAL A 191 -34.72 51.41 -8.77
N PRO A 192 -35.28 52.06 -9.80
CA PRO A 192 -34.73 53.24 -10.47
C PRO A 192 -34.00 54.30 -9.64
N MET A 193 -34.56 54.68 -8.50
CA MET A 193 -33.94 55.69 -7.66
C MET A 193 -32.72 55.19 -6.90
N ALA A 194 -32.91 54.20 -6.03
CA ALA A 194 -31.83 53.63 -5.22
C ALA A 194 -30.82 52.89 -6.09
N ASP A 195 -31.04 52.96 -7.39
CA ASP A 195 -30.20 52.31 -8.38
C ASP A 195 -28.93 53.10 -8.62
N LEU A 196 -28.84 54.27 -8.00
CA LEU A 196 -27.69 55.14 -8.17
C LEU A 196 -26.73 55.16 -6.99
N ILE A 197 -27.10 54.54 -5.88
CA ILE A 197 -26.22 54.53 -4.74
C ILE A 197 -25.10 53.54 -5.01
N ASN A 198 -23.87 54.04 -4.99
CA ASN A 198 -22.71 53.22 -5.27
C ASN A 198 -22.19 52.46 -4.05
N HIS A 199 -21.23 51.56 -4.30
CA HIS A 199 -20.64 50.72 -3.26
C HIS A 199 -19.41 51.35 -2.61
N SER A 200 -19.18 50.99 -1.35
CA SER A 200 -18.06 51.49 -0.60
C SER A 200 -17.61 50.53 0.48
N ALA A 201 -16.30 50.23 0.54
CA ALA A 201 -15.80 49.31 1.53
C ALA A 201 -16.00 49.95 2.91
N GLY A 202 -16.38 51.22 2.90
CA GLY A 202 -16.60 51.95 4.15
C GLY A 202 -17.81 51.41 4.89
N VAL A 203 -18.80 50.94 4.14
CA VAL A 203 -19.98 50.39 4.78
C VAL A 203 -19.67 48.95 5.14
N THR A 204 -19.82 48.61 6.43
CA THR A 204 -19.51 47.27 6.87
C THR A 204 -20.64 46.59 7.65
N THR A 205 -21.79 47.26 7.75
CA THR A 205 -22.92 46.69 8.47
C THR A 205 -23.71 45.77 7.56
N GLU A 206 -24.02 46.31 6.40
CA GLU A 206 -24.77 45.62 5.37
C GLU A 206 -26.15 45.16 5.83
N ASP A 207 -26.56 44.01 5.32
CA ASP A 207 -27.87 43.45 5.62
C ASP A 207 -28.93 44.52 5.33
N HIS A 208 -29.21 44.62 4.03
CA HIS A 208 -30.18 45.51 3.44
C HIS A 208 -30.44 46.86 4.11
N ALA A 209 -29.72 47.85 3.62
CA ALA A 209 -29.83 49.21 4.09
C ALA A 209 -31.20 49.63 3.53
N TYR A 210 -31.76 48.75 2.70
CA TYR A 210 -33.07 48.97 2.07
C TYR A 210 -34.10 47.98 2.61
N GLU A 211 -35.36 48.38 2.60
CA GLU A 211 -36.43 47.54 3.13
C GLU A 211 -37.78 47.71 2.43
N VAL A 212 -38.52 46.60 2.30
CA VAL A 212 -39.84 46.62 1.66
C VAL A 212 -40.88 47.22 2.63
N LYS A 213 -41.34 48.43 2.33
CA LYS A 213 -42.33 49.08 3.17
C LYS A 213 -43.02 50.22 2.43
N ASP A 222 -50.08 51.88 -1.96
CA ASP A 222 -48.66 51.95 -2.30
C ASP A 222 -47.92 50.80 -1.59
N TYR A 223 -46.60 50.83 -1.76
CA TYR A 223 -45.61 49.94 -1.18
C TYR A 223 -44.44 50.91 -1.28
N LEU A 224 -43.32 50.57 -0.67
CA LEU A 224 -42.20 51.46 -0.78
C LEU A 224 -40.91 50.68 -0.67
N PHE A 225 -39.86 51.36 -1.11
CA PHE A 225 -38.53 50.81 -1.08
C PHE A 225 -37.81 51.85 -0.23
N SER A 226 -38.00 51.74 1.08
CA SER A 226 -37.39 52.66 2.01
C SER A 226 -35.95 52.20 2.12
N LEU A 227 -35.05 53.10 1.72
CA LEU A 227 -33.63 52.82 1.77
C LEU A 227 -33.02 53.81 2.73
N LYS A 228 -32.48 53.29 3.83
CA LYS A 228 -31.87 54.13 4.85
C LYS A 228 -30.34 54.13 4.78
N SER A 229 -29.74 55.32 4.78
CA SER A 229 -28.30 55.46 4.71
C SER A 229 -27.61 54.82 5.89
N PRO A 230 -26.71 53.86 5.63
CA PRO A 230 -25.99 53.17 6.70
C PRO A 230 -24.90 54.00 7.38
N LEU A 231 -24.48 55.08 6.73
CA LEU A 231 -23.42 55.91 7.30
C LEU A 231 -23.77 57.39 7.39
N SER A 232 -23.19 58.04 8.38
CA SER A 232 -23.39 59.47 8.59
C SER A 232 -22.63 60.18 7.47
N VAL A 233 -23.34 60.84 6.58
CA VAL A 233 -22.71 61.55 5.48
C VAL A 233 -22.87 63.07 5.57
N LYS A 234 -21.77 63.78 5.66
CA LYS A 234 -21.82 65.24 5.74
C LYS A 234 -22.21 65.80 4.37
N ALA A 235 -22.72 67.03 4.38
CA ALA A 235 -23.18 67.71 3.17
C ALA A 235 -22.17 67.81 2.03
N GLY A 236 -22.53 67.26 0.88
CA GLY A 236 -21.65 67.30 -0.27
C GLY A 236 -20.96 65.98 -0.56
N GLU A 237 -21.00 65.07 0.42
CA GLU A 237 -20.36 63.78 0.26
C GLU A 237 -21.32 62.73 -0.27
N GLN A 238 -20.79 61.81 -1.07
CA GLN A 238 -21.60 60.75 -1.66
C GLN A 238 -22.10 59.75 -0.64
N VAL A 239 -23.31 59.24 -0.86
CA VAL A 239 -23.91 58.26 0.03
C VAL A 239 -23.58 56.89 -0.55
N TYR A 240 -23.14 55.97 0.29
CA TYR A 240 -22.80 54.65 -0.18
C TYR A 240 -23.50 53.56 0.60
N ILE A 241 -23.26 52.33 0.18
CA ILE A 241 -23.79 51.14 0.83
C ILE A 241 -22.92 49.96 0.46
N GLN A 242 -23.03 48.91 1.26
CA GLN A 242 -22.25 47.70 1.03
C GLN A 242 -23.03 46.80 0.08
N TYR A 243 -22.46 46.54 -1.09
CA TYR A 243 -23.14 45.67 -2.05
C TYR A 243 -23.17 44.24 -1.55
N ASP A 244 -22.05 43.71 -1.09
CA ASP A 244 -22.04 42.34 -0.59
C ASP A 244 -20.77 41.99 0.14
N LEU A 245 -20.88 41.80 1.45
CA LEU A 245 -19.74 41.47 2.28
C LEU A 245 -19.12 40.13 1.92
N ASN A 246 -19.93 39.20 1.44
CA ASN A 246 -19.41 37.88 1.14
C ASN A 246 -18.83 37.62 -0.24
N LYS A 247 -19.28 38.34 -1.25
CA LYS A 247 -18.76 38.10 -2.59
C LYS A 247 -17.23 38.20 -2.65
N SER A 248 -16.64 37.45 -3.55
CA SER A 248 -15.20 37.46 -3.72
C SER A 248 -14.94 38.60 -4.68
N ASN A 249 -13.66 38.87 -4.95
CA ASN A 249 -13.34 39.94 -5.88
C ASN A 249 -13.70 39.50 -7.29
N ALA A 250 -13.58 38.19 -7.52
CA ALA A 250 -13.92 37.59 -8.81
C ALA A 250 -15.41 37.80 -9.05
N GLU A 251 -16.19 37.74 -7.97
CA GLU A 251 -17.63 37.92 -8.05
C GLU A 251 -18.00 39.38 -8.23
N LEU A 252 -17.32 40.26 -7.51
CA LEU A 252 -17.61 41.68 -7.64
C LEU A 252 -17.26 42.09 -9.05
N ALA A 253 -16.19 41.50 -9.59
CA ALA A 253 -15.74 41.81 -10.95
C ALA A 253 -16.80 41.48 -11.97
N LEU A 254 -17.39 40.30 -11.86
CA LEU A 254 -18.41 39.88 -12.81
C LEU A 254 -19.77 40.54 -12.57
N ASP A 255 -20.17 40.63 -11.30
CA ASP A 255 -21.46 41.23 -10.97
C ASP A 255 -21.53 42.74 -11.19
N TYR A 256 -20.45 43.46 -10.89
CA TYR A 256 -20.40 44.91 -11.12
C TYR A 256 -19.06 45.15 -11.78
N GLY A 257 -18.80 46.36 -12.23
CA GLY A 257 -17.51 46.55 -12.88
C GLY A 257 -16.36 46.94 -11.98
N PHE A 258 -16.26 46.35 -10.78
CA PHE A 258 -15.19 46.72 -9.85
C PHE A 258 -14.73 45.63 -8.89
N ILE A 259 -13.59 45.86 -8.24
CA ILE A 259 -13.05 44.94 -7.25
C ILE A 259 -12.46 45.81 -6.15
N GLU A 260 -12.15 45.21 -5.00
CA GLU A 260 -11.58 45.94 -3.88
C GLU A 260 -10.11 45.58 -3.68
N PRO A 261 -9.32 46.50 -3.12
CA PRO A 261 -7.90 46.26 -2.88
C PRO A 261 -7.73 45.23 -1.78
N ASN A 262 -8.75 45.12 -0.93
CA ASN A 262 -8.71 44.19 0.19
C ASN A 262 -8.41 42.75 -0.20
N GLU A 263 -7.24 42.27 0.20
CA GLU A 263 -6.83 40.92 -0.13
C GLU A 263 -7.75 39.86 0.46
N ASN A 264 -8.55 40.23 1.46
CA ASN A 264 -9.45 39.26 2.08
C ASN A 264 -10.63 38.90 1.20
N ARG A 265 -10.76 39.62 0.08
CA ARG A 265 -11.83 39.38 -0.89
C ARG A 265 -11.36 38.35 -1.94
N HIS A 266 -10.06 38.16 -2.03
CA HIS A 266 -9.50 37.23 -3.00
C HIS A 266 -9.88 35.81 -2.66
N ALA A 267 -10.46 35.12 -3.63
CA ALA A 267 -10.84 33.74 -3.41
C ALA A 267 -10.64 32.93 -4.69
N TYR A 268 -10.52 31.62 -4.50
CA TYR A 268 -10.36 30.69 -5.60
C TYR A 268 -11.15 29.49 -5.17
N THR A 269 -12.14 29.10 -5.97
CA THR A 269 -12.95 27.96 -5.59
C THR A 269 -12.51 26.65 -6.24
N LEU A 270 -12.28 25.64 -5.41
CA LEU A 270 -11.87 24.33 -5.84
C LEU A 270 -13.11 23.50 -6.08
N THR A 271 -13.08 22.67 -7.11
CA THR A 271 -14.22 21.83 -7.37
C THR A 271 -13.84 20.37 -7.25
N LEU A 272 -14.43 19.68 -6.28
CA LEU A 272 -14.14 18.28 -6.06
C LEU A 272 -15.32 17.44 -6.50
N GLU A 273 -15.06 16.20 -6.88
CA GLU A 273 -16.13 15.32 -7.29
C GLU A 273 -15.72 13.87 -7.16
N ILE A 274 -16.69 13.02 -6.86
CA ILE A 274 -16.46 11.61 -6.74
C ILE A 274 -16.69 11.06 -8.13
N SER A 275 -15.63 10.90 -8.91
CA SER A 275 -15.76 10.43 -10.29
C SER A 275 -16.52 9.12 -10.38
N GLU A 276 -17.26 8.95 -11.47
CA GLU A 276 -18.02 7.71 -11.63
C GLU A 276 -17.10 6.58 -12.06
N SER A 277 -15.90 6.92 -12.52
CA SER A 277 -14.92 5.92 -12.94
C SER A 277 -14.25 5.29 -11.72
N ASP A 278 -14.54 5.87 -10.55
CA ASP A 278 -13.98 5.38 -9.30
C ASP A 278 -14.64 4.05 -8.99
N PRO A 279 -13.84 3.01 -8.74
CA PRO A 279 -14.38 1.68 -8.43
C PRO A 279 -15.29 1.60 -7.22
N PHE A 280 -15.29 2.61 -6.36
CA PHE A 280 -16.15 2.59 -5.19
C PHE A 280 -17.15 3.72 -5.22
N PHE A 281 -17.39 4.22 -6.42
CA PHE A 281 -18.30 5.34 -6.60
C PHE A 281 -19.51 5.29 -5.71
N ASP A 282 -20.34 4.27 -5.91
CA ASP A 282 -21.58 4.13 -5.15
C ASP A 282 -21.48 4.29 -3.66
N ASP A 283 -20.46 3.67 -3.06
CA ASP A 283 -20.28 3.77 -1.62
C ASP A 283 -19.81 5.16 -1.21
N LYS A 284 -18.82 5.67 -1.93
CA LYS A 284 -18.32 7.00 -1.63
C LYS A 284 -19.44 8.01 -1.77
N LEU A 285 -20.13 8.00 -2.91
CA LEU A 285 -21.22 8.95 -3.12
C LEU A 285 -22.19 8.84 -1.98
N ASP A 286 -22.40 7.61 -1.51
CA ASP A 286 -23.32 7.36 -0.42
C ASP A 286 -22.89 8.12 0.83
N VAL A 287 -21.60 8.02 1.16
CA VAL A 287 -21.05 8.70 2.33
C VAL A 287 -21.09 10.21 2.19
N ALA A 288 -20.74 10.71 1.02
CA ALA A 288 -20.75 12.14 0.77
C ALA A 288 -22.15 12.73 1.02
N GLU A 289 -23.17 12.14 0.41
CA GLU A 289 -24.54 12.64 0.56
C GLU A 289 -25.04 12.47 1.98
N SER A 290 -24.66 11.37 2.63
CA SER A 290 -25.10 11.14 3.99
C SER A 290 -24.58 12.25 4.88
N ASN A 291 -23.67 13.05 4.36
CA ASN A 291 -23.08 14.13 5.15
C ASN A 291 -23.15 15.48 4.46
N GLY A 292 -24.17 15.68 3.62
CA GLY A 292 -24.33 16.97 2.98
C GLY A 292 -23.53 17.31 1.74
N PHE A 293 -22.87 16.34 1.13
CA PHE A 293 -22.11 16.67 -0.06
C PHE A 293 -22.56 15.87 -1.25
N ALA A 294 -22.60 16.51 -2.41
CA ALA A 294 -23.04 15.84 -3.63
C ALA A 294 -21.87 15.20 -4.34
N GLN A 295 -22.17 14.63 -5.51
CA GLN A 295 -21.20 13.97 -6.37
C GLN A 295 -20.15 15.00 -6.77
N THR A 296 -20.59 16.23 -6.95
CA THR A 296 -19.70 17.34 -7.28
C THR A 296 -19.87 18.37 -6.17
N ALA A 297 -18.77 18.91 -5.65
CA ALA A 297 -18.87 19.89 -4.59
C ALA A 297 -17.90 21.03 -4.80
N TYR A 298 -18.35 22.26 -4.57
CA TYR A 298 -17.47 23.41 -4.73
C TYR A 298 -17.08 23.99 -3.39
N PHE A 299 -15.77 24.13 -3.18
CA PHE A 299 -15.26 24.69 -1.93
C PHE A 299 -14.56 26.00 -2.22
N ASP A 300 -15.10 27.09 -1.67
CA ASP A 300 -14.52 28.42 -1.87
C ASP A 300 -13.37 28.68 -0.92
N ILE A 301 -12.20 28.97 -1.46
CA ILE A 301 -11.03 29.21 -0.65
C ILE A 301 -10.63 30.67 -0.70
N PHE A 302 -10.75 31.34 0.46
CA PHE A 302 -10.41 32.74 0.59
C PHE A 302 -9.02 32.99 1.15
N TYR A 303 -8.43 34.11 0.76
CA TYR A 303 -7.10 34.46 1.24
C TYR A 303 -7.15 34.66 2.74
N ASN A 304 -6.12 34.13 3.41
CA ASN A 304 -5.98 34.20 4.86
C ASN A 304 -7.07 33.54 5.71
N ARG A 305 -7.97 32.78 5.08
CA ARG A 305 -8.99 32.07 5.85
C ARG A 305 -8.61 30.60 5.98
N THR A 306 -9.16 29.93 6.99
CA THR A 306 -8.84 28.52 7.18
C THR A 306 -9.63 27.74 6.16
N LEU A 307 -9.06 26.62 5.72
CA LEU A 307 -9.71 25.79 4.73
C LEU A 307 -11.14 25.48 5.14
N PRO A 308 -12.06 25.49 4.18
CA PRO A 308 -13.47 25.21 4.46
C PRO A 308 -13.63 23.85 5.12
N PRO A 309 -14.54 23.75 6.09
CA PRO A 309 -14.76 22.46 6.77
C PRO A 309 -15.23 21.51 5.68
N GLY A 310 -14.84 20.24 5.76
CA GLY A 310 -15.30 19.35 4.72
C GLY A 310 -14.40 19.19 3.52
N LEU A 311 -13.60 20.19 3.19
CA LEU A 311 -12.70 20.08 2.05
C LEU A 311 -11.75 18.91 2.28
N LEU A 312 -11.16 18.84 3.46
CA LEU A 312 -10.25 17.76 3.73
C LEU A 312 -10.93 16.41 3.73
N PRO A 313 -11.98 16.23 4.54
CA PRO A 313 -12.64 14.92 4.50
C PRO A 313 -13.08 14.50 3.11
N TYR A 314 -13.65 15.43 2.35
CA TYR A 314 -14.10 15.12 1.00
C TYR A 314 -12.92 14.71 0.12
N LEU A 315 -11.78 15.39 0.28
CA LEU A 315 -10.57 15.07 -0.46
C LEU A 315 -10.10 13.67 -0.07
N ARG A 316 -10.17 13.35 1.22
CA ARG A 316 -9.76 12.04 1.67
C ARG A 316 -10.69 10.98 1.12
N LEU A 317 -11.96 11.32 0.96
CA LEU A 317 -12.95 10.39 0.40
C LEU A 317 -12.64 10.17 -1.09
N VAL A 318 -12.42 11.27 -1.80
CA VAL A 318 -12.12 11.21 -3.21
C VAL A 318 -10.88 10.36 -3.49
N ALA A 319 -9.89 10.43 -2.61
CA ALA A 319 -8.67 9.65 -2.83
C ALA A 319 -8.63 8.35 -2.04
N LEU A 320 -9.77 7.88 -1.55
CA LEU A 320 -9.78 6.68 -0.71
C LEU A 320 -8.94 5.49 -1.17
N GLY A 321 -9.34 4.79 -2.22
CA GLY A 321 -8.52 3.68 -2.67
C GLY A 321 -8.72 2.34 -1.97
N GLY A 322 -8.50 1.27 -2.72
CA GLY A 322 -8.66 -0.09 -2.23
C GLY A 322 -8.12 -0.43 -0.86
N THR A 323 -6.93 0.06 -0.54
CA THR A 323 -6.33 -0.22 0.76
C THR A 323 -7.21 0.11 1.95
N ASP A 324 -7.86 1.28 1.91
CA ASP A 324 -8.71 1.72 3.01
C ASP A 324 -10.20 1.61 2.69
N ALA A 325 -10.50 0.84 1.66
CA ALA A 325 -11.89 0.65 1.22
C ALA A 325 -12.80 0.08 2.30
N PHE A 326 -12.21 -0.56 3.30
CA PHE A 326 -12.99 -1.16 4.38
C PHE A 326 -13.81 -0.12 5.16
N LEU A 327 -13.37 1.13 5.11
CA LEU A 327 -14.06 2.20 5.82
C LEU A 327 -15.42 2.52 5.20
N LEU A 328 -15.65 2.03 3.98
CA LEU A 328 -16.92 2.29 3.32
C LEU A 328 -17.98 1.31 3.77
N GLU A 329 -17.57 0.23 4.41
CA GLU A 329 -18.49 -0.80 4.89
C GLU A 329 -19.56 -0.25 5.82
N SER A 330 -20.63 -1.02 5.97
CA SER A 330 -21.77 -0.65 6.82
C SER A 330 -21.33 -0.39 8.25
N LEU A 331 -20.33 -1.14 8.69
CA LEU A 331 -19.80 -1.01 10.04
C LEU A 331 -19.49 0.44 10.40
N PHE A 332 -19.00 1.20 9.43
CA PHE A 332 -18.63 2.58 9.67
C PHE A 332 -19.58 3.63 9.13
N ARG A 333 -20.65 3.22 8.47
CA ARG A 333 -21.56 4.21 7.91
C ARG A 333 -22.15 5.15 8.96
N ASP A 334 -21.53 5.23 10.13
CA ASP A 334 -22.00 6.09 11.19
C ASP A 334 -20.86 6.91 11.78
N THR A 335 -19.64 6.46 11.51
CA THR A 335 -18.45 7.13 12.02
C THR A 335 -17.47 7.48 10.91
N ILE A 336 -17.76 6.97 9.71
CA ILE A 336 -16.91 7.18 8.54
C ILE A 336 -16.56 8.64 8.30
N TRP A 337 -17.50 9.56 8.50
CA TRP A 337 -17.17 10.95 8.26
C TRP A 337 -16.26 11.48 9.35
N GLY A 338 -16.43 10.95 10.57
CA GLY A 338 -15.61 11.37 11.68
C GLY A 338 -14.18 10.94 11.42
N HIS A 339 -14.03 9.76 10.82
CA HIS A 339 -12.72 9.25 10.48
C HIS A 339 -12.14 10.07 9.32
N LEU A 340 -12.96 10.38 8.32
CA LEU A 340 -12.49 11.17 7.18
C LEU A 340 -12.05 12.51 7.71
N GLU A 341 -12.83 13.04 8.64
CA GLU A 341 -12.54 14.32 9.25
C GLU A 341 -11.19 14.25 9.97
N LEU A 342 -10.96 13.16 10.72
CA LEU A 342 -9.69 12.99 11.44
C LEU A 342 -8.56 12.69 10.46
N SER A 343 -8.62 11.56 9.76
CA SER A 343 -7.62 11.19 8.75
C SER A 343 -7.70 9.69 8.52
N VAL A 344 -7.43 9.27 7.29
CA VAL A 344 -7.51 7.86 6.94
C VAL A 344 -6.20 7.09 7.03
N SER A 345 -5.19 7.52 6.27
CA SER A 345 -3.89 6.86 6.27
C SER A 345 -2.85 7.70 5.54
N ARG A 346 -1.59 7.53 5.92
CA ARG A 346 -0.52 8.28 5.30
C ARG A 346 -0.57 8.17 3.78
N ASP A 347 -0.84 6.98 3.26
CA ASP A 347 -0.90 6.83 1.82
C ASP A 347 -1.99 7.72 1.23
N ASN A 348 -3.16 7.72 1.87
CA ASN A 348 -4.30 8.52 1.42
C ASN A 348 -4.02 10.02 1.54
N GLU A 349 -3.45 10.44 2.68
CA GLU A 349 -3.13 11.84 2.91
C GLU A 349 -2.09 12.32 1.90
N GLU A 350 -1.04 11.54 1.73
CA GLU A 350 0.01 11.89 0.79
C GLU A 350 -0.52 12.07 -0.61
N LEU A 351 -1.42 11.18 -1.03
CA LEU A 351 -2.01 11.21 -2.36
C LEU A 351 -2.76 12.51 -2.63
N LEU A 352 -3.74 12.80 -1.77
CA LEU A 352 -4.55 14.00 -1.92
C LEU A 352 -3.67 15.25 -1.92
N CYS A 353 -2.63 15.23 -1.10
CA CYS A 353 -1.72 16.36 -1.03
C CYS A 353 -1.04 16.62 -2.37
N LYS A 354 -0.59 15.55 -3.03
CA LYS A 354 0.07 15.76 -4.30
C LYS A 354 -0.93 16.23 -5.35
N ALA A 355 -2.13 15.66 -5.30
CA ALA A 355 -3.18 16.04 -6.22
C ALA A 355 -3.49 17.54 -6.11
N VAL A 356 -3.69 18.00 -4.87
CA VAL A 356 -4.00 19.41 -4.66
C VAL A 356 -2.81 20.27 -5.07
N ARG A 357 -1.62 19.87 -4.64
CA ARG A 357 -0.44 20.64 -4.97
C ARG A 357 -0.16 20.70 -6.47
N GLU A 358 -0.28 19.57 -7.15
CA GLU A 358 -0.01 19.55 -8.58
C GLU A 358 -1.00 20.43 -9.32
N ALA A 359 -2.25 20.45 -8.85
CA ALA A 359 -3.28 21.27 -9.48
C ALA A 359 -2.97 22.75 -9.33
N CYS A 360 -2.45 23.13 -8.17
CA CYS A 360 -2.09 24.54 -7.95
C CYS A 360 -0.96 24.93 -8.89
N LYS A 361 0.11 24.13 -8.89
CA LYS A 361 1.26 24.41 -9.74
C LYS A 361 0.79 24.48 -11.18
N SER A 362 0.01 23.48 -11.58
CA SER A 362 -0.49 23.45 -12.94
C SER A 362 -1.28 24.72 -13.20
N ALA A 363 -2.18 25.06 -12.29
CA ALA A 363 -3.01 26.26 -12.46
C ALA A 363 -2.18 27.54 -12.52
N LEU A 364 -1.24 27.67 -11.60
CA LEU A 364 -0.41 28.86 -11.57
C LEU A 364 0.36 29.05 -12.89
N ALA A 365 0.84 27.97 -13.47
CA ALA A 365 1.58 28.09 -14.72
C ALA A 365 0.70 28.57 -15.87
N GLY A 366 -0.60 28.58 -15.65
CA GLY A 366 -1.52 29.01 -16.69
C GLY A 366 -1.58 30.50 -16.91
N TYR A 367 -1.20 31.27 -15.89
CA TYR A 367 -1.22 32.73 -16.01
C TYR A 367 -0.04 33.22 -16.85
N HIS A 368 -0.17 34.41 -17.42
CA HIS A 368 0.89 34.95 -18.28
C HIS A 368 1.77 36.02 -17.65
N THR A 369 1.55 36.31 -16.37
CA THR A 369 2.35 37.32 -15.65
C THR A 369 2.67 36.82 -14.26
N THR A 370 3.80 37.27 -13.72
CA THR A 370 4.22 36.88 -12.38
C THR A 370 3.51 37.80 -11.40
N ILE A 371 3.45 37.43 -10.13
CA ILE A 371 2.81 38.29 -9.15
C ILE A 371 3.56 39.63 -9.05
N GLU A 372 4.86 39.59 -9.31
CA GLU A 372 5.71 40.79 -9.25
C GLU A 372 5.33 41.77 -10.33
N GLN A 373 4.99 41.26 -11.51
CA GLN A 373 4.61 42.11 -12.63
C GLN A 373 3.25 42.74 -12.39
N ASP A 374 2.35 41.99 -11.77
CA ASP A 374 1.02 42.47 -11.49
C ASP A 374 1.10 43.58 -10.46
N ARG A 375 1.90 43.37 -9.43
CA ARG A 375 2.04 44.36 -8.38
C ARG A 375 2.78 45.59 -8.88
N GLU A 376 3.67 45.42 -9.84
CA GLU A 376 4.37 46.57 -10.34
C GLU A 376 3.39 47.40 -11.14
N LEU A 377 2.54 46.70 -11.89
CA LEU A 377 1.56 47.38 -12.70
C LEU A 377 0.58 48.13 -11.82
N LYS A 378 0.18 47.54 -10.70
CA LYS A 378 -0.76 48.20 -9.78
C LYS A 378 -0.19 49.48 -9.24
N GLU A 379 1.12 49.64 -9.40
CA GLU A 379 1.83 50.80 -8.90
C GLU A 379 1.79 51.97 -9.87
N GLY A 380 1.19 51.75 -11.03
CA GLY A 380 1.03 52.81 -12.02
C GLY A 380 -0.46 53.08 -12.14
N ASN A 381 -0.87 53.71 -13.25
CA ASN A 381 -2.28 54.00 -13.47
C ASN A 381 -2.82 53.05 -14.52
N LEU A 382 -3.83 52.27 -14.13
CA LEU A 382 -4.42 51.29 -15.03
C LEU A 382 -5.86 51.63 -15.34
N ASP A 383 -6.28 51.39 -16.58
CA ASP A 383 -7.67 51.65 -16.95
C ASP A 383 -8.54 50.69 -16.15
N SER A 384 -9.79 51.08 -15.91
CA SER A 384 -10.71 50.27 -15.14
C SER A 384 -10.61 48.76 -15.37
N ARG A 385 -10.73 48.33 -16.62
CA ARG A 385 -10.69 46.90 -16.93
C ARG A 385 -9.35 46.21 -16.74
N LEU A 386 -8.26 46.86 -17.10
CA LEU A 386 -6.96 46.24 -16.87
C LEU A 386 -6.74 46.14 -15.35
N ALA A 387 -7.05 47.22 -14.64
CA ALA A 387 -6.91 47.27 -13.19
C ALA A 387 -7.66 46.10 -12.59
N ILE A 388 -8.83 45.78 -13.14
CA ILE A 388 -9.59 44.66 -12.61
C ILE A 388 -8.87 43.36 -12.90
N ALA A 389 -8.38 43.20 -14.12
CA ALA A 389 -7.67 41.98 -14.49
C ALA A 389 -6.43 41.77 -13.63
N VAL A 390 -5.61 42.80 -13.53
CA VAL A 390 -4.39 42.72 -12.73
C VAL A 390 -4.75 42.36 -11.30
N GLY A 391 -5.69 43.10 -10.71
CA GLY A 391 -6.08 42.84 -9.34
C GLY A 391 -6.58 41.43 -9.10
N ILE A 392 -7.43 40.93 -9.99
CA ILE A 392 -7.98 39.59 -9.85
C ILE A 392 -6.92 38.50 -10.03
N ARG A 393 -6.14 38.60 -11.09
CA ARG A 393 -5.13 37.59 -11.34
C ARG A 393 -4.04 37.57 -10.27
N GLU A 394 -3.81 38.70 -9.60
CA GLU A 394 -2.83 38.75 -8.52
C GLU A 394 -3.38 37.98 -7.32
N GLY A 395 -4.64 38.26 -7.00
CA GLY A 395 -5.31 37.61 -5.88
C GLY A 395 -5.38 36.12 -6.05
N GLU A 396 -5.75 35.66 -7.25
CA GLU A 396 -5.85 34.25 -7.53
C GLU A 396 -4.49 33.62 -7.35
N LYS A 397 -3.44 34.25 -7.88
CA LYS A 397 -2.12 33.68 -7.72
C LYS A 397 -1.77 33.62 -6.24
N MET A 398 -2.28 34.57 -5.46
CA MET A 398 -2.01 34.58 -4.02
C MET A 398 -2.70 33.41 -3.35
N VAL A 399 -3.99 33.23 -3.63
CA VAL A 399 -4.74 32.13 -3.03
C VAL A 399 -4.14 30.80 -3.47
N LEU A 400 -3.95 30.65 -4.77
CA LEU A 400 -3.35 29.45 -5.33
C LEU A 400 -2.04 29.11 -4.63
N GLN A 401 -1.19 30.10 -4.41
CA GLN A 401 0.08 29.86 -3.74
C GLN A 401 -0.13 29.53 -2.26
N GLN A 402 -1.15 30.13 -1.66
CA GLN A 402 -1.45 29.88 -0.25
C GLN A 402 -1.84 28.43 -0.08
N ILE A 403 -2.73 27.97 -0.96
CA ILE A 403 -3.18 26.60 -0.90
C ILE A 403 -2.00 25.67 -1.06
N ASP A 404 -1.18 25.91 -2.07
CA ASP A 404 -0.01 25.08 -2.32
C ASP A 404 0.88 25.02 -1.08
N GLY A 405 0.99 26.17 -0.40
CA GLY A 405 1.80 26.23 0.81
C GLY A 405 1.19 25.40 1.92
N ILE A 406 -0.11 25.56 2.13
CA ILE A 406 -0.81 24.81 3.16
C ILE A 406 -0.60 23.32 2.98
N PHE A 407 -0.66 22.84 1.73
CA PHE A 407 -0.48 21.42 1.52
C PHE A 407 0.98 20.99 1.43
N GLU A 408 1.88 21.92 1.14
CA GLU A 408 3.29 21.56 1.10
C GLU A 408 3.68 21.25 2.54
N GLN A 409 3.09 22.00 3.47
CA GLN A 409 3.32 21.81 4.89
C GLN A 409 2.79 20.44 5.29
N LYS A 410 1.55 20.15 4.90
CA LYS A 410 0.95 18.87 5.22
C LYS A 410 1.84 17.74 4.77
N GLU A 411 2.51 17.90 3.62
CA GLU A 411 3.37 16.84 3.11
C GLU A 411 4.54 16.55 4.05
N LEU A 412 5.01 17.59 4.74
CA LEU A 412 6.12 17.43 5.68
C LEU A 412 5.58 16.83 6.96
N GLU A 413 4.47 17.36 7.45
CA GLU A 413 3.85 16.87 8.68
C GLU A 413 3.09 15.57 8.41
N LEU A 414 3.39 14.97 7.26
CA LEU A 414 2.73 13.75 6.84
C LEU A 414 2.83 12.59 7.83
N ASP A 415 3.59 12.77 8.91
CA ASP A 415 3.73 11.72 9.90
C ASP A 415 3.26 12.12 11.29
N GLN A 416 2.93 13.40 11.46
CA GLN A 416 2.44 13.91 12.73
C GLN A 416 0.99 13.51 12.92
N LEU A 417 0.31 13.22 11.81
CA LEU A 417 -1.09 12.82 11.84
C LEU A 417 -1.24 11.39 12.30
N GLU A 418 -2.17 11.15 13.23
CA GLU A 418 -2.40 9.79 13.69
C GLU A 418 -3.63 9.28 12.93
N TYR A 419 -3.35 8.49 11.90
CA TYR A 419 -4.38 7.96 11.03
C TYR A 419 -5.23 6.87 11.66
N TYR A 420 -6.12 6.28 10.83
CA TYR A 420 -7.03 5.25 11.30
C TYR A 420 -6.44 4.07 12.06
N GLN A 421 -5.46 3.40 11.47
CA GLN A 421 -4.86 2.24 12.11
C GLN A 421 -4.29 2.61 13.44
N GLU A 422 -3.52 3.69 13.51
CA GLU A 422 -2.95 4.07 14.78
C GLU A 422 -4.07 4.32 15.79
N ARG A 423 -5.05 5.13 15.41
CA ARG A 423 -6.18 5.44 16.29
C ARG A 423 -6.87 4.19 16.80
N ARG A 424 -6.92 3.14 15.96
CA ARG A 424 -7.56 1.90 16.34
C ARG A 424 -6.82 1.18 17.47
N LEU A 425 -5.49 1.09 17.35
CA LEU A 425 -4.70 0.42 18.37
C LEU A 425 -4.41 1.30 19.60
N LYS A 426 -4.88 2.54 19.59
CA LYS A 426 -4.66 3.44 20.72
C LYS A 426 -5.31 2.86 21.97
N ASP A 427 -6.36 2.07 21.76
CA ASP A 427 -7.05 1.41 22.88
C ASP A 427 -6.85 -0.09 22.70
N LEU A 428 -5.73 -0.58 23.23
CA LEU A 428 -5.37 -1.99 23.15
C LEU A 428 -5.30 -2.55 24.55
N GLY A 429 -4.84 -1.72 25.49
CA GLY A 429 -4.72 -2.16 26.86
C GLY A 429 -3.85 -3.41 26.97
N LEU A 430 -2.64 -3.36 26.42
CA LEU A 430 -1.74 -4.50 26.50
C LEU A 430 -1.34 -4.66 27.94
N CYS A 431 -1.07 -3.55 28.59
CA CYS A 431 -0.65 -3.57 29.99
C CYS A 431 -1.80 -3.51 30.96
N GLY A 432 -2.57 -4.58 31.00
CA GLY A 432 -3.69 -4.60 31.92
C GLY A 432 -3.34 -5.40 33.16
N GLU A 433 -4.04 -6.50 33.33
CA GLU A 433 -3.82 -7.36 34.46
C GLU A 433 -3.45 -8.72 33.92
N ASN A 434 -2.97 -9.60 34.79
CA ASN A 434 -2.65 -10.95 34.36
C ASN A 434 -3.98 -11.69 34.43
N GLY A 435 -4.78 -11.53 33.37
CA GLY A 435 -6.07 -12.14 33.31
C GLY A 435 -6.10 -13.65 33.49
N ASP A 436 -5.04 -14.34 33.06
CA ASP A 436 -5.02 -15.78 33.19
C ASP A 436 -5.27 -16.24 34.62
N ILE A 437 -4.96 -15.42 35.61
CA ILE A 437 -5.18 -15.79 37.00
C ILE A 437 -6.69 -16.01 37.23
N LEU A 438 -7.51 -15.11 36.72
CA LEU A 438 -8.95 -15.24 36.89
C LEU A 438 -9.54 -16.31 35.99
N GLU A 439 -8.97 -16.48 34.80
CA GLU A 439 -9.48 -17.50 33.88
C GLU A 439 -9.56 -18.83 34.62
N ASN A 440 -8.54 -19.12 35.42
CA ASN A 440 -8.49 -20.37 36.16
C ASN A 440 -9.33 -20.33 37.43
N LEU A 441 -10.00 -19.22 37.66
CA LEU A 441 -10.85 -19.09 38.84
C LEU A 441 -12.29 -19.48 38.51
N TYR A 442 -12.49 -19.99 37.29
CA TYR A 442 -13.81 -20.42 36.85
C TYR A 442 -13.81 -21.22 35.55
N PRO B 4 49.05 -29.27 -47.96
CA PRO B 4 49.15 -30.33 -48.98
C PRO B 4 47.83 -30.99 -49.41
N SER B 5 46.77 -30.82 -48.62
CA SER B 5 45.47 -31.40 -48.94
C SER B 5 44.33 -30.40 -49.18
N LEU B 6 44.52 -29.15 -48.75
CA LEU B 6 43.49 -28.14 -48.94
C LEU B 6 43.32 -27.76 -50.40
N SER B 7 44.33 -27.10 -50.95
CA SER B 7 44.32 -26.67 -52.34
C SER B 7 43.71 -27.67 -53.32
N PRO B 8 44.07 -28.96 -53.22
CA PRO B 8 43.52 -29.97 -54.13
C PRO B 8 42.02 -30.20 -53.92
N ALA B 9 41.61 -30.22 -52.66
CA ALA B 9 40.19 -30.42 -52.30
C ALA B 9 39.37 -29.21 -52.74
N VAL B 10 39.90 -28.03 -52.47
CA VAL B 10 39.21 -26.80 -52.86
C VAL B 10 39.21 -26.68 -54.38
N GLN B 11 40.34 -27.00 -54.99
CA GLN B 11 40.47 -26.94 -56.44
C GLN B 11 39.43 -27.85 -57.08
N THR B 12 39.19 -28.99 -56.45
CA THR B 12 38.19 -29.94 -56.94
C THR B 12 36.81 -29.31 -56.78
N PHE B 13 36.60 -28.68 -55.61
CA PHE B 13 35.34 -28.03 -55.31
C PHE B 13 35.07 -26.95 -56.33
N TRP B 14 36.11 -26.21 -56.69
CA TRP B 14 35.95 -25.14 -57.65
C TRP B 14 35.68 -25.69 -59.04
N LYS B 15 36.37 -26.78 -59.38
CA LYS B 15 36.21 -27.41 -60.69
C LYS B 15 34.76 -27.86 -60.84
N TRP B 16 34.23 -28.43 -59.77
CA TRP B 16 32.85 -28.91 -59.74
C TRP B 16 31.90 -27.76 -60.05
N LEU B 17 32.07 -26.64 -59.33
CA LEU B 17 31.22 -25.47 -59.53
C LEU B 17 31.34 -24.94 -60.95
N GLN B 18 32.52 -25.06 -61.54
CA GLN B 18 32.71 -24.61 -62.92
C GLN B 18 31.93 -25.53 -63.85
N GLU B 19 32.03 -26.83 -63.61
CA GLU B 19 31.29 -27.80 -64.41
C GLU B 19 29.81 -27.58 -64.23
N GLU B 20 29.39 -27.32 -63.00
CA GLU B 20 27.98 -27.07 -62.69
C GLU B 20 27.46 -25.78 -63.30
N GLY B 21 28.36 -24.99 -63.89
CA GLY B 21 27.95 -23.75 -64.50
C GLY B 21 27.81 -22.59 -63.51
N VAL B 22 28.05 -22.86 -62.23
CA VAL B 22 27.96 -21.81 -61.21
C VAL B 22 29.15 -20.85 -61.29
N ILE B 23 30.32 -21.38 -61.63
CA ILE B 23 31.52 -20.57 -61.75
C ILE B 23 31.85 -20.35 -63.22
N THR B 24 32.02 -19.08 -63.60
CA THR B 24 32.36 -18.74 -64.97
C THR B 24 33.47 -17.71 -64.98
N ALA B 25 33.87 -17.29 -66.19
CA ALA B 25 34.93 -16.30 -66.34
C ALA B 25 34.48 -14.96 -65.77
N LYS B 26 33.19 -14.83 -65.47
CA LYS B 26 32.68 -13.60 -64.92
C LYS B 26 32.78 -13.61 -63.40
N THR B 27 32.90 -14.81 -62.80
CA THR B 27 33.00 -14.89 -61.33
C THR B 27 34.19 -14.07 -60.92
N PRO B 28 33.93 -12.99 -60.18
CA PRO B 28 34.95 -12.06 -59.70
C PRO B 28 35.52 -12.45 -58.36
N VAL B 29 35.38 -13.72 -58.01
CA VAL B 29 35.85 -14.10 -56.70
C VAL B 29 36.33 -15.54 -56.61
N LYS B 30 37.43 -15.75 -55.88
CA LYS B 30 37.98 -17.10 -55.71
C LYS B 30 38.07 -17.50 -54.23
N ALA B 31 38.31 -18.80 -53.99
CA ALA B 31 38.45 -19.33 -52.63
C ALA B 31 39.85 -18.97 -52.19
N SER B 32 40.06 -18.77 -50.91
CA SER B 32 41.37 -18.38 -50.45
C SER B 32 41.54 -18.68 -48.98
N VAL B 33 42.70 -19.19 -48.60
CA VAL B 33 42.93 -19.47 -47.19
C VAL B 33 43.01 -18.11 -46.52
N VAL B 34 42.10 -17.89 -45.58
CA VAL B 34 42.00 -16.63 -44.90
C VAL B 34 41.97 -16.83 -43.40
N THR B 35 42.33 -15.79 -42.64
CA THR B 35 42.32 -15.88 -41.20
C THR B 35 41.08 -16.58 -40.64
N GLU B 36 39.90 -16.31 -41.21
CA GLU B 36 38.70 -16.96 -40.69
C GLU B 36 38.46 -18.35 -41.28
N GLY B 37 39.50 -18.91 -41.91
CA GLY B 37 39.42 -20.23 -42.51
C GLY B 37 39.48 -20.12 -44.02
N LEU B 38 38.42 -20.56 -44.70
CA LEU B 38 38.34 -20.40 -46.14
C LEU B 38 37.46 -19.17 -46.28
N GLY B 39 37.64 -18.44 -47.39
CA GLY B 39 36.87 -17.24 -47.60
C GLY B 39 36.92 -16.86 -49.06
N LEU B 40 36.13 -15.88 -49.45
CA LEU B 40 36.11 -15.43 -50.82
C LEU B 40 36.92 -14.16 -50.94
N VAL B 41 37.80 -14.14 -51.94
CA VAL B 41 38.67 -13.00 -52.21
C VAL B 41 38.45 -12.48 -53.63
N ALA B 42 38.47 -11.16 -53.79
CA ALA B 42 38.26 -10.55 -55.10
C ALA B 42 39.40 -10.75 -56.08
N LEU B 43 39.04 -11.13 -57.32
CA LEU B 43 39.99 -11.35 -58.40
C LEU B 43 40.17 -10.03 -59.13
N LYS B 44 39.29 -9.09 -58.82
CA LYS B 44 39.32 -7.77 -59.44
C LYS B 44 38.49 -6.84 -58.56
N ASP B 45 38.72 -5.54 -58.71
CA ASP B 45 37.99 -4.57 -57.89
C ASP B 45 36.48 -4.77 -57.99
N ILE B 46 35.86 -5.15 -56.86
CA ILE B 46 34.42 -5.37 -56.80
C ILE B 46 33.81 -4.11 -56.18
N SER B 47 32.74 -3.61 -56.75
CA SER B 47 32.13 -2.42 -56.18
C SER B 47 30.88 -2.77 -55.40
N ARG B 48 30.49 -1.87 -54.50
CA ARG B 48 29.31 -2.08 -53.66
C ARG B 48 28.12 -2.55 -54.50
N ASN B 49 27.47 -3.61 -54.05
CA ASN B 49 26.33 -4.18 -54.74
C ASN B 49 26.61 -5.07 -55.95
N ASP B 50 27.86 -5.22 -56.35
CA ASP B 50 28.13 -6.11 -57.47
C ASP B 50 27.66 -7.50 -57.06
N VAL B 51 27.19 -8.28 -58.02
CA VAL B 51 26.76 -9.64 -57.68
C VAL B 51 28.03 -10.49 -57.71
N ILE B 52 28.36 -11.07 -56.56
CA ILE B 52 29.56 -11.90 -56.41
C ILE B 52 29.37 -13.25 -57.10
N LEU B 53 28.34 -13.97 -56.66
CA LEU B 53 28.03 -15.30 -57.14
C LEU B 53 26.53 -15.59 -57.14
N GLN B 54 26.13 -16.66 -57.81
CA GLN B 54 24.74 -17.09 -57.88
C GLN B 54 24.70 -18.60 -57.97
N VAL B 55 24.05 -19.23 -56.99
CA VAL B 55 23.95 -20.68 -56.96
C VAL B 55 22.53 -21.10 -57.31
N PRO B 56 22.36 -22.17 -58.10
CA PRO B 56 21.04 -22.66 -58.49
C PRO B 56 20.38 -23.52 -57.42
N LYS B 57 19.07 -23.37 -57.23
CA LYS B 57 18.34 -24.14 -56.22
C LYS B 57 18.67 -25.61 -56.26
N ARG B 58 18.96 -26.07 -57.47
CA ARG B 58 19.34 -27.45 -57.73
C ARG B 58 20.43 -27.87 -56.75
N LEU B 59 21.10 -26.88 -56.16
CA LEU B 59 22.18 -27.13 -55.23
C LEU B 59 21.96 -26.69 -53.78
N TRP B 60 20.78 -26.20 -53.42
CA TRP B 60 20.54 -25.83 -52.01
C TRP B 60 20.48 -27.17 -51.26
N ILE B 61 20.43 -27.07 -49.94
CA ILE B 61 20.25 -28.22 -49.09
C ILE B 61 19.34 -27.62 -48.04
N ASN B 62 18.03 -27.71 -48.29
CA ASN B 62 17.03 -27.19 -47.38
C ASN B 62 15.97 -28.26 -47.24
N PRO B 63 15.00 -28.07 -46.33
CA PRO B 63 13.94 -29.05 -46.15
C PRO B 63 13.35 -29.59 -47.45
N ASP B 64 13.06 -28.71 -48.40
CA ASP B 64 12.49 -29.15 -49.66
C ASP B 64 13.38 -30.19 -50.33
N ALA B 65 14.69 -29.99 -50.21
CA ALA B 65 15.64 -30.92 -50.82
C ALA B 65 15.61 -32.28 -50.13
N VAL B 66 15.43 -32.30 -48.82
CA VAL B 66 15.41 -33.58 -48.12
C VAL B 66 14.11 -34.27 -48.50
N ALA B 67 13.06 -33.47 -48.68
CA ALA B 67 11.76 -34.01 -49.04
C ALA B 67 11.83 -34.83 -50.32
N ALA B 68 12.47 -34.27 -51.35
CA ALA B 68 12.57 -34.96 -52.63
C ALA B 68 13.69 -36.00 -52.67
N SER B 69 14.10 -36.51 -51.50
CA SER B 69 15.16 -37.51 -51.44
C SER B 69 14.64 -38.80 -50.83
N GLU B 70 15.42 -39.87 -50.94
CA GLU B 70 15.03 -41.17 -50.42
C GLU B 70 14.52 -41.17 -48.97
N ILE B 71 14.95 -40.20 -48.18
CA ILE B 71 14.53 -40.15 -46.79
C ILE B 71 13.39 -39.17 -46.56
N GLY B 72 13.00 -38.47 -47.62
CA GLY B 72 11.92 -37.50 -47.49
C GLY B 72 10.71 -38.10 -46.79
N ARG B 73 10.44 -39.36 -47.12
CA ARG B 73 9.31 -40.10 -46.55
C ARG B 73 9.38 -40.14 -45.03
N VAL B 74 10.39 -40.85 -44.54
CA VAL B 74 10.57 -41.03 -43.10
C VAL B 74 10.72 -39.74 -42.29
N CYS B 75 11.09 -38.65 -42.94
CA CYS B 75 11.27 -37.40 -42.22
C CYS B 75 10.04 -36.51 -42.27
N SER B 76 9.02 -36.96 -42.98
CA SER B 76 7.78 -36.20 -43.15
C SER B 76 7.29 -35.43 -41.93
N GLU B 77 7.32 -36.05 -40.75
CA GLU B 77 6.85 -35.37 -39.54
C GLU B 77 7.94 -34.73 -38.70
N LEU B 78 9.18 -34.84 -39.15
CA LEU B 78 10.30 -34.27 -38.40
C LEU B 78 10.41 -32.77 -38.60
N LYS B 79 10.81 -32.08 -37.53
CA LYS B 79 10.99 -30.64 -37.59
C LYS B 79 12.01 -30.35 -38.68
N PRO B 80 11.88 -29.20 -39.38
CA PRO B 80 12.80 -28.84 -40.46
C PRO B 80 14.30 -29.08 -40.22
N TRP B 81 14.85 -28.57 -39.11
CA TRP B 81 16.26 -28.77 -38.85
C TRP B 81 16.68 -30.22 -38.63
N LEU B 82 15.82 -30.99 -37.96
CA LEU B 82 16.12 -32.38 -37.74
C LEU B 82 16.24 -33.12 -39.07
N SER B 83 15.40 -32.74 -40.02
CA SER B 83 15.42 -33.38 -41.32
C SER B 83 16.72 -33.07 -42.06
N VAL B 84 17.12 -31.81 -42.01
CA VAL B 84 18.34 -31.41 -42.68
C VAL B 84 19.55 -32.07 -42.05
N ILE B 85 19.48 -32.33 -40.74
CA ILE B 85 20.57 -32.97 -40.03
C ILE B 85 20.76 -34.39 -40.54
N LEU B 86 19.68 -35.15 -40.65
CA LEU B 86 19.79 -36.50 -41.15
C LEU B 86 20.24 -36.46 -42.61
N PHE B 87 19.73 -35.49 -43.36
CA PHE B 87 20.09 -35.36 -44.76
C PHE B 87 21.59 -35.07 -44.91
N LEU B 88 22.10 -34.14 -44.11
CA LEU B 88 23.51 -33.80 -44.17
C LEU B 88 24.36 -35.02 -43.80
N ILE B 89 24.05 -35.64 -42.67
CA ILE B 89 24.80 -36.81 -42.23
C ILE B 89 24.75 -37.91 -43.30
N ARG B 90 23.57 -38.13 -43.85
CA ARG B 90 23.39 -39.16 -44.86
C ARG B 90 24.17 -38.90 -46.15
N GLU B 91 24.11 -37.67 -46.66
CA GLU B 91 24.82 -37.33 -47.89
C GLU B 91 26.34 -37.32 -47.66
N ARG B 92 26.76 -36.91 -46.48
CA ARG B 92 28.18 -36.84 -46.14
C ARG B 92 28.81 -38.21 -46.39
N SER B 93 28.05 -39.26 -46.10
CA SER B 93 28.50 -40.64 -46.26
C SER B 93 28.42 -41.22 -47.67
N ARG B 94 27.47 -40.74 -48.47
CA ARG B 94 27.30 -41.23 -49.83
C ARG B 94 28.48 -40.86 -50.74
N GLU B 95 29.02 -41.84 -51.44
CA GLU B 95 30.15 -41.62 -52.33
C GLU B 95 29.73 -40.97 -53.64
N ASP B 96 28.45 -41.07 -53.95
CA ASP B 96 27.91 -40.50 -55.18
C ASP B 96 27.06 -39.27 -54.89
N SER B 97 27.15 -38.76 -53.66
CA SER B 97 26.39 -37.58 -53.26
C SER B 97 26.74 -36.40 -54.17
N VAL B 98 25.76 -35.54 -54.43
CA VAL B 98 25.99 -34.37 -55.28
C VAL B 98 26.99 -33.41 -54.65
N TRP B 99 26.92 -33.31 -53.33
CA TRP B 99 27.78 -32.42 -52.55
C TRP B 99 29.04 -33.13 -52.12
N LYS B 100 29.45 -34.12 -52.89
CA LYS B 100 30.65 -34.87 -52.57
C LYS B 100 31.80 -33.92 -52.30
N HIS B 101 32.05 -33.02 -53.24
CA HIS B 101 33.12 -32.06 -53.14
C HIS B 101 32.86 -30.93 -52.15
N TYR B 102 31.59 -30.63 -51.94
CA TYR B 102 31.20 -29.59 -51.00
C TYR B 102 31.49 -30.08 -49.59
N PHE B 103 31.14 -31.34 -49.33
CA PHE B 103 31.39 -31.91 -48.02
C PHE B 103 32.88 -32.01 -47.76
N GLY B 104 33.66 -32.25 -48.81
CA GLY B 104 35.09 -32.36 -48.65
C GLY B 104 35.78 -31.08 -48.24
N ILE B 105 35.04 -29.98 -48.33
CA ILE B 105 35.56 -28.66 -47.97
C ILE B 105 35.07 -28.19 -46.61
N LEU B 106 34.01 -28.83 -46.11
CA LEU B 106 33.43 -28.45 -44.83
C LEU B 106 34.29 -28.68 -43.60
N PRO B 107 34.44 -27.64 -42.76
CA PRO B 107 35.25 -27.78 -41.55
C PRO B 107 34.59 -28.85 -40.70
N GLN B 108 35.36 -29.80 -40.19
CA GLN B 108 34.76 -30.84 -39.37
C GLN B 108 34.24 -30.27 -38.06
N GLU B 109 34.60 -29.03 -37.76
CA GLU B 109 34.19 -28.44 -36.50
C GLU B 109 34.36 -26.92 -36.54
N THR B 110 33.82 -26.24 -35.54
CA THR B 110 33.96 -24.79 -35.49
C THR B 110 34.29 -24.45 -34.05
N ASP B 111 34.47 -23.16 -33.75
CA ASP B 111 34.75 -22.77 -32.38
C ASP B 111 33.47 -22.49 -31.61
N SER B 112 32.36 -23.03 -32.07
CA SER B 112 31.10 -22.85 -31.37
C SER B 112 31.24 -23.60 -30.06
N THR B 113 30.61 -23.07 -29.00
CA THR B 113 30.71 -23.70 -27.69
C THR B 113 30.21 -25.13 -27.65
N ILE B 114 29.49 -25.55 -28.68
CA ILE B 114 28.97 -26.91 -28.67
C ILE B 114 30.09 -27.96 -28.87
N TYR B 115 31.27 -27.50 -29.26
CA TYR B 115 32.37 -28.43 -29.49
C TYR B 115 33.46 -28.28 -28.43
N TRP B 116 33.31 -27.29 -27.56
CA TRP B 116 34.29 -27.03 -26.51
C TRP B 116 34.45 -28.21 -25.56
N SER B 117 35.70 -28.48 -25.20
CA SER B 117 36.03 -29.57 -24.27
C SER B 117 35.62 -29.12 -22.88
N GLU B 118 35.54 -30.06 -21.95
CA GLU B 118 35.14 -29.74 -20.59
C GLU B 118 36.04 -28.68 -19.97
N GLU B 119 37.34 -28.72 -20.29
CA GLU B 119 38.28 -27.75 -19.75
C GLU B 119 37.91 -26.38 -20.31
N GLU B 120 37.78 -26.32 -21.64
CA GLU B 120 37.42 -25.09 -22.34
C GLU B 120 36.11 -24.46 -21.83
N LEU B 121 35.11 -25.29 -21.58
CA LEU B 121 33.84 -24.81 -21.07
C LEU B 121 34.00 -24.16 -19.70
N GLN B 122 34.91 -24.73 -18.89
CA GLN B 122 35.17 -24.21 -17.55
C GLN B 122 35.48 -22.73 -17.57
N GLU B 123 36.04 -22.28 -18.69
CA GLU B 123 36.40 -20.88 -18.83
C GLU B 123 35.16 -19.99 -18.90
N LEU B 124 34.00 -20.64 -19.08
CA LEU B 124 32.71 -19.95 -19.17
C LEU B 124 31.90 -20.21 -17.91
N GLN B 125 32.59 -20.58 -16.84
CA GLN B 125 31.97 -20.87 -15.55
C GLN B 125 31.12 -19.73 -15.02
N GLY B 126 29.86 -20.02 -14.69
CA GLY B 126 28.98 -19.00 -14.14
C GLY B 126 28.27 -18.09 -15.14
N SER B 127 28.65 -18.21 -16.41
CA SER B 127 28.05 -17.38 -17.47
C SER B 127 26.72 -17.94 -17.95
N GLN B 128 25.94 -17.09 -18.60
CA GLN B 128 24.66 -17.52 -19.13
C GLN B 128 24.93 -18.36 -20.36
N LEU B 129 25.92 -17.94 -21.15
CA LEU B 129 26.27 -18.65 -22.36
C LEU B 129 26.55 -20.13 -22.08
N LEU B 130 27.17 -20.41 -20.95
CA LEU B 130 27.44 -21.80 -20.59
C LEU B 130 26.15 -22.55 -20.33
N LYS B 131 25.25 -21.94 -19.56
CA LYS B 131 23.97 -22.56 -19.26
C LYS B 131 23.24 -22.82 -20.57
N THR B 132 23.27 -21.85 -21.48
CA THR B 132 22.60 -22.01 -22.75
C THR B 132 23.19 -23.13 -23.59
N THR B 133 24.51 -23.14 -23.77
CA THR B 133 25.14 -24.17 -24.59
C THR B 133 24.92 -25.57 -24.05
N VAL B 134 24.94 -25.70 -22.72
CA VAL B 134 24.71 -27.01 -22.12
C VAL B 134 23.28 -27.44 -22.44
N SER B 135 22.35 -26.53 -22.13
CA SER B 135 20.94 -26.74 -22.37
C SER B 135 20.70 -27.14 -23.83
N VAL B 136 21.32 -26.40 -24.75
CA VAL B 136 21.17 -26.67 -26.17
C VAL B 136 21.81 -28.01 -26.56
N LYS B 137 23.00 -28.30 -26.05
CA LYS B 137 23.64 -29.56 -26.37
C LYS B 137 22.74 -30.72 -25.93
N GLU B 138 22.25 -30.64 -24.71
CA GLU B 138 21.39 -31.69 -24.19
C GLU B 138 20.15 -31.88 -25.08
N TYR B 139 19.46 -30.79 -25.37
CA TYR B 139 18.26 -30.86 -26.20
C TYR B 139 18.54 -31.50 -27.56
N VAL B 140 19.60 -31.07 -28.22
CA VAL B 140 19.95 -31.60 -29.53
C VAL B 140 20.28 -33.08 -29.44
N LYS B 141 20.95 -33.47 -28.36
CA LYS B 141 21.34 -34.85 -28.13
C LYS B 141 20.14 -35.79 -28.00
N ASN B 142 19.17 -35.39 -27.19
CA ASN B 142 17.98 -36.21 -27.01
C ASN B 142 17.15 -36.24 -28.27
N GLU B 143 16.98 -35.07 -28.89
CA GLU B 143 16.21 -34.99 -30.11
C GLU B 143 16.80 -35.87 -31.19
N CYS B 144 18.12 -36.09 -31.12
CA CYS B 144 18.80 -36.91 -32.10
C CYS B 144 18.81 -38.39 -31.74
N LEU B 145 18.91 -38.70 -30.45
CA LEU B 145 18.89 -40.10 -30.03
C LEU B 145 17.49 -40.61 -30.30
N LYS B 146 16.55 -39.67 -30.34
CA LYS B 146 15.17 -39.97 -30.62
C LYS B 146 15.04 -40.24 -32.11
N LEU B 147 15.79 -39.52 -32.92
CA LEU B 147 15.77 -39.71 -34.36
C LEU B 147 16.42 -41.04 -34.68
N GLU B 148 17.44 -41.38 -33.90
CA GLU B 148 18.18 -42.63 -34.09
C GLU B 148 17.32 -43.86 -33.94
N GLN B 149 16.36 -43.78 -33.02
CA GLN B 149 15.49 -44.91 -32.77
C GLN B 149 14.21 -44.92 -33.59
N GLU B 150 13.70 -43.75 -33.94
CA GLU B 150 12.46 -43.69 -34.71
C GLU B 150 12.65 -43.62 -36.22
N ILE B 151 13.80 -43.11 -36.67
CA ILE B 151 14.03 -43.00 -38.10
C ILE B 151 15.27 -43.71 -38.61
N ILE B 152 16.40 -43.48 -37.96
CA ILE B 152 17.65 -44.09 -38.41
C ILE B 152 17.67 -45.61 -38.31
N LEU B 153 17.58 -46.14 -37.09
CA LEU B 153 17.61 -47.58 -36.87
C LEU B 153 16.48 -48.36 -37.55
N PRO B 154 15.23 -47.86 -37.46
CA PRO B 154 14.11 -48.56 -38.10
C PRO B 154 14.29 -48.72 -39.60
N ASN B 155 15.12 -47.86 -40.20
CA ASN B 155 15.37 -47.89 -41.64
C ASN B 155 16.84 -48.11 -41.96
N LYS B 156 17.45 -49.08 -41.28
CA LYS B 156 18.85 -49.44 -41.46
C LYS B 156 19.28 -49.45 -42.93
N ARG B 157 18.31 -49.60 -43.83
CA ARG B 157 18.61 -49.63 -45.25
C ARG B 157 19.06 -48.26 -45.76
N LEU B 158 18.27 -47.24 -45.48
CA LEU B 158 18.57 -45.88 -45.90
C LEU B 158 19.83 -45.37 -45.22
N PHE B 159 19.98 -45.67 -43.93
CA PHE B 159 21.14 -45.23 -43.18
C PHE B 159 22.04 -46.41 -42.84
N PRO B 160 22.91 -46.82 -43.79
CA PRO B 160 23.83 -47.95 -43.61
C PRO B 160 24.72 -47.81 -42.36
N ASP B 161 25.75 -47.00 -42.48
CA ASP B 161 26.69 -46.76 -41.40
C ASP B 161 26.02 -46.20 -40.15
N PRO B 162 26.61 -46.41 -38.96
CA PRO B 162 26.07 -45.92 -37.69
C PRO B 162 26.15 -44.39 -37.61
N VAL B 163 25.37 -43.80 -36.71
CA VAL B 163 25.38 -42.34 -36.55
C VAL B 163 25.65 -42.00 -35.09
N THR B 164 26.79 -41.36 -34.83
CA THR B 164 27.15 -40.98 -33.47
C THR B 164 26.77 -39.55 -33.18
N LEU B 165 26.87 -39.15 -31.91
CA LEU B 165 26.54 -37.79 -31.56
C LEU B 165 27.44 -36.82 -32.30
N ASP B 166 28.71 -37.19 -32.44
CA ASP B 166 29.65 -36.33 -33.13
C ASP B 166 29.21 -36.10 -34.57
N ASP B 167 28.44 -37.04 -35.10
CA ASP B 167 27.91 -36.90 -36.45
C ASP B 167 26.76 -35.92 -36.41
N PHE B 168 25.93 -36.02 -35.36
CA PHE B 168 24.79 -35.13 -35.21
C PHE B 168 25.27 -33.71 -34.98
N PHE B 169 26.03 -33.50 -33.93
CA PHE B 169 26.53 -32.18 -33.62
C PHE B 169 27.28 -31.56 -34.79
N TRP B 170 27.83 -32.39 -35.66
CA TRP B 170 28.53 -31.87 -36.82
C TRP B 170 27.50 -31.20 -37.71
N ALA B 171 26.43 -31.93 -38.00
CA ALA B 171 25.36 -31.43 -38.84
C ALA B 171 24.70 -30.24 -38.18
N PHE B 172 24.40 -30.36 -36.90
CA PHE B 172 23.76 -29.25 -36.21
C PHE B 172 24.66 -28.02 -36.24
N GLY B 173 25.96 -28.25 -36.26
CA GLY B 173 26.92 -27.15 -36.29
C GLY B 173 27.03 -26.56 -37.67
N ILE B 174 27.12 -27.42 -38.67
CA ILE B 174 27.22 -26.99 -40.06
C ILE B 174 25.99 -26.19 -40.39
N LEU B 175 24.85 -26.75 -40.04
CA LEU B 175 23.57 -26.13 -40.30
C LEU B 175 23.45 -24.75 -39.66
N ARG B 176 23.77 -24.65 -38.39
CA ARG B 176 23.63 -23.39 -37.70
C ARG B 176 24.68 -22.33 -37.97
N SER B 177 25.88 -22.74 -38.37
CA SER B 177 26.96 -21.77 -38.66
C SER B 177 27.10 -21.39 -40.13
N ARG B 178 26.49 -22.18 -41.01
CA ARG B 178 26.60 -21.92 -42.45
C ARG B 178 25.33 -21.48 -43.18
N ALA B 179 24.21 -22.12 -42.86
CA ALA B 179 22.96 -21.84 -43.53
C ALA B 179 22.51 -20.39 -43.56
N PHE B 180 21.74 -20.05 -44.59
CA PHE B 180 21.21 -18.69 -44.74
C PHE B 180 19.71 -18.70 -44.42
N SER B 181 19.25 -17.63 -43.78
CA SER B 181 17.85 -17.48 -43.39
C SER B 181 17.16 -16.61 -44.42
N ARG B 182 17.20 -15.31 -44.15
CA ARG B 182 16.62 -14.28 -45.02
C ARG B 182 16.27 -14.85 -46.40
N LEU B 183 14.98 -15.04 -46.66
CA LEU B 183 14.54 -15.55 -47.96
C LEU B 183 13.04 -15.35 -48.14
N ARG B 184 12.47 -16.14 -49.02
CA ARG B 184 11.03 -16.11 -49.31
C ARG B 184 10.45 -17.46 -48.86
N ASN B 185 9.61 -17.41 -47.82
CA ASN B 185 8.98 -18.61 -47.29
C ASN B 185 10.01 -19.65 -46.82
N GLU B 186 11.16 -19.17 -46.35
CA GLU B 186 12.21 -20.06 -45.88
C GLU B 186 13.03 -19.48 -44.74
N ASN B 187 13.72 -20.35 -44.02
CA ASN B 187 14.53 -19.94 -42.89
C ASN B 187 15.75 -20.83 -42.74
N LEU B 188 15.78 -21.91 -43.53
CA LEU B 188 16.91 -22.84 -43.46
C LEU B 188 17.40 -23.26 -44.82
N VAL B 189 18.47 -22.64 -45.30
CA VAL B 189 19.03 -23.01 -46.59
C VAL B 189 20.55 -23.05 -46.60
N VAL B 190 21.10 -24.21 -46.90
CA VAL B 190 22.55 -24.38 -46.99
C VAL B 190 22.92 -24.17 -48.48
N VAL B 191 23.84 -23.24 -48.75
CA VAL B 191 24.23 -22.94 -50.13
C VAL B 191 25.75 -23.10 -50.38
N PRO B 192 26.14 -24.19 -51.05
CA PRO B 192 27.52 -24.57 -51.40
C PRO B 192 28.64 -23.54 -51.56
N MET B 193 28.51 -22.58 -52.46
CA MET B 193 29.61 -21.64 -52.61
C MET B 193 29.41 -20.35 -51.83
N ALA B 194 28.14 -19.96 -51.65
CA ALA B 194 27.83 -18.74 -50.94
C ALA B 194 28.23 -18.75 -49.47
N ASP B 195 28.05 -19.87 -48.80
CA ASP B 195 28.38 -19.94 -47.37
C ASP B 195 29.86 -19.79 -47.09
N LEU B 196 30.66 -19.68 -48.15
CA LEU B 196 32.11 -19.49 -47.97
C LEU B 196 32.38 -18.05 -47.56
N ILE B 197 31.39 -17.17 -47.72
CA ILE B 197 31.56 -15.78 -47.37
C ILE B 197 31.62 -15.63 -45.85
N ASN B 198 32.61 -14.89 -45.37
CA ASN B 198 32.77 -14.67 -43.93
C ASN B 198 32.17 -13.37 -43.45
N HIS B 199 32.10 -13.20 -42.13
CA HIS B 199 31.52 -12.02 -41.49
C HIS B 199 32.55 -10.93 -41.18
N SER B 200 32.10 -9.68 -41.18
CA SER B 200 32.96 -8.54 -40.86
C SER B 200 32.12 -7.42 -40.27
N ALA B 201 32.47 -6.97 -39.07
CA ALA B 201 31.71 -5.89 -38.42
C ALA B 201 31.75 -4.65 -39.27
N GLY B 202 32.53 -4.71 -40.36
CA GLY B 202 32.66 -3.60 -41.28
C GLY B 202 31.41 -3.46 -42.14
N VAL B 203 30.65 -4.54 -42.26
CA VAL B 203 29.43 -4.49 -43.04
C VAL B 203 28.30 -4.08 -42.09
N THR B 204 27.74 -2.89 -42.33
CA THR B 204 26.66 -2.35 -41.50
C THR B 204 25.26 -2.55 -42.09
N THR B 205 25.18 -3.12 -43.29
CA THR B 205 23.89 -3.37 -43.94
C THR B 205 23.74 -4.86 -44.22
N GLU B 206 22.50 -5.36 -44.24
CA GLU B 206 22.25 -6.79 -44.46
C GLU B 206 21.62 -7.13 -45.82
N ASP B 207 21.93 -6.31 -46.81
CA ASP B 207 21.44 -6.50 -48.17
C ASP B 207 22.55 -7.15 -49.00
N HIS B 208 22.56 -8.48 -49.03
CA HIS B 208 23.59 -9.21 -49.74
C HIS B 208 23.08 -10.44 -50.47
N ALA B 209 21.88 -10.89 -50.11
CA ALA B 209 21.32 -12.07 -50.72
C ALA B 209 19.88 -11.87 -51.16
N TYR B 210 19.55 -12.41 -52.34
CA TYR B 210 18.22 -12.34 -52.94
C TYR B 210 18.09 -13.49 -53.91
N GLU B 211 16.86 -13.88 -54.22
CA GLU B 211 16.64 -14.99 -55.13
C GLU B 211 16.12 -14.50 -56.48
N VAL B 212 16.33 -15.29 -57.51
CA VAL B 212 15.85 -14.98 -58.84
C VAL B 212 14.96 -16.16 -59.18
N LYS B 213 13.71 -16.09 -58.71
CA LYS B 213 12.74 -17.16 -58.90
C LYS B 213 12.01 -17.18 -60.23
N GLY B 214 10.79 -17.72 -60.20
CA GLY B 214 9.96 -17.84 -61.38
C GLY B 214 9.45 -16.54 -61.97
N ALA B 215 9.44 -15.47 -61.18
CA ALA B 215 9.00 -14.17 -61.68
C ALA B 215 9.84 -13.87 -62.91
N ALA B 216 11.05 -14.43 -62.95
CA ALA B 216 11.99 -14.26 -64.06
C ALA B 216 11.84 -15.37 -65.10
N GLY B 217 10.76 -16.14 -64.99
CA GLY B 217 10.49 -17.24 -65.91
C GLY B 217 11.53 -18.36 -65.96
N LEU B 218 12.05 -18.74 -64.80
CA LEU B 218 13.06 -19.80 -64.70
C LEU B 218 12.43 -21.02 -64.06
N PHE B 219 13.07 -22.17 -64.24
CA PHE B 219 12.57 -23.40 -63.63
C PHE B 219 13.01 -23.37 -62.19
N SER B 220 12.24 -23.98 -61.30
CA SER B 220 12.59 -23.95 -59.89
C SER B 220 13.98 -24.46 -59.57
N TRP B 221 14.45 -25.48 -60.29
CA TRP B 221 15.77 -26.03 -60.03
C TRP B 221 16.89 -25.12 -60.56
N ASP B 222 16.51 -24.07 -61.28
CA ASP B 222 17.47 -23.11 -61.81
C ASP B 222 17.39 -21.79 -61.06
N TYR B 223 16.55 -21.73 -60.05
CA TYR B 223 16.41 -20.52 -59.25
C TYR B 223 17.75 -20.17 -58.66
N LEU B 224 18.05 -18.89 -58.56
CA LEU B 224 19.34 -18.47 -58.04
C LEU B 224 19.39 -17.79 -56.68
N PHE B 225 20.21 -18.33 -55.79
CA PHE B 225 20.42 -17.69 -54.50
C PHE B 225 21.53 -16.75 -54.94
N SER B 226 21.18 -15.50 -55.19
CA SER B 226 22.15 -14.55 -55.66
C SER B 226 22.76 -13.78 -54.50
N LEU B 227 24.08 -13.62 -54.51
CA LEU B 227 24.79 -12.93 -53.44
C LEU B 227 25.60 -11.73 -53.96
N LYS B 228 25.37 -10.55 -53.37
CA LYS B 228 26.07 -9.35 -53.79
C LYS B 228 26.97 -8.84 -52.66
N SER B 229 28.00 -8.09 -53.03
CA SER B 229 28.94 -7.54 -52.06
C SER B 229 28.45 -6.23 -51.45
N PRO B 230 28.08 -6.24 -50.16
CA PRO B 230 27.62 -4.99 -49.57
C PRO B 230 28.66 -3.87 -49.58
N LEU B 231 29.93 -4.21 -49.74
CA LEU B 231 30.96 -3.17 -49.73
C LEU B 231 31.86 -3.23 -50.96
N SER B 232 32.59 -2.14 -51.20
CA SER B 232 33.53 -2.09 -52.31
C SER B 232 34.78 -2.83 -51.86
N VAL B 233 35.27 -3.74 -52.68
CA VAL B 233 36.42 -4.53 -52.31
C VAL B 233 37.48 -4.56 -53.38
N LYS B 234 38.66 -4.01 -53.08
CA LYS B 234 39.73 -4.01 -54.06
C LYS B 234 40.24 -5.43 -54.35
N ALA B 235 40.70 -5.65 -55.57
CA ALA B 235 41.22 -6.96 -55.98
C ALA B 235 42.23 -7.40 -54.96
N GLY B 236 42.10 -8.63 -54.51
CA GLY B 236 43.04 -9.15 -53.53
C GLY B 236 42.43 -9.17 -52.14
N GLU B 237 41.54 -8.22 -51.84
CA GLU B 237 40.91 -8.17 -50.53
C GLU B 237 39.80 -9.19 -50.43
N GLN B 238 39.35 -9.44 -49.20
CA GLN B 238 38.30 -10.41 -48.95
C GLN B 238 36.93 -9.77 -48.96
N VAL B 239 35.97 -10.47 -49.56
CA VAL B 239 34.61 -9.99 -49.61
C VAL B 239 33.91 -10.49 -48.35
N TYR B 240 33.31 -9.60 -47.60
CA TYR B 240 32.59 -9.97 -46.39
C TYR B 240 31.14 -9.53 -46.43
N ILE B 241 30.32 -10.10 -45.57
CA ILE B 241 28.94 -9.70 -45.42
C ILE B 241 28.71 -9.57 -43.91
N GLN B 242 27.51 -9.15 -43.50
CA GLN B 242 27.19 -9.05 -42.09
C GLN B 242 26.25 -10.21 -41.82
N TYR B 243 26.60 -11.07 -40.87
CA TYR B 243 25.78 -12.23 -40.55
C TYR B 243 24.49 -11.92 -39.79
N ASP B 244 24.50 -10.86 -38.99
CA ASP B 244 23.31 -10.52 -38.23
C ASP B 244 23.56 -9.34 -37.30
N LEU B 245 22.97 -8.21 -37.63
CA LEU B 245 23.15 -7.01 -36.83
C LEU B 245 22.56 -7.14 -35.43
N ASN B 246 21.59 -8.03 -35.28
CA ASN B 246 20.95 -8.15 -33.99
C ASN B 246 21.45 -9.21 -33.03
N LYS B 247 22.14 -10.23 -33.54
CA LYS B 247 22.62 -11.27 -32.65
C LYS B 247 23.51 -10.70 -31.57
N SER B 248 23.36 -11.22 -30.36
CA SER B 248 24.17 -10.81 -29.21
C SER B 248 25.46 -11.60 -29.31
N ASN B 249 26.53 -11.07 -28.73
CA ASN B 249 27.83 -11.75 -28.75
C ASN B 249 27.69 -13.20 -28.34
N ALA B 250 26.83 -13.46 -27.36
CA ALA B 250 26.61 -14.80 -26.88
C ALA B 250 26.05 -15.64 -28.03
N GLU B 251 25.25 -15.02 -28.88
CA GLU B 251 24.66 -15.74 -30.01
C GLU B 251 25.70 -16.01 -31.08
N LEU B 252 26.52 -15.00 -31.34
CA LEU B 252 27.55 -15.14 -32.33
C LEU B 252 28.45 -16.28 -31.92
N ALA B 253 28.74 -16.35 -30.63
CA ALA B 253 29.61 -17.40 -30.07
C ALA B 253 29.02 -18.79 -30.27
N LEU B 254 27.76 -18.98 -29.88
CA LEU B 254 27.13 -20.28 -30.04
C LEU B 254 26.97 -20.74 -31.48
N ASP B 255 26.51 -19.85 -32.36
CA ASP B 255 26.27 -20.20 -33.77
C ASP B 255 27.51 -20.30 -34.64
N TYR B 256 28.44 -19.36 -34.49
CA TYR B 256 29.68 -19.35 -35.27
C TYR B 256 30.84 -19.32 -34.27
N GLY B 257 31.96 -19.94 -34.61
CA GLY B 257 33.05 -19.92 -33.64
C GLY B 257 33.65 -18.55 -33.35
N PHE B 258 32.83 -17.51 -33.15
CA PHE B 258 33.44 -16.21 -32.90
C PHE B 258 32.55 -15.15 -32.23
N ILE B 259 33.19 -14.05 -31.81
CA ILE B 259 32.49 -12.93 -31.19
C ILE B 259 33.16 -11.63 -31.63
N GLU B 260 32.52 -10.50 -31.38
CA GLU B 260 33.08 -9.21 -31.78
C GLU B 260 33.50 -8.36 -30.58
N PRO B 261 34.50 -7.48 -30.78
CA PRO B 261 35.00 -6.59 -29.74
C PRO B 261 33.94 -5.58 -29.35
N ASN B 262 33.07 -5.26 -30.29
CA ASN B 262 32.02 -4.29 -30.05
C ASN B 262 31.21 -4.61 -28.80
N GLU B 263 31.30 -3.73 -27.81
CA GLU B 263 30.58 -3.91 -26.56
C GLU B 263 29.05 -3.86 -26.70
N ASN B 264 28.57 -3.40 -27.85
CA ASN B 264 27.14 -3.32 -28.06
C ASN B 264 26.53 -4.66 -28.42
N ARG B 265 27.39 -5.66 -28.61
CA ARG B 265 26.95 -7.01 -28.92
C ARG B 265 26.72 -7.75 -27.60
N HIS B 266 27.25 -7.19 -26.53
CA HIS B 266 27.13 -7.77 -25.19
C HIS B 266 25.71 -7.73 -24.64
N ALA B 267 25.18 -8.92 -24.37
CA ALA B 267 23.84 -9.03 -23.85
C ALA B 267 23.73 -10.11 -22.80
N TYR B 268 22.64 -10.03 -22.04
CA TYR B 268 22.33 -10.98 -20.99
C TYR B 268 20.81 -11.04 -21.06
N THR B 269 20.25 -12.23 -21.11
CA THR B 269 18.80 -12.29 -21.16
C THR B 269 18.23 -12.72 -19.83
N LEU B 270 17.20 -12.01 -19.38
CA LEU B 270 16.55 -12.33 -18.11
C LEU B 270 15.37 -13.18 -18.46
N THR B 271 15.10 -14.18 -17.63
CA THR B 271 13.96 -15.04 -17.87
C THR B 271 12.93 -14.80 -16.77
N LEU B 272 11.76 -14.32 -17.15
CA LEU B 272 10.68 -14.06 -16.21
C LEU B 272 9.54 -15.03 -16.44
N GLU B 273 8.93 -15.47 -15.35
CA GLU B 273 7.80 -16.39 -15.49
C GLU B 273 6.82 -16.19 -14.36
N ILE B 274 5.55 -16.37 -14.69
CA ILE B 274 4.49 -16.25 -13.70
C ILE B 274 4.39 -17.62 -13.03
N SER B 275 4.90 -17.72 -11.80
CA SER B 275 4.91 -18.99 -11.08
C SER B 275 3.53 -19.58 -10.79
N GLU B 276 3.41 -20.90 -10.93
CA GLU B 276 2.15 -21.57 -10.67
C GLU B 276 1.80 -21.55 -9.19
N SER B 277 2.79 -21.33 -8.35
CA SER B 277 2.58 -21.28 -6.91
C SER B 277 2.16 -19.87 -6.49
N ASP B 278 1.87 -19.03 -7.48
CA ASP B 278 1.45 -17.65 -7.22
C ASP B 278 -0.04 -17.65 -6.97
N PRO B 279 -0.46 -17.11 -5.82
CA PRO B 279 -1.89 -17.04 -5.48
C PRO B 279 -2.80 -16.56 -6.60
N PHE B 280 -2.30 -15.70 -7.48
CA PHE B 280 -3.13 -15.21 -8.57
C PHE B 280 -2.68 -15.69 -9.95
N PHE B 281 -2.00 -16.82 -9.99
CA PHE B 281 -1.50 -17.37 -11.25
C PHE B 281 -2.43 -17.16 -12.44
N ASP B 282 -3.48 -17.97 -12.51
CA ASP B 282 -4.45 -17.92 -13.60
C ASP B 282 -4.67 -16.51 -14.17
N ASP B 283 -5.01 -15.57 -13.30
CA ASP B 283 -5.27 -14.20 -13.74
C ASP B 283 -4.04 -13.58 -14.38
N LYS B 284 -2.91 -13.67 -13.70
CA LYS B 284 -1.69 -13.10 -14.23
C LYS B 284 -1.35 -13.73 -15.58
N LEU B 285 -1.53 -15.04 -15.67
CA LEU B 285 -1.24 -15.76 -16.92
C LEU B 285 -2.11 -15.27 -18.04
N ASP B 286 -3.38 -15.02 -17.71
CA ASP B 286 -4.31 -14.52 -18.70
C ASP B 286 -3.80 -13.16 -19.18
N VAL B 287 -3.50 -12.28 -18.23
CA VAL B 287 -2.99 -10.95 -18.55
C VAL B 287 -1.76 -11.05 -19.45
N ALA B 288 -0.87 -11.97 -19.12
CA ALA B 288 0.36 -12.17 -19.88
C ALA B 288 0.09 -12.54 -21.33
N GLU B 289 -0.68 -13.60 -21.53
CA GLU B 289 -1.00 -14.10 -22.86
C GLU B 289 -1.87 -13.14 -23.66
N SER B 290 -2.80 -12.47 -22.98
CA SER B 290 -3.68 -11.52 -23.66
C SER B 290 -2.85 -10.40 -24.25
N ASN B 291 -1.61 -10.27 -23.79
CA ASN B 291 -0.74 -9.21 -24.27
C ASN B 291 0.53 -9.67 -24.99
N GLY B 292 0.46 -10.90 -25.51
CA GLY B 292 1.59 -11.44 -26.27
C GLY B 292 2.76 -12.00 -25.49
N PHE B 293 2.51 -12.49 -24.28
CA PHE B 293 3.59 -13.06 -23.50
C PHE B 293 3.17 -14.38 -22.92
N ALA B 294 4.16 -15.25 -22.74
CA ALA B 294 3.91 -16.59 -22.22
C ALA B 294 4.08 -16.68 -20.72
N GLN B 295 3.73 -17.85 -20.20
CA GLN B 295 3.84 -18.16 -18.79
C GLN B 295 5.29 -17.86 -18.39
N THR B 296 6.19 -18.08 -19.35
CA THR B 296 7.63 -17.84 -19.19
C THR B 296 8.04 -16.97 -20.38
N ALA B 297 8.68 -15.84 -20.10
CA ALA B 297 9.11 -14.95 -21.17
C ALA B 297 10.58 -14.63 -21.03
N TYR B 298 11.29 -14.46 -22.14
CA TYR B 298 12.71 -14.14 -22.07
C TYR B 298 12.96 -12.74 -22.61
N PHE B 299 13.63 -11.91 -21.82
CA PHE B 299 13.93 -10.55 -22.26
C PHE B 299 15.43 -10.35 -22.42
N ASP B 300 15.85 -9.95 -23.62
CA ASP B 300 17.27 -9.75 -23.88
C ASP B 300 17.68 -8.33 -23.53
N ILE B 301 18.68 -8.21 -22.69
CA ILE B 301 19.17 -6.90 -22.32
C ILE B 301 20.56 -6.71 -22.88
N PHE B 302 20.68 -5.77 -23.81
CA PHE B 302 21.95 -5.49 -24.44
C PHE B 302 22.65 -4.34 -23.77
N TYR B 303 23.98 -4.38 -23.76
CA TYR B 303 24.78 -3.33 -23.17
C TYR B 303 24.46 -2.01 -23.85
N ASN B 304 24.39 -0.95 -23.06
CA ASN B 304 24.10 0.40 -23.54
C ASN B 304 22.75 0.60 -24.25
N ARG B 305 21.91 -0.42 -24.29
CA ARG B 305 20.61 -0.29 -24.95
C ARG B 305 19.54 -0.13 -23.87
N THR B 306 18.46 0.58 -24.17
CA THR B 306 17.41 0.74 -23.17
C THR B 306 16.71 -0.60 -22.97
N LEU B 307 16.18 -0.80 -21.77
CA LEU B 307 15.49 -2.04 -21.43
C LEU B 307 14.38 -2.37 -22.41
N PRO B 308 14.42 -3.59 -22.97
CA PRO B 308 13.41 -4.02 -23.94
C PRO B 308 12.01 -3.73 -23.43
N PRO B 309 11.13 -3.24 -24.32
CA PRO B 309 9.77 -2.97 -23.84
C PRO B 309 9.18 -4.27 -23.31
N GLY B 310 8.31 -4.17 -22.31
CA GLY B 310 7.70 -5.37 -21.78
C GLY B 310 8.38 -5.89 -20.52
N LEU B 311 9.70 -5.76 -20.45
CA LEU B 311 10.41 -6.24 -19.28
C LEU B 311 9.79 -5.68 -18.01
N LEU B 312 9.75 -4.36 -17.90
CA LEU B 312 9.17 -3.74 -16.70
C LEU B 312 7.72 -4.14 -16.39
N PRO B 313 6.80 -3.94 -17.35
CA PRO B 313 5.43 -4.33 -17.04
C PRO B 313 5.30 -5.79 -16.62
N TYR B 314 6.13 -6.66 -17.21
CA TYR B 314 6.08 -8.08 -16.87
C TYR B 314 6.57 -8.27 -15.44
N LEU B 315 7.65 -7.59 -15.10
CA LEU B 315 8.18 -7.69 -13.74
C LEU B 315 7.10 -7.27 -12.75
N ARG B 316 6.45 -6.14 -13.03
CA ARG B 316 5.40 -5.63 -12.16
C ARG B 316 4.29 -6.66 -12.03
N LEU B 317 3.94 -7.29 -13.15
CA LEU B 317 2.89 -8.30 -13.15
C LEU B 317 3.33 -9.45 -12.25
N VAL B 318 4.59 -9.84 -12.38
CA VAL B 318 5.16 -10.92 -11.60
C VAL B 318 5.16 -10.59 -10.13
N ALA B 319 5.43 -9.34 -9.80
CA ALA B 319 5.48 -8.94 -8.40
C ALA B 319 4.16 -8.34 -7.93
N LEU B 320 3.12 -8.42 -8.75
CA LEU B 320 1.85 -7.81 -8.38
C LEU B 320 1.56 -7.86 -6.89
N GLY B 321 1.06 -8.99 -6.40
CA GLY B 321 0.78 -9.11 -4.96
C GLY B 321 -0.45 -8.46 -4.32
N GLY B 322 -1.00 -9.15 -3.32
CA GLY B 322 -2.18 -8.72 -2.59
C GLY B 322 -2.73 -7.31 -2.76
N THR B 323 -2.15 -6.36 -2.04
CA THR B 323 -2.58 -4.97 -2.10
C THR B 323 -3.12 -4.52 -3.48
N ASP B 324 -2.30 -4.67 -4.52
CA ASP B 324 -2.69 -4.24 -5.88
C ASP B 324 -3.31 -5.33 -6.73
N ALA B 325 -3.71 -6.44 -6.13
CA ALA B 325 -4.30 -7.51 -6.92
C ALA B 325 -5.58 -7.08 -7.62
N PHE B 326 -6.14 -5.96 -7.18
CA PHE B 326 -7.37 -5.45 -7.77
C PHE B 326 -7.29 -5.25 -9.29
N LEU B 327 -6.10 -4.92 -9.78
CA LEU B 327 -5.92 -4.72 -11.22
C LEU B 327 -6.17 -5.98 -12.03
N LEU B 328 -6.17 -7.14 -11.36
CA LEU B 328 -6.40 -8.40 -12.06
C LEU B 328 -7.88 -8.63 -12.26
N GLU B 329 -8.69 -7.76 -11.67
CA GLU B 329 -10.15 -7.85 -11.77
C GLU B 329 -10.54 -7.65 -13.24
N SER B 330 -11.75 -8.10 -13.58
CA SER B 330 -12.23 -7.98 -14.96
C SER B 330 -12.41 -6.54 -15.45
N LEU B 331 -12.71 -5.63 -14.52
CA LEU B 331 -12.88 -4.22 -14.84
C LEU B 331 -11.65 -3.62 -15.51
N PHE B 332 -10.46 -4.18 -15.21
CA PHE B 332 -9.22 -3.66 -15.77
C PHE B 332 -8.57 -4.47 -16.88
N ARG B 333 -9.11 -5.65 -17.18
CA ARG B 333 -8.51 -6.48 -18.23
C ARG B 333 -8.41 -5.81 -19.59
N ASP B 334 -8.60 -4.49 -19.62
CA ASP B 334 -8.54 -3.75 -20.87
C ASP B 334 -7.52 -2.62 -20.73
N THR B 335 -7.23 -2.25 -19.48
CA THR B 335 -6.29 -1.18 -19.20
C THR B 335 -5.12 -1.64 -18.34
N ILE B 336 -5.23 -2.87 -17.82
CA ILE B 336 -4.19 -3.41 -16.95
C ILE B 336 -2.79 -3.36 -17.53
N TRP B 337 -2.62 -3.84 -18.75
CA TRP B 337 -1.29 -3.81 -19.33
C TRP B 337 -0.78 -2.38 -19.45
N GLY B 338 -1.69 -1.45 -19.72
CA GLY B 338 -1.29 -0.06 -19.83
C GLY B 338 -0.78 0.42 -18.48
N HIS B 339 -1.44 -0.04 -17.41
CA HIS B 339 -1.07 0.34 -16.05
C HIS B 339 0.24 -0.34 -15.70
N LEU B 340 0.35 -1.62 -16.05
CA LEU B 340 1.57 -2.35 -15.76
C LEU B 340 2.68 -1.64 -16.51
N GLU B 341 2.34 -1.05 -17.65
CA GLU B 341 3.29 -0.33 -18.47
C GLU B 341 3.71 0.96 -17.80
N LEU B 342 2.75 1.66 -17.19
CA LEU B 342 3.08 2.89 -16.51
C LEU B 342 3.71 2.56 -15.15
N SER B 343 2.98 1.93 -14.25
CA SER B 343 3.51 1.54 -12.94
C SER B 343 2.33 1.23 -12.05
N VAL B 344 2.51 0.28 -11.15
CA VAL B 344 1.42 -0.10 -10.27
C VAL B 344 1.43 0.69 -8.96
N SER B 345 2.50 0.53 -8.20
CA SER B 345 2.61 1.20 -6.92
C SER B 345 4.05 1.14 -6.43
N ARG B 346 4.39 2.03 -5.52
CA ARG B 346 5.74 2.08 -4.98
C ARG B 346 6.11 0.72 -4.38
N ASP B 347 5.18 0.10 -3.67
CA ASP B 347 5.50 -1.19 -3.06
C ASP B 347 5.87 -2.19 -4.15
N ASN B 348 5.09 -2.19 -5.22
CA ASN B 348 5.32 -3.11 -6.32
C ASN B 348 6.65 -2.84 -7.02
N GLU B 349 6.93 -1.56 -7.26
CA GLU B 349 8.17 -1.16 -7.92
C GLU B 349 9.36 -1.59 -7.07
N GLU B 350 9.34 -1.20 -5.81
CA GLU B 350 10.41 -1.51 -4.87
C GLU B 350 10.71 -3.01 -4.82
N LEU B 351 9.67 -3.83 -4.84
CA LEU B 351 9.82 -5.27 -4.79
C LEU B 351 10.58 -5.84 -5.99
N LEU B 352 10.13 -5.52 -7.21
CA LEU B 352 10.77 -6.02 -8.43
C LEU B 352 12.21 -5.50 -8.53
N CYS B 353 12.45 -4.30 -8.01
CA CYS B 353 13.78 -3.73 -8.03
C CYS B 353 14.69 -4.64 -7.22
N LYS B 354 14.28 -4.95 -5.99
CA LYS B 354 15.11 -5.80 -5.16
C LYS B 354 15.28 -7.17 -5.81
N ALA B 355 14.18 -7.73 -6.29
CA ALA B 355 14.24 -9.03 -6.94
C ALA B 355 15.29 -9.03 -8.04
N VAL B 356 15.28 -7.98 -8.88
CA VAL B 356 16.22 -7.86 -9.97
C VAL B 356 17.66 -7.69 -9.47
N ARG B 357 17.88 -6.67 -8.64
CA ARG B 357 19.21 -6.42 -8.08
C ARG B 357 19.79 -7.62 -7.35
N GLU B 358 18.95 -8.38 -6.67
CA GLU B 358 19.43 -9.54 -5.95
C GLU B 358 19.91 -10.59 -6.94
N ALA B 359 19.18 -10.75 -8.04
CA ALA B 359 19.55 -11.73 -9.06
C ALA B 359 20.88 -11.33 -9.70
N CYS B 360 21.04 -10.04 -9.96
CA CYS B 360 22.27 -9.54 -10.55
C CYS B 360 23.47 -9.84 -9.68
N LYS B 361 23.43 -9.35 -8.45
CA LYS B 361 24.51 -9.57 -7.50
C LYS B 361 24.78 -11.06 -7.36
N SER B 362 23.72 -11.83 -7.23
CA SER B 362 23.85 -13.26 -7.09
C SER B 362 24.56 -13.84 -8.31
N ALA B 363 24.11 -13.45 -9.51
CA ALA B 363 24.71 -13.94 -10.74
C ALA B 363 26.17 -13.49 -10.85
N LEU B 364 26.40 -12.21 -10.59
CA LEU B 364 27.74 -11.64 -10.67
C LEU B 364 28.77 -12.39 -9.83
N ALA B 365 28.27 -13.11 -8.83
CA ALA B 365 29.15 -13.87 -7.94
C ALA B 365 29.60 -15.18 -8.57
N GLY B 366 28.78 -15.73 -9.46
CA GLY B 366 29.11 -16.99 -10.12
C GLY B 366 30.37 -16.97 -10.97
N TYR B 367 30.80 -15.80 -11.44
CA TYR B 367 32.00 -15.73 -12.28
C TYR B 367 33.28 -15.89 -11.49
N HIS B 368 34.24 -16.61 -12.07
CA HIS B 368 35.51 -16.85 -11.40
C HIS B 368 36.64 -15.89 -11.80
N THR B 369 36.29 -14.75 -12.39
CA THR B 369 37.31 -13.77 -12.78
C THR B 369 36.68 -12.39 -12.77
N THR B 370 37.46 -11.38 -12.39
CA THR B 370 36.93 -10.02 -12.36
C THR B 370 37.10 -9.39 -13.73
N ILE B 371 36.25 -8.42 -14.02
CA ILE B 371 36.31 -7.72 -15.29
C ILE B 371 37.76 -7.26 -15.50
N GLU B 372 38.38 -6.75 -14.43
CA GLU B 372 39.75 -6.26 -14.52
C GLU B 372 40.70 -7.35 -14.98
N GLN B 373 40.43 -8.58 -14.56
CA GLN B 373 41.26 -9.72 -14.94
C GLN B 373 41.04 -10.09 -16.40
N ASP B 374 39.78 -10.06 -16.81
CA ASP B 374 39.42 -10.39 -18.17
C ASP B 374 40.08 -9.37 -19.10
N ARG B 375 39.81 -8.09 -18.85
CA ARG B 375 40.38 -7.03 -19.67
C ARG B 375 41.90 -7.16 -19.79
N GLU B 376 42.55 -7.62 -18.74
CA GLU B 376 43.99 -7.78 -18.76
C GLU B 376 44.38 -8.93 -19.68
N LEU B 377 43.63 -10.02 -19.62
CA LEU B 377 43.90 -11.17 -20.48
C LEU B 377 43.79 -10.74 -21.95
N LYS B 378 42.70 -10.05 -22.27
CA LYS B 378 42.45 -9.57 -23.62
C LYS B 378 43.64 -8.77 -24.16
N GLU B 379 44.39 -8.16 -23.26
CA GLU B 379 45.52 -7.35 -23.67
C GLU B 379 46.67 -8.22 -24.21
N GLY B 380 46.60 -9.53 -23.98
CA GLY B 380 47.62 -10.42 -24.48
C GLY B 380 47.07 -11.24 -25.63
N ASN B 381 47.78 -12.30 -26.02
CA ASN B 381 47.31 -13.15 -27.12
C ASN B 381 46.56 -14.35 -26.57
N LEU B 382 45.25 -14.36 -26.74
CA LEU B 382 44.43 -15.47 -26.25
C LEU B 382 44.07 -16.38 -27.42
N ASP B 383 44.10 -17.69 -27.21
CA ASP B 383 43.76 -18.59 -28.31
C ASP B 383 42.26 -18.44 -28.59
N SER B 384 41.84 -18.89 -29.77
CA SER B 384 40.45 -18.82 -30.22
C SER B 384 39.36 -18.94 -29.15
N ARG B 385 39.23 -20.15 -28.60
CA ARG B 385 38.20 -20.41 -27.60
C ARG B 385 38.39 -19.65 -26.29
N LEU B 386 39.62 -19.50 -25.82
CA LEU B 386 39.81 -18.77 -24.59
C LEU B 386 39.36 -17.33 -24.83
N ALA B 387 39.73 -16.84 -26.00
CA ALA B 387 39.41 -15.47 -26.42
C ALA B 387 37.92 -15.23 -26.37
N ILE B 388 37.16 -16.24 -26.78
CA ILE B 388 35.72 -16.14 -26.79
C ILE B 388 35.19 -16.08 -25.37
N ALA B 389 35.67 -17.00 -24.53
CA ALA B 389 35.25 -17.07 -23.15
C ALA B 389 35.53 -15.76 -22.42
N VAL B 390 36.76 -15.29 -22.54
CA VAL B 390 37.15 -14.06 -21.90
C VAL B 390 36.26 -12.90 -22.33
N GLY B 391 36.01 -12.81 -23.64
CA GLY B 391 35.18 -11.74 -24.17
C GLY B 391 33.71 -11.83 -23.77
N ILE B 392 33.18 -13.04 -23.77
CA ILE B 392 31.80 -13.29 -23.40
C ILE B 392 31.55 -12.95 -21.93
N ARG B 393 32.32 -13.58 -21.04
CA ARG B 393 32.16 -13.36 -19.61
C ARG B 393 32.41 -11.91 -19.24
N GLU B 394 33.37 -11.27 -19.87
CA GLU B 394 33.62 -9.88 -19.54
C GLU B 394 32.33 -9.13 -19.81
N GLY B 395 31.75 -9.41 -20.97
CA GLY B 395 30.53 -8.74 -21.38
C GLY B 395 29.32 -8.98 -20.49
N GLU B 396 29.09 -10.24 -20.11
CA GLU B 396 27.95 -10.55 -19.27
C GLU B 396 28.07 -9.79 -17.97
N LYS B 397 29.26 -9.79 -17.40
CA LYS B 397 29.46 -9.08 -16.16
C LYS B 397 29.18 -7.60 -16.39
N MET B 398 29.60 -7.07 -17.54
CA MET B 398 29.35 -5.67 -17.84
C MET B 398 27.86 -5.38 -17.88
N VAL B 399 27.12 -6.25 -18.56
CA VAL B 399 25.68 -6.10 -18.69
C VAL B 399 25.04 -6.27 -17.34
N LEU B 400 25.39 -7.36 -16.66
CA LEU B 400 24.87 -7.64 -15.33
C LEU B 400 25.04 -6.43 -14.41
N GLN B 401 26.22 -5.83 -14.43
CA GLN B 401 26.47 -4.67 -13.61
C GLN B 401 25.66 -3.48 -14.08
N GLN B 402 25.46 -3.37 -15.39
CA GLN B 402 24.68 -2.25 -15.92
C GLN B 402 23.24 -2.37 -15.45
N ILE B 403 22.71 -3.59 -15.47
CA ILE B 403 21.34 -3.85 -15.05
C ILE B 403 21.20 -3.46 -13.59
N ASP B 404 22.10 -3.94 -12.75
CA ASP B 404 22.04 -3.61 -11.34
C ASP B 404 22.05 -2.09 -11.17
N GLY B 405 22.82 -1.41 -12.01
CA GLY B 405 22.89 0.04 -11.92
C GLY B 405 21.59 0.71 -12.34
N ILE B 406 20.99 0.19 -13.40
CA ILE B 406 19.74 0.73 -13.89
C ILE B 406 18.71 0.65 -12.80
N PHE B 407 18.62 -0.51 -12.14
CA PHE B 407 17.63 -0.72 -11.10
C PHE B 407 17.99 -0.13 -9.75
N GLU B 408 19.27 0.12 -9.51
CA GLU B 408 19.65 0.73 -8.25
C GLU B 408 19.20 2.19 -8.35
N GLN B 409 19.26 2.72 -9.56
CA GLN B 409 18.85 4.10 -9.83
C GLN B 409 17.36 4.17 -9.58
N LYS B 410 16.64 3.20 -10.12
CA LYS B 410 15.19 3.15 -9.96
C LYS B 410 14.81 3.16 -8.49
N GLU B 411 15.59 2.50 -7.65
CA GLU B 411 15.28 2.48 -6.22
C GLU B 411 15.39 3.88 -5.64
N LEU B 412 16.36 4.64 -6.10
CA LEU B 412 16.52 6.00 -5.61
C LEU B 412 15.43 6.93 -6.12
N GLU B 413 14.92 6.66 -7.32
CA GLU B 413 13.88 7.49 -7.94
C GLU B 413 12.51 6.89 -7.69
N LEU B 414 12.48 5.87 -6.82
CA LEU B 414 11.26 5.16 -6.48
C LEU B 414 10.06 6.06 -6.22
N ASP B 415 10.29 7.32 -5.88
CA ASP B 415 9.18 8.23 -5.60
C ASP B 415 8.84 9.19 -6.73
N GLN B 416 9.65 9.17 -7.77
CA GLN B 416 9.43 10.05 -8.91
C GLN B 416 8.37 9.49 -9.85
N LEU B 417 8.15 8.19 -9.78
CA LEU B 417 7.16 7.57 -10.64
C LEU B 417 5.76 7.91 -10.17
N GLU B 418 4.83 8.11 -11.10
CA GLU B 418 3.45 8.39 -10.75
C GLU B 418 2.73 7.07 -10.85
N TYR B 419 2.42 6.46 -9.71
CA TYR B 419 1.76 5.17 -9.74
C TYR B 419 0.28 5.23 -10.06
N TYR B 420 -0.37 4.07 -10.06
CA TYR B 420 -1.78 3.99 -10.37
C TYR B 420 -2.65 5.04 -9.69
N GLN B 421 -2.54 5.14 -8.37
CA GLN B 421 -3.37 6.10 -7.64
C GLN B 421 -3.18 7.52 -8.10
N GLU B 422 -1.94 7.99 -8.09
CA GLU B 422 -1.66 9.35 -8.49
C GLU B 422 -2.25 9.65 -9.87
N ARG B 423 -2.16 8.69 -10.78
CA ARG B 423 -2.70 8.86 -12.13
C ARG B 423 -4.24 8.86 -12.14
N ARG B 424 -4.83 8.26 -11.11
CA ARG B 424 -6.28 8.21 -11.03
C ARG B 424 -6.84 9.60 -10.74
N LEU B 425 -6.14 10.35 -9.90
CA LEU B 425 -6.59 11.69 -9.56
C LEU B 425 -6.06 12.77 -10.50
N LYS B 426 -5.40 12.38 -11.58
CA LYS B 426 -4.87 13.36 -12.53
C LYS B 426 -5.99 14.10 -13.25
N ASP B 427 -7.14 13.42 -13.40
CA ASP B 427 -8.31 13.99 -14.05
C ASP B 427 -9.30 14.59 -13.04
N LEU B 428 -8.78 15.05 -11.90
CA LEU B 428 -9.62 15.64 -10.87
C LEU B 428 -10.30 16.92 -11.34
N GLY B 429 -9.48 17.94 -11.63
CA GLY B 429 -10.02 19.21 -12.07
C GLY B 429 -10.37 20.14 -10.93
N LEU B 430 -9.54 20.15 -9.88
CA LEU B 430 -9.81 21.01 -8.75
C LEU B 430 -9.93 22.46 -9.18
N CYS B 431 -8.98 22.90 -10.00
CA CYS B 431 -8.94 24.26 -10.48
C CYS B 431 -9.73 24.44 -11.74
N GLY B 432 -11.05 24.35 -11.60
CA GLY B 432 -11.91 24.51 -12.75
C GLY B 432 -12.54 25.88 -12.72
N GLU B 433 -13.85 25.93 -12.74
CA GLU B 433 -14.52 27.20 -12.70
C GLU B 433 -15.27 27.30 -11.40
N ASN B 434 -15.77 28.49 -11.11
CA ASN B 434 -16.53 28.70 -9.91
C ASN B 434 -17.93 28.21 -10.25
N GLY B 435 -18.04 26.90 -10.49
CA GLY B 435 -19.30 26.29 -10.84
C GLY B 435 -20.51 26.73 -10.03
N ASP B 436 -20.25 27.41 -8.91
CA ASP B 436 -21.32 27.89 -8.04
C ASP B 436 -22.14 28.98 -8.74
N ILE B 437 -21.45 29.95 -9.33
CA ILE B 437 -22.09 31.06 -10.04
C ILE B 437 -23.04 30.57 -11.11
N LEU B 438 -22.75 29.40 -11.67
CA LEU B 438 -23.59 28.83 -12.70
C LEU B 438 -24.78 28.10 -12.09
N GLU B 439 -24.55 27.38 -11.00
CA GLU B 439 -25.61 26.65 -10.30
C GLU B 439 -26.75 27.58 -9.89
N ASN B 440 -26.43 28.87 -9.76
CA ASN B 440 -27.41 29.88 -9.38
C ASN B 440 -28.04 30.49 -10.62
N LEU B 441 -27.97 29.75 -11.72
CA LEU B 441 -28.55 30.16 -12.98
C LEU B 441 -29.17 28.93 -13.64
N TYR B 442 -28.74 27.75 -13.19
CA TYR B 442 -29.25 26.48 -13.72
C TYR B 442 -30.72 26.30 -13.36
N PHE B 443 -30.98 26.06 -12.07
CA PHE B 443 -32.33 25.83 -11.58
C PHE B 443 -33.14 27.10 -11.35
N GLN B 444 -34.42 26.91 -11.08
CA GLN B 444 -35.34 28.02 -10.84
C GLN B 444 -34.74 29.03 -9.87
N SER C 5 9.66 -22.16 72.34
CA SER C 5 9.34 -23.54 71.86
C SER C 5 8.09 -23.54 70.97
N LEU C 6 7.45 -24.70 70.88
CA LEU C 6 6.23 -24.87 70.06
C LEU C 6 4.99 -24.59 70.90
N SER C 7 4.08 -23.79 70.34
CA SER C 7 2.86 -23.44 71.04
C SER C 7 2.11 -24.71 71.41
N PRO C 8 1.29 -24.67 72.46
CA PRO C 8 0.51 -25.83 72.90
C PRO C 8 -0.31 -26.41 71.74
N ALA C 9 -0.82 -25.52 70.91
CA ALA C 9 -1.63 -25.90 69.75
C ALA C 9 -0.86 -26.78 68.77
N VAL C 10 0.41 -26.47 68.54
CA VAL C 10 1.21 -27.27 67.64
C VAL C 10 1.44 -28.65 68.27
N GLN C 11 1.79 -28.67 69.54
CA GLN C 11 2.01 -29.95 70.22
C GLN C 11 0.75 -30.79 70.10
N THR C 12 -0.39 -30.16 70.36
CA THR C 12 -1.69 -30.82 70.27
C THR C 12 -1.85 -31.39 68.86
N PHE C 13 -1.66 -30.52 67.86
CA PHE C 13 -1.75 -30.92 66.46
C PHE C 13 -0.81 -32.08 66.15
N TRP C 14 0.41 -32.02 66.67
CA TRP C 14 1.38 -33.09 66.44
C TRP C 14 0.97 -34.36 67.19
N LYS C 15 0.34 -34.19 68.36
CA LYS C 15 -0.11 -35.32 69.16
C LYS C 15 -1.23 -36.01 68.36
N TRP C 16 -2.14 -35.20 67.86
CA TRP C 16 -3.26 -35.68 67.05
C TRP C 16 -2.76 -36.53 65.89
N LEU C 17 -1.73 -36.05 65.19
CA LEU C 17 -1.17 -36.78 64.07
C LEU C 17 -0.50 -38.06 64.52
N GLN C 18 -0.09 -38.12 65.78
CA GLN C 18 0.54 -39.31 66.33
C GLN C 18 -0.55 -40.37 66.51
N GLU C 19 -1.68 -39.94 67.07
CA GLU C 19 -2.81 -40.83 67.29
C GLU C 19 -3.35 -41.29 65.96
N GLU C 20 -3.55 -40.36 65.03
CA GLU C 20 -4.07 -40.70 63.72
C GLU C 20 -3.12 -41.62 62.96
N GLY C 21 -1.98 -41.94 63.57
CA GLY C 21 -1.02 -42.83 62.93
C GLY C 21 -0.15 -42.24 61.84
N VAL C 22 -0.38 -40.98 61.49
CA VAL C 22 0.40 -40.30 60.46
C VAL C 22 1.84 -40.13 60.96
N ILE C 23 1.96 -39.71 62.21
CA ILE C 23 3.27 -39.51 62.84
C ILE C 23 3.66 -40.73 63.66
N THR C 24 4.68 -41.45 63.20
CA THR C 24 5.19 -42.64 63.89
C THR C 24 6.60 -42.32 64.36
N ALA C 25 7.30 -43.32 64.90
CA ALA C 25 8.67 -43.11 65.37
C ALA C 25 9.60 -42.95 64.17
N LYS C 26 9.28 -43.63 63.07
CA LYS C 26 10.08 -43.58 61.86
C LYS C 26 9.96 -42.24 61.11
N THR C 27 9.17 -41.31 61.65
CA THR C 27 9.01 -39.99 61.04
C THR C 27 10.33 -39.26 61.26
N PRO C 28 10.99 -38.86 60.18
CA PRO C 28 12.27 -38.16 60.31
C PRO C 28 12.20 -36.65 60.51
N VAL C 29 11.02 -36.13 60.78
CA VAL C 29 10.91 -34.69 60.93
C VAL C 29 9.91 -34.21 61.99
N LYS C 30 10.07 -32.98 62.45
CA LYS C 30 9.16 -32.44 63.45
C LYS C 30 8.88 -30.96 63.19
N ALA C 31 7.77 -30.47 63.75
CA ALA C 31 7.37 -29.08 63.59
C ALA C 31 8.33 -28.16 64.32
N SER C 32 8.49 -26.95 63.78
CA SER C 32 9.38 -25.97 64.39
C SER C 32 8.94 -24.53 64.02
N VAL C 33 9.33 -23.58 64.87
CA VAL C 33 8.99 -22.19 64.60
C VAL C 33 10.18 -21.61 63.84
N VAL C 34 9.95 -21.32 62.57
CA VAL C 34 10.99 -20.80 61.69
C VAL C 34 10.62 -19.46 61.10
N THR C 35 11.59 -18.84 60.45
CA THR C 35 11.38 -17.54 59.86
C THR C 35 10.15 -17.53 58.94
N GLU C 36 9.97 -18.59 58.15
CA GLU C 36 8.84 -18.67 57.24
C GLU C 36 7.50 -18.88 57.96
N GLY C 37 7.56 -18.96 59.30
CA GLY C 37 6.37 -19.18 60.12
C GLY C 37 6.58 -20.51 60.81
N LEU C 38 5.75 -21.49 60.49
CA LEU C 38 5.91 -22.83 61.04
C LEU C 38 6.58 -23.62 59.91
N GLY C 39 7.38 -24.61 60.25
CA GLY C 39 8.04 -25.41 59.21
C GLY C 39 8.50 -26.77 59.73
N LEU C 40 8.97 -27.63 58.83
CA LEU C 40 9.40 -28.94 59.27
C LEU C 40 10.91 -29.07 59.33
N VAL C 41 11.38 -29.56 60.47
CA VAL C 41 12.80 -29.71 60.76
C VAL C 41 13.26 -31.16 60.96
N ALA C 42 14.31 -31.54 60.24
CA ALA C 42 14.87 -32.90 60.32
C ALA C 42 15.27 -33.28 61.75
N LEU C 43 14.93 -34.52 62.13
CA LEU C 43 15.23 -35.05 63.46
C LEU C 43 16.49 -35.89 63.37
N LYS C 44 16.87 -36.20 62.15
CA LYS C 44 18.06 -36.99 61.90
C LYS C 44 18.43 -36.63 60.48
N ASP C 45 19.62 -37.01 60.07
CA ASP C 45 20.05 -36.72 58.71
C ASP C 45 19.08 -37.34 57.72
N ILE C 46 18.59 -36.52 56.80
CA ILE C 46 17.66 -36.99 55.79
C ILE C 46 18.35 -36.98 54.44
N SER C 47 18.18 -38.04 53.66
CA SER C 47 18.81 -38.09 52.36
C SER C 47 17.82 -37.71 51.29
N ARG C 48 18.33 -37.26 50.16
CA ARG C 48 17.47 -36.87 49.07
C ARG C 48 16.60 -38.05 48.71
N ASN C 49 15.31 -37.81 48.55
CA ASN C 49 14.29 -38.82 48.20
C ASN C 49 13.72 -39.66 49.33
N ASP C 50 14.17 -39.43 50.56
CA ASP C 50 13.66 -40.16 51.70
C ASP C 50 12.24 -39.66 51.95
N VAL C 51 11.32 -40.58 52.26
CA VAL C 51 9.95 -40.19 52.52
C VAL C 51 9.86 -39.48 53.85
N ILE C 52 9.43 -38.22 53.82
CA ILE C 52 9.32 -37.42 55.03
C ILE C 52 8.03 -37.73 55.77
N LEU C 53 6.96 -37.92 55.03
CA LEU C 53 5.69 -38.18 55.66
C LEU C 53 4.69 -38.73 54.65
N GLN C 54 3.64 -39.35 55.18
CA GLN C 54 2.57 -39.89 54.36
C GLN C 54 1.28 -39.72 55.12
N VAL C 55 0.37 -38.95 54.55
CA VAL C 55 -0.92 -38.69 55.17
C VAL C 55 -1.96 -39.56 54.45
N PRO C 56 -2.89 -40.17 55.20
CA PRO C 56 -3.94 -41.01 54.64
C PRO C 56 -5.07 -40.16 54.06
N LYS C 57 -5.61 -40.56 52.92
CA LYS C 57 -6.68 -39.82 52.25
C LYS C 57 -7.77 -39.40 53.22
N ARG C 58 -7.95 -40.20 54.25
CA ARG C 58 -8.95 -39.94 55.29
C ARG C 58 -8.82 -38.47 55.70
N LEU C 59 -7.58 -37.97 55.69
CA LEU C 59 -7.30 -36.60 56.11
C LEU C 59 -7.19 -35.49 55.06
N TRP C 60 -7.44 -35.80 53.78
CA TRP C 60 -7.38 -34.74 52.78
C TRP C 60 -8.52 -33.79 53.07
N ILE C 61 -8.58 -32.72 52.29
CA ILE C 61 -9.65 -31.75 52.35
C ILE C 61 -9.71 -31.28 50.92
N ASN C 62 -10.25 -32.12 50.05
CA ASN C 62 -10.37 -31.81 48.64
C ASN C 62 -11.83 -31.88 48.23
N PRO C 63 -12.13 -31.58 46.96
CA PRO C 63 -13.51 -31.63 46.49
C PRO C 63 -14.26 -32.93 46.82
N ASP C 64 -13.59 -34.07 46.72
CA ASP C 64 -14.22 -35.35 47.03
C ASP C 64 -14.63 -35.42 48.50
N ALA C 65 -13.86 -34.79 49.36
CA ALA C 65 -14.17 -34.80 50.78
C ALA C 65 -15.40 -33.93 51.08
N VAL C 66 -15.57 -32.82 50.36
CA VAL C 66 -16.73 -31.96 50.60
C VAL C 66 -17.97 -32.66 50.05
N ALA C 67 -17.79 -33.42 48.99
CA ALA C 67 -18.88 -34.15 48.38
C ALA C 67 -19.39 -35.21 49.35
N ALA C 68 -18.47 -35.80 50.11
CA ALA C 68 -18.83 -36.83 51.07
C ALA C 68 -19.22 -36.29 52.45
N SER C 69 -19.58 -35.02 52.52
CA SER C 69 -19.98 -34.43 53.79
C SER C 69 -21.40 -33.89 53.71
N GLU C 70 -21.93 -33.44 54.85
CA GLU C 70 -23.28 -32.91 54.90
C GLU C 70 -23.58 -31.86 53.86
N ILE C 71 -22.56 -31.11 53.44
CA ILE C 71 -22.79 -30.06 52.45
C ILE C 71 -22.50 -30.45 51.01
N GLY C 72 -22.12 -31.69 50.78
CA GLY C 72 -21.83 -32.14 49.41
C GLY C 72 -22.99 -31.96 48.45
N ARG C 73 -24.20 -32.03 49.00
CA ARG C 73 -25.41 -31.90 48.22
C ARG C 73 -25.52 -30.52 47.59
N VAL C 74 -25.65 -29.50 48.44
CA VAL C 74 -25.80 -28.12 47.98
C VAL C 74 -24.65 -27.58 47.14
N CYS C 75 -23.48 -28.19 47.25
CA CYS C 75 -22.31 -27.73 46.49
C CYS C 75 -22.13 -28.48 45.19
N SER C 76 -22.99 -29.46 44.94
CA SER C 76 -22.91 -30.29 43.75
C SER C 76 -22.54 -29.56 42.45
N GLU C 77 -23.06 -28.34 42.25
CA GLU C 77 -22.75 -27.58 41.04
C GLU C 77 -21.64 -26.53 41.21
N LEU C 78 -21.33 -26.18 42.46
CA LEU C 78 -20.29 -25.20 42.72
C LEU C 78 -18.94 -25.65 42.17
N LYS C 79 -18.15 -24.69 41.70
CA LYS C 79 -16.82 -24.99 41.20
C LYS C 79 -16.00 -25.57 42.36
N PRO C 80 -15.11 -26.53 42.09
CA PRO C 80 -14.30 -27.13 43.15
C PRO C 80 -13.81 -26.23 44.28
N TRP C 81 -13.14 -25.13 43.94
CA TRP C 81 -12.62 -24.25 44.99
C TRP C 81 -13.68 -23.58 45.85
N LEU C 82 -14.79 -23.20 45.22
CA LEU C 82 -15.89 -22.56 45.96
C LEU C 82 -16.43 -23.55 46.99
N SER C 83 -16.46 -24.82 46.62
CA SER C 83 -16.94 -25.85 47.53
C SER C 83 -15.99 -26.01 48.71
N VAL C 84 -14.69 -26.06 48.41
CA VAL C 84 -13.69 -26.23 49.46
C VAL C 84 -13.66 -25.03 50.38
N ILE C 85 -13.95 -23.86 49.84
CA ILE C 85 -13.99 -22.64 50.63
C ILE C 85 -15.07 -22.81 51.70
N LEU C 86 -16.28 -23.16 51.27
CA LEU C 86 -17.39 -23.36 52.21
C LEU C 86 -17.05 -24.48 53.20
N PHE C 87 -16.51 -25.57 52.68
CA PHE C 87 -16.16 -26.69 53.53
C PHE C 87 -15.19 -26.25 54.61
N LEU C 88 -14.18 -25.47 54.21
CA LEU C 88 -13.17 -24.98 55.12
C LEU C 88 -13.76 -24.08 56.19
N ILE C 89 -14.55 -23.11 55.75
CA ILE C 89 -15.20 -22.16 56.66
C ILE C 89 -16.09 -22.92 57.63
N ARG C 90 -16.83 -23.87 57.08
CA ARG C 90 -17.75 -24.68 57.87
C ARG C 90 -17.01 -25.50 58.92
N GLU C 91 -16.10 -26.36 58.47
CA GLU C 91 -15.31 -27.20 59.36
C GLU C 91 -14.59 -26.38 60.43
N ARG C 92 -14.17 -25.18 60.06
CA ARG C 92 -13.44 -24.32 61.00
C ARG C 92 -14.26 -24.03 62.25
N SER C 93 -15.58 -23.92 62.07
CA SER C 93 -16.51 -23.62 63.17
C SER C 93 -16.93 -24.84 63.99
N ARG C 94 -16.98 -26.00 63.35
CA ARG C 94 -17.39 -27.23 64.04
C ARG C 94 -16.46 -27.65 65.16
N GLU C 95 -17.01 -27.73 66.37
CA GLU C 95 -16.25 -28.12 67.55
C GLU C 95 -15.79 -29.57 67.49
N ASP C 96 -16.41 -30.36 66.63
CA ASP C 96 -16.07 -31.77 66.52
C ASP C 96 -15.38 -32.08 65.19
N SER C 97 -15.04 -31.04 64.44
CA SER C 97 -14.38 -31.20 63.14
C SER C 97 -13.17 -32.11 63.27
N VAL C 98 -12.88 -32.87 62.21
CA VAL C 98 -11.73 -33.78 62.24
C VAL C 98 -10.44 -32.99 62.20
N TRP C 99 -10.50 -31.79 61.64
CA TRP C 99 -9.32 -30.93 61.53
C TRP C 99 -9.34 -29.88 62.63
N LYS C 100 -9.93 -30.25 63.76
CA LYS C 100 -10.02 -29.35 64.89
C LYS C 100 -8.63 -28.86 65.28
N HIS C 101 -7.68 -29.79 65.35
CA HIS C 101 -6.29 -29.46 65.73
C HIS C 101 -5.50 -28.88 64.58
N TYR C 102 -5.95 -29.15 63.37
CA TYR C 102 -5.29 -28.62 62.19
C TYR C 102 -5.64 -27.13 62.07
N PHE C 103 -6.92 -26.82 62.13
CA PHE C 103 -7.35 -25.43 62.05
C PHE C 103 -6.75 -24.61 63.19
N GLY C 104 -6.36 -25.30 64.25
CA GLY C 104 -5.78 -24.62 65.40
C GLY C 104 -4.33 -24.22 65.20
N ILE C 105 -3.81 -24.49 64.00
CA ILE C 105 -2.43 -24.18 63.65
C ILE C 105 -2.39 -23.20 62.49
N LEU C 106 -3.42 -23.23 61.66
CA LEU C 106 -3.50 -22.36 60.48
C LEU C 106 -3.42 -20.87 60.76
N PRO C 107 -2.42 -20.19 60.20
CA PRO C 107 -2.27 -18.75 60.39
C PRO C 107 -3.55 -18.11 59.92
N GLN C 108 -3.99 -17.05 60.60
CA GLN C 108 -5.23 -16.41 60.18
C GLN C 108 -5.02 -15.55 58.96
N GLU C 109 -3.76 -15.42 58.55
CA GLU C 109 -3.46 -14.58 57.41
C GLU C 109 -2.04 -14.80 56.92
N THR C 110 -1.81 -14.54 55.65
CA THR C 110 -0.48 -14.67 55.06
C THR C 110 -0.16 -13.29 54.50
N ASP C 111 1.02 -13.14 53.91
CA ASP C 111 1.38 -11.84 53.37
C ASP C 111 0.90 -11.66 51.93
N SER C 112 0.01 -12.54 51.48
CA SER C 112 -0.51 -12.40 50.14
C SER C 112 -1.15 -11.01 50.02
N THR C 113 -1.13 -10.44 48.83
CA THR C 113 -1.70 -9.12 48.62
C THR C 113 -3.20 -9.03 48.89
N ILE C 114 -3.87 -10.17 48.93
CA ILE C 114 -5.30 -10.17 49.18
C ILE C 114 -5.61 -9.69 50.59
N TYR C 115 -4.59 -9.67 51.45
CA TYR C 115 -4.77 -9.26 52.83
C TYR C 115 -4.15 -7.89 53.11
N TRP C 116 -3.53 -7.29 52.11
CA TRP C 116 -2.89 -5.99 52.27
C TRP C 116 -3.89 -4.87 52.53
N SER C 117 -3.52 -3.97 53.45
CA SER C 117 -4.36 -2.84 53.79
C SER C 117 -4.27 -1.86 52.63
N GLU C 118 -5.14 -0.86 52.61
CA GLU C 118 -5.12 0.11 51.53
C GLU C 118 -3.78 0.84 51.42
N GLU C 119 -3.15 1.15 52.56
CA GLU C 119 -1.87 1.84 52.54
C GLU C 119 -0.83 0.91 51.91
N GLU C 120 -0.76 -0.31 52.43
CA GLU C 120 0.18 -1.30 51.95
C GLU C 120 0.03 -1.51 50.45
N LEU C 121 -1.19 -1.44 49.95
CA LEU C 121 -1.43 -1.63 48.53
C LEU C 121 -0.90 -0.45 47.74
N GLN C 122 -0.91 0.72 48.36
CA GLN C 122 -0.44 1.92 47.66
C GLN C 122 0.98 1.72 47.18
N GLU C 123 1.70 0.84 47.88
CA GLU C 123 3.08 0.55 47.55
C GLU C 123 3.25 -0.15 46.22
N LEU C 124 2.14 -0.67 45.68
CA LEU C 124 2.13 -1.39 44.41
C LEU C 124 1.49 -0.54 43.33
N GLN C 125 1.31 0.74 43.63
CA GLN C 125 0.71 1.68 42.70
C GLN C 125 1.26 1.57 41.30
N GLY C 126 0.38 1.33 40.34
CA GLY C 126 0.80 1.23 38.94
C GLY C 126 1.24 -0.15 38.51
N SER C 127 1.50 -1.03 39.47
CA SER C 127 1.96 -2.39 39.16
C SER C 127 0.85 -3.28 38.64
N GLN C 128 1.24 -4.28 37.85
CA GLN C 128 0.26 -5.21 37.31
C GLN C 128 -0.27 -6.05 38.47
N LEU C 129 0.61 -6.45 39.38
CA LEU C 129 0.20 -7.24 40.53
C LEU C 129 -0.97 -6.56 41.26
N LEU C 130 -0.96 -5.23 41.33
CA LEU C 130 -2.06 -4.53 41.98
C LEU C 130 -3.34 -4.72 41.20
N LYS C 131 -3.30 -4.43 39.91
CA LYS C 131 -4.47 -4.61 39.08
C LYS C 131 -5.00 -6.02 39.26
N THR C 132 -4.10 -6.99 39.24
CA THR C 132 -4.51 -8.38 39.38
C THR C 132 -5.16 -8.68 40.72
N THR C 133 -4.49 -8.30 41.81
CA THR C 133 -5.02 -8.59 43.14
C THR C 133 -6.38 -7.94 43.37
N VAL C 134 -6.55 -6.72 42.87
CA VAL C 134 -7.80 -6.00 43.00
C VAL C 134 -8.86 -6.82 42.27
N SER C 135 -8.56 -7.11 41.01
CA SER C 135 -9.44 -7.88 40.15
C SER C 135 -9.77 -9.22 40.80
N VAL C 136 -8.77 -9.90 41.32
CA VAL C 136 -8.98 -11.19 41.97
C VAL C 136 -9.83 -11.08 43.24
N LYS C 137 -9.53 -10.09 44.09
CA LYS C 137 -10.30 -9.92 45.32
C LYS C 137 -11.77 -9.69 45.01
N GLU C 138 -12.02 -8.85 44.01
CA GLU C 138 -13.39 -8.54 43.61
C GLU C 138 -14.13 -9.78 43.15
N TYR C 139 -13.54 -10.52 42.22
CA TYR C 139 -14.16 -11.74 41.71
C TYR C 139 -14.50 -12.70 42.84
N VAL C 140 -13.53 -12.98 43.70
CA VAL C 140 -13.76 -13.88 44.81
C VAL C 140 -14.91 -13.37 45.67
N LYS C 141 -14.89 -12.06 45.94
CA LYS C 141 -15.92 -11.42 46.76
C LYS C 141 -17.33 -11.66 46.21
N ASN C 142 -17.51 -11.37 44.93
CA ASN C 142 -18.80 -11.57 44.30
C ASN C 142 -19.17 -13.05 44.34
N GLU C 143 -18.29 -13.90 43.82
CA GLU C 143 -18.57 -15.33 43.82
C GLU C 143 -18.96 -15.82 45.20
N CYS C 144 -18.41 -15.19 46.24
CA CYS C 144 -18.72 -15.59 47.61
C CYS C 144 -20.00 -14.97 48.17
N LEU C 145 -20.36 -13.77 47.70
CA LEU C 145 -21.59 -13.14 48.15
C LEU C 145 -22.71 -13.91 47.48
N LYS C 146 -22.38 -14.48 46.33
CA LYS C 146 -23.31 -15.29 45.54
C LYS C 146 -23.53 -16.61 46.26
N LEU C 147 -22.47 -17.18 46.82
CA LEU C 147 -22.58 -18.43 47.56
C LEU C 147 -23.38 -18.18 48.82
N GLU C 148 -23.17 -17.02 49.42
CA GLU C 148 -23.87 -16.66 50.64
C GLU C 148 -25.38 -16.72 50.48
N GLN C 149 -25.88 -16.19 49.37
CA GLN C 149 -27.31 -16.19 49.12
C GLN C 149 -27.85 -17.46 48.47
N GLU C 150 -27.02 -18.14 47.69
CA GLU C 150 -27.46 -19.35 47.01
C GLU C 150 -27.26 -20.66 47.76
N ILE C 151 -26.29 -20.72 48.68
CA ILE C 151 -26.05 -21.95 49.41
C ILE C 151 -25.99 -21.77 50.91
N ILE C 152 -25.37 -20.70 51.37
CA ILE C 152 -25.24 -20.48 52.81
C ILE C 152 -26.52 -20.04 53.53
N LEU C 153 -27.16 -18.99 53.04
CA LEU C 153 -28.39 -18.49 53.67
C LEU C 153 -29.56 -19.46 53.55
N PRO C 154 -29.88 -19.89 52.32
CA PRO C 154 -31.00 -20.82 52.16
C PRO C 154 -30.86 -22.13 52.94
N ASN C 155 -29.66 -22.39 53.44
CA ASN C 155 -29.43 -23.61 54.22
C ASN C 155 -28.89 -23.27 55.60
N LYS C 156 -29.51 -22.25 56.21
CA LYS C 156 -29.17 -21.75 57.54
C LYS C 156 -28.90 -22.86 58.56
N ARG C 157 -29.37 -24.07 58.26
CA ARG C 157 -29.17 -25.20 59.15
C ARG C 157 -27.73 -25.72 59.10
N LEU C 158 -27.25 -26.02 57.89
CA LEU C 158 -25.89 -26.53 57.71
C LEU C 158 -24.86 -25.48 58.10
N PHE C 159 -25.17 -24.20 57.86
CA PHE C 159 -24.26 -23.12 58.20
C PHE C 159 -24.89 -22.26 59.27
N PRO C 160 -24.74 -22.65 60.55
CA PRO C 160 -25.29 -21.93 61.70
C PRO C 160 -24.84 -20.46 61.78
N ASP C 161 -23.59 -20.25 62.17
CA ASP C 161 -23.03 -18.90 62.32
C ASP C 161 -22.92 -18.16 60.98
N PRO C 162 -22.85 -16.82 61.03
CA PRO C 162 -22.74 -16.01 59.82
C PRO C 162 -21.36 -16.19 59.16
N VAL C 163 -21.27 -15.83 57.88
CA VAL C 163 -20.01 -15.95 57.16
C VAL C 163 -19.67 -14.62 56.50
N THR C 164 -18.57 -14.01 56.94
CA THR C 164 -18.13 -12.71 56.44
C THR C 164 -17.07 -12.86 55.35
N LEU C 165 -16.77 -11.75 54.67
CA LEU C 165 -15.77 -11.77 53.61
C LEU C 165 -14.44 -12.24 54.15
N ASP C 166 -14.11 -11.78 55.36
CA ASP C 166 -12.87 -12.17 55.99
C ASP C 166 -12.81 -13.69 56.15
N ASP C 167 -13.97 -14.31 56.29
CA ASP C 167 -14.04 -15.77 56.41
C ASP C 167 -13.80 -16.37 55.04
N PHE C 168 -14.32 -15.71 54.02
CA PHE C 168 -14.15 -16.18 52.66
C PHE C 168 -12.69 -16.07 52.25
N PHE C 169 -12.14 -14.86 52.36
CA PHE C 169 -10.75 -14.63 52.01
C PHE C 169 -9.79 -15.46 52.86
N TRP C 170 -10.24 -15.86 54.04
CA TRP C 170 -9.41 -16.69 54.90
C TRP C 170 -9.28 -18.03 54.20
N ALA C 171 -10.41 -18.59 53.80
CA ALA C 171 -10.47 -19.88 53.11
C ALA C 171 -9.74 -19.81 51.79
N PHE C 172 -10.14 -18.86 50.94
CA PHE C 172 -9.50 -18.69 49.65
C PHE C 172 -7.98 -18.65 49.86
N GLY C 173 -7.54 -17.94 50.91
CA GLY C 173 -6.13 -17.84 51.20
C GLY C 173 -5.51 -19.17 51.60
N ILE C 174 -6.12 -19.82 52.58
CA ILE C 174 -5.64 -21.12 53.05
C ILE C 174 -5.57 -22.07 51.88
N LEU C 175 -6.57 -21.98 51.02
CA LEU C 175 -6.62 -22.85 49.87
C LEU C 175 -5.47 -22.57 48.94
N ARG C 176 -5.41 -21.35 48.43
CA ARG C 176 -4.38 -20.93 47.49
C ARG C 176 -2.92 -20.90 47.96
N SER C 177 -2.69 -20.85 49.27
CA SER C 177 -1.31 -20.82 49.73
C SER C 177 -0.83 -22.17 50.24
N ARG C 178 -1.77 -23.06 50.58
CA ARG C 178 -1.40 -24.36 51.12
C ARG C 178 -1.72 -25.60 50.29
N ALA C 179 -2.82 -25.57 49.55
CA ALA C 179 -3.23 -26.74 48.76
C ALA C 179 -2.18 -27.18 47.75
N PHE C 180 -2.07 -28.49 47.55
CA PHE C 180 -1.12 -29.02 46.57
C PHE C 180 -1.94 -29.32 45.32
N SER C 181 -1.32 -29.23 44.15
CA SER C 181 -2.08 -29.49 42.93
C SER C 181 -1.32 -30.15 41.81
N ARG C 182 -0.01 -30.34 41.98
CA ARG C 182 0.79 -31.00 40.94
C ARG C 182 0.52 -32.50 40.95
N LEU C 183 -0.49 -32.88 41.73
CA LEU C 183 -0.91 -34.27 41.87
C LEU C 183 -1.69 -34.70 40.63
N ARG C 184 -1.65 -35.99 40.33
CA ARG C 184 -2.38 -36.51 39.16
C ARG C 184 -3.82 -36.84 39.56
N ASN C 185 -4.78 -36.42 38.75
CA ASN C 185 -6.19 -36.67 39.04
C ASN C 185 -6.65 -35.83 40.22
N GLU C 186 -5.80 -34.90 40.65
CA GLU C 186 -6.10 -34.03 41.78
C GLU C 186 -5.38 -32.68 41.67
N ASN C 187 -6.12 -31.58 41.57
CA ASN C 187 -5.50 -30.27 41.45
C ASN C 187 -5.99 -29.27 42.52
N LEU C 188 -6.37 -29.80 43.67
CA LEU C 188 -6.84 -29.00 44.79
C LEU C 188 -6.91 -29.97 45.96
N VAL C 189 -5.88 -29.98 46.78
CA VAL C 189 -5.84 -30.89 47.91
C VAL C 189 -5.10 -30.32 49.11
N VAL C 190 -5.83 -30.04 50.17
CA VAL C 190 -5.23 -29.53 51.39
C VAL C 190 -4.74 -30.77 52.17
N VAL C 191 -3.48 -30.75 52.61
CA VAL C 191 -2.93 -31.90 53.35
C VAL C 191 -2.18 -31.51 54.64
N PRO C 192 -2.86 -31.60 55.80
CA PRO C 192 -2.43 -31.30 57.18
C PRO C 192 -0.95 -31.14 57.59
N MET C 193 -0.21 -32.23 57.63
CA MET C 193 1.19 -32.10 58.04
C MET C 193 2.09 -31.72 56.87
N ALA C 194 1.80 -32.29 55.70
CA ALA C 194 2.58 -32.01 54.50
C ALA C 194 2.53 -30.55 54.07
N ASP C 195 1.51 -29.82 54.48
CA ASP C 195 1.42 -28.43 54.04
C ASP C 195 2.10 -27.47 55.02
N LEU C 196 2.94 -28.04 55.88
CA LEU C 196 3.72 -27.24 56.83
C LEU C 196 5.11 -26.97 56.24
N ILE C 197 5.48 -27.71 55.19
CA ILE C 197 6.76 -27.54 54.52
C ILE C 197 6.79 -26.23 53.77
N ASN C 198 7.88 -25.48 53.91
CA ASN C 198 8.02 -24.19 53.25
C ASN C 198 8.74 -24.27 51.90
N HIS C 199 8.80 -23.13 51.20
CA HIS C 199 9.45 -23.04 49.90
C HIS C 199 10.90 -22.57 50.01
N SER C 200 11.73 -22.99 49.05
CA SER C 200 13.15 -22.60 49.03
C SER C 200 13.73 -22.59 47.63
N ALA C 201 14.31 -21.47 47.22
CA ALA C 201 14.89 -21.40 45.89
C ALA C 201 15.98 -22.45 45.78
N GLY C 202 16.39 -22.98 46.92
CA GLY C 202 17.42 -24.00 46.95
C GLY C 202 17.02 -25.28 46.22
N VAL C 203 15.72 -25.55 46.22
CA VAL C 203 15.21 -26.74 45.56
C VAL C 203 15.00 -26.40 44.10
N THR C 204 15.77 -27.04 43.24
CA THR C 204 15.68 -26.78 41.82
C THR C 204 15.53 -28.02 40.96
N THR C 205 14.54 -28.84 41.29
CA THR C 205 14.26 -30.03 40.50
C THR C 205 12.86 -29.67 40.02
N GLU C 206 12.45 -30.12 38.84
CA GLU C 206 11.11 -29.73 38.39
C GLU C 206 10.08 -30.78 38.76
N ASP C 207 10.56 -31.88 39.33
CA ASP C 207 9.71 -32.97 39.74
C ASP C 207 9.17 -32.72 41.14
N HIS C 208 7.87 -32.52 41.28
CA HIS C 208 7.28 -32.31 42.59
C HIS C 208 7.75 -33.42 43.55
N ALA C 209 7.91 -33.05 44.82
CA ALA C 209 8.37 -33.99 45.83
C ALA C 209 7.27 -34.86 46.40
N TYR C 210 6.08 -34.76 45.83
CA TYR C 210 4.97 -35.52 46.34
C TYR C 210 4.09 -36.21 45.31
N GLU C 211 3.42 -37.26 45.76
CA GLU C 211 2.50 -38.01 44.92
C GLU C 211 1.63 -38.93 45.78
N VAL C 212 0.55 -39.44 45.19
CA VAL C 212 -0.35 -40.32 45.89
C VAL C 212 0.03 -41.76 45.60
N LYS C 213 0.13 -42.58 46.64
CA LYS C 213 0.44 -43.99 46.43
C LYS C 213 -0.48 -44.82 47.32
N GLY C 214 -0.96 -45.93 46.77
CA GLY C 214 -1.87 -46.80 47.49
C GLY C 214 -1.20 -47.98 48.17
N ALA C 215 -1.90 -48.57 49.13
CA ALA C 215 -1.38 -49.72 49.88
C ALA C 215 -2.39 -50.86 50.02
N ALA C 216 -1.87 -52.05 50.28
CA ALA C 216 -2.69 -53.24 50.46
C ALA C 216 -3.76 -53.45 49.37
N GLY C 217 -5.02 -53.54 49.82
CA GLY C 217 -6.11 -53.78 48.89
C GLY C 217 -6.30 -52.73 47.80
N LEU C 218 -5.64 -51.59 47.92
CA LEU C 218 -5.74 -50.50 46.95
C LEU C 218 -7.13 -49.86 46.98
N PHE C 219 -7.77 -49.82 48.15
CA PHE C 219 -9.09 -49.21 48.24
C PHE C 219 -8.92 -47.69 48.40
N SER C 220 -9.94 -46.93 48.05
CA SER C 220 -9.86 -45.47 48.15
C SER C 220 -9.23 -44.97 49.45
N TRP C 221 -9.65 -45.53 50.58
CA TRP C 221 -9.10 -45.10 51.86
C TRP C 221 -7.66 -45.59 52.04
N ASP C 222 -7.22 -46.50 51.18
CA ASP C 222 -5.86 -47.04 51.24
C ASP C 222 -4.82 -46.14 50.57
N TYR C 223 -5.29 -45.09 49.91
CA TYR C 223 -4.39 -44.19 49.22
C TYR C 223 -3.93 -43.06 50.12
N LEU C 224 -2.64 -42.75 50.05
CA LEU C 224 -2.07 -41.68 50.86
C LEU C 224 -1.08 -40.76 50.12
N PHE C 225 -1.03 -39.51 50.60
CA PHE C 225 -0.19 -38.45 50.06
C PHE C 225 1.22 -38.71 50.56
N SER C 226 2.11 -39.08 49.66
CA SER C 226 3.48 -39.35 50.06
C SER C 226 4.43 -38.26 49.57
N LEU C 227 5.26 -37.74 50.49
CA LEU C 227 6.20 -36.69 50.13
C LEU C 227 7.61 -37.00 50.62
N LYS C 228 8.56 -36.93 49.69
CA LYS C 228 9.96 -37.19 49.99
C LYS C 228 10.77 -35.89 49.89
N SER C 229 11.92 -35.86 50.55
CA SER C 229 12.73 -34.66 50.55
C SER C 229 13.57 -34.52 49.29
N PRO C 230 13.33 -33.46 48.52
CA PRO C 230 14.08 -33.23 47.28
C PRO C 230 15.59 -32.98 47.52
N LEU C 231 15.92 -32.63 48.76
CA LEU C 231 17.31 -32.36 49.12
C LEU C 231 17.77 -33.14 50.33
N SER C 232 19.07 -33.20 50.54
CA SER C 232 19.59 -33.87 51.71
C SER C 232 19.61 -32.79 52.78
N VAL C 233 19.04 -33.09 53.93
CA VAL C 233 18.98 -32.14 55.01
C VAL C 233 19.60 -32.75 56.26
N LYS C 234 20.62 -32.10 56.81
CA LYS C 234 21.22 -32.63 58.02
C LYS C 234 20.31 -32.30 59.21
N ALA C 235 20.37 -33.15 60.22
CA ALA C 235 19.55 -33.00 61.42
C ALA C 235 19.52 -31.57 61.95
N GLY C 236 18.32 -31.05 62.14
CA GLY C 236 18.19 -29.71 62.65
C GLY C 236 17.87 -28.68 61.59
N GLU C 237 18.25 -28.97 60.35
CA GLU C 237 17.98 -28.04 59.24
C GLU C 237 16.55 -28.25 58.75
N GLN C 238 15.97 -27.20 58.16
CA GLN C 238 14.61 -27.27 57.67
C GLN C 238 14.49 -28.04 56.36
N VAL C 239 13.35 -28.71 56.19
CA VAL C 239 13.10 -29.47 54.97
C VAL C 239 12.24 -28.59 54.09
N TYR C 240 12.71 -28.34 52.87
CA TYR C 240 12.00 -27.49 51.91
C TYR C 240 11.68 -28.27 50.64
N ILE C 241 10.85 -27.64 49.81
CA ILE C 241 10.46 -28.17 48.51
C ILE C 241 10.28 -26.94 47.62
N GLN C 242 10.29 -27.12 46.31
CA GLN C 242 10.13 -25.99 45.41
C GLN C 242 8.66 -25.89 45.08
N TYR C 243 8.00 -24.85 45.55
CA TYR C 243 6.58 -24.71 45.28
C TYR C 243 6.26 -24.67 43.79
N ASP C 244 7.00 -23.90 43.02
CA ASP C 244 6.69 -23.82 41.61
C ASP C 244 7.75 -23.02 40.85
N LEU C 245 8.49 -23.68 39.98
CA LEU C 245 9.52 -23.00 39.24
C LEU C 245 9.04 -22.04 38.15
N ASN C 246 7.84 -22.25 37.64
CA ASN C 246 7.36 -21.40 36.57
C ASN C 246 6.54 -20.19 36.99
N LYS C 247 6.26 -20.08 38.27
CA LYS C 247 5.49 -18.94 38.73
C LYS C 247 6.35 -17.70 38.74
N SER C 248 5.78 -16.57 38.35
CA SER C 248 6.49 -15.30 38.35
C SER C 248 6.47 -14.82 39.81
N ASN C 249 7.23 -13.78 40.10
CA ASN C 249 7.26 -13.24 41.43
C ASN C 249 5.88 -12.72 41.80
N ALA C 250 5.17 -12.16 40.83
CA ALA C 250 3.84 -11.64 41.04
C ALA C 250 2.92 -12.79 41.50
N GLU C 251 3.08 -13.94 40.87
CA GLU C 251 2.27 -15.09 41.26
C GLU C 251 2.64 -15.54 42.67
N LEU C 252 3.93 -15.51 43.00
CA LEU C 252 4.34 -15.92 44.33
C LEU C 252 3.79 -14.93 45.35
N ALA C 253 3.75 -13.66 45.00
CA ALA C 253 3.25 -12.65 45.93
C ALA C 253 1.75 -12.83 46.17
N LEU C 254 1.03 -13.16 45.11
CA LEU C 254 -0.40 -13.34 45.22
C LEU C 254 -0.80 -14.69 45.79
N ASP C 255 -0.05 -15.74 45.46
CA ASP C 255 -0.39 -17.07 45.95
C ASP C 255 0.11 -17.34 47.36
N TYR C 256 1.29 -16.81 47.69
CA TYR C 256 1.87 -16.99 49.03
C TYR C 256 2.32 -15.61 49.51
N GLY C 257 2.82 -15.50 50.73
CA GLY C 257 3.22 -14.16 51.16
C GLY C 257 4.65 -13.80 50.85
N PHE C 258 5.15 -14.14 49.67
CA PHE C 258 6.56 -13.86 49.35
C PHE C 258 6.95 -13.79 47.87
N ILE C 259 8.18 -13.32 47.64
CA ILE C 259 8.77 -13.21 46.31
C ILE C 259 10.23 -13.62 46.40
N GLU C 260 10.91 -13.73 45.25
CA GLU C 260 12.33 -14.11 45.25
C GLU C 260 13.21 -13.03 44.62
N PRO C 261 14.46 -12.91 45.11
CA PRO C 261 15.43 -11.92 44.61
C PRO C 261 15.81 -12.21 43.17
N ASN C 262 15.69 -13.48 42.79
CA ASN C 262 16.04 -13.92 41.46
C ASN C 262 15.29 -13.18 40.37
N GLU C 263 15.97 -12.23 39.75
CA GLU C 263 15.37 -11.42 38.69
C GLU C 263 14.74 -12.21 37.57
N ASN C 264 15.03 -13.51 37.49
CA ASN C 264 14.42 -14.33 36.45
C ASN C 264 12.97 -14.64 36.76
N ARG C 265 12.55 -14.40 37.99
CA ARG C 265 11.16 -14.64 38.42
C ARG C 265 10.27 -13.46 38.04
N HIS C 266 10.90 -12.38 37.59
CA HIS C 266 10.17 -11.18 37.20
C HIS C 266 9.49 -11.36 35.85
N ALA C 267 8.20 -11.06 35.81
CA ALA C 267 7.46 -11.17 34.57
C ALA C 267 6.41 -10.08 34.52
N TYR C 268 5.88 -9.87 33.33
CA TYR C 268 4.84 -8.87 33.10
C TYR C 268 4.03 -9.52 31.99
N THR C 269 2.73 -9.63 32.17
CA THR C 269 1.93 -10.25 31.13
C THR C 269 1.15 -9.24 30.30
N LEU C 270 1.29 -9.37 28.99
CA LEU C 270 0.61 -8.51 28.06
C LEU C 270 -0.65 -9.20 27.65
N THR C 271 -1.75 -8.47 27.57
CA THR C 271 -3.00 -9.06 27.13
C THR C 271 -3.39 -8.50 25.77
N LEU C 272 -3.48 -9.39 24.79
CA LEU C 272 -3.85 -9.00 23.45
C LEU C 272 -5.23 -9.58 23.19
N GLU C 273 -6.03 -8.90 22.38
CA GLU C 273 -7.35 -9.38 22.07
C GLU C 273 -7.84 -8.81 20.76
N ILE C 274 -8.50 -9.65 19.97
CA ILE C 274 -9.05 -9.26 18.70
C ILE C 274 -10.35 -8.54 19.01
N SER C 275 -10.30 -7.21 19.04
CA SER C 275 -11.48 -6.42 19.35
C SER C 275 -12.61 -6.62 18.35
N GLU C 276 -13.84 -6.50 18.84
CA GLU C 276 -15.02 -6.65 17.99
C GLU C 276 -15.28 -5.43 17.14
N SER C 277 -14.60 -4.33 17.47
CA SER C 277 -14.74 -3.10 16.71
C SER C 277 -13.73 -3.10 15.57
N ASP C 278 -13.03 -4.22 15.41
CA ASP C 278 -12.04 -4.38 14.35
C ASP C 278 -12.81 -4.76 13.09
N PRO C 279 -12.58 -4.03 12.00
CA PRO C 279 -13.25 -4.31 10.72
C PRO C 279 -13.09 -5.73 10.18
N PHE C 280 -12.13 -6.47 10.71
CA PHE C 280 -11.93 -7.83 10.25
C PHE C 280 -12.08 -8.81 11.40
N PHE C 281 -12.85 -8.41 12.41
CA PHE C 281 -13.04 -9.23 13.58
C PHE C 281 -13.22 -10.72 13.29
N ASP C 282 -14.37 -11.07 12.74
CA ASP C 282 -14.67 -12.45 12.43
C ASP C 282 -13.52 -13.24 11.80
N ASP C 283 -12.94 -12.72 10.73
CA ASP C 283 -11.85 -13.41 10.07
C ASP C 283 -10.63 -13.58 10.99
N LYS C 284 -10.29 -12.52 11.72
CA LYS C 284 -9.15 -12.61 12.63
C LYS C 284 -9.45 -13.67 13.71
N LEU C 285 -10.55 -13.47 14.44
CA LEU C 285 -10.90 -14.43 15.49
C LEU C 285 -10.83 -15.85 14.98
N ASP C 286 -11.36 -16.05 13.78
CA ASP C 286 -11.35 -17.36 13.17
C ASP C 286 -9.92 -17.87 13.07
N VAL C 287 -9.02 -17.02 12.60
CA VAL C 287 -7.61 -17.41 12.46
C VAL C 287 -7.00 -17.78 13.80
N ALA C 288 -7.22 -16.92 14.79
CA ALA C 288 -6.69 -17.12 16.14
C ALA C 288 -7.13 -18.47 16.73
N GLU C 289 -8.42 -18.74 16.68
CA GLU C 289 -8.93 -19.99 17.23
C GLU C 289 -8.46 -21.20 16.45
N SER C 290 -8.33 -21.06 15.14
CA SER C 290 -7.88 -22.17 14.31
C SER C 290 -6.43 -22.54 14.62
N ASN C 291 -5.77 -21.70 15.42
CA ASN C 291 -4.39 -21.92 15.79
C ASN C 291 -4.18 -21.94 17.30
N GLY C 292 -5.24 -22.22 18.04
CA GLY C 292 -5.12 -22.31 19.48
C GLY C 292 -5.14 -21.06 20.34
N PHE C 293 -5.75 -19.99 19.86
CA PHE C 293 -5.82 -18.77 20.64
C PHE C 293 -7.25 -18.27 20.71
N ALA C 294 -7.56 -17.54 21.77
CA ALA C 294 -8.90 -17.02 21.96
C ALA C 294 -9.04 -15.56 21.58
N GLN C 295 -10.28 -15.09 21.62
CA GLN C 295 -10.64 -13.71 21.31
C GLN C 295 -9.78 -12.81 22.19
N THR C 296 -9.27 -13.36 23.29
CA THR C 296 -8.40 -12.65 24.21
C THR C 296 -7.30 -13.62 24.61
N ALA C 297 -6.05 -13.20 24.52
CA ALA C 297 -4.91 -14.05 24.87
C ALA C 297 -3.97 -13.36 25.85
N TYR C 298 -3.40 -14.12 26.78
CA TYR C 298 -2.47 -13.52 27.73
C TYR C 298 -1.08 -14.09 27.50
N PHE C 299 -0.10 -13.22 27.32
CA PHE C 299 1.26 -13.66 27.11
C PHE C 299 2.15 -13.19 28.26
N ASP C 300 2.80 -14.15 28.92
CA ASP C 300 3.68 -13.85 30.03
C ASP C 300 5.09 -13.63 29.52
N ILE C 301 5.61 -12.43 29.78
CA ILE C 301 6.94 -12.08 29.37
C ILE C 301 7.83 -12.01 30.59
N PHE C 302 8.78 -12.95 30.65
CA PHE C 302 9.71 -13.03 31.77
C PHE C 302 11.03 -12.32 31.50
N TYR C 303 11.58 -11.71 32.53
CA TYR C 303 12.84 -11.01 32.40
C TYR C 303 13.90 -11.93 31.82
N ASN C 304 14.65 -11.42 30.85
CA ASN C 304 15.71 -12.17 30.21
C ASN C 304 15.31 -13.41 29.41
N ARG C 305 14.02 -13.55 29.12
CA ARG C 305 13.56 -14.69 28.33
C ARG C 305 13.13 -14.20 26.95
N THR C 306 13.29 -15.02 25.93
CA THR C 306 12.87 -14.63 24.60
C THR C 306 11.35 -14.52 24.68
N LEU C 307 10.77 -13.55 23.98
CA LEU C 307 9.32 -13.37 23.99
C LEU C 307 8.64 -14.71 23.72
N PRO C 308 7.53 -14.99 24.43
CA PRO C 308 6.81 -16.26 24.26
C PRO C 308 6.36 -16.49 22.81
N PRO C 309 6.26 -17.76 22.39
CA PRO C 309 5.82 -18.01 21.01
C PRO C 309 4.38 -17.58 20.96
N GLY C 310 3.96 -17.05 19.81
CA GLY C 310 2.59 -16.62 19.69
C GLY C 310 2.46 -15.13 19.86
N LEU C 311 3.19 -14.52 20.79
CA LEU C 311 3.08 -13.07 20.98
C LEU C 311 3.19 -12.26 19.70
N LEU C 312 4.30 -12.43 18.99
CA LEU C 312 4.47 -11.67 17.75
C LEU C 312 3.37 -11.93 16.73
N PRO C 313 3.19 -13.19 16.30
CA PRO C 313 2.14 -13.43 15.31
C PRO C 313 0.77 -12.90 15.76
N TYR C 314 0.49 -12.98 17.06
CA TYR C 314 -0.79 -12.48 17.56
C TYR C 314 -0.83 -10.97 17.40
N LEU C 315 0.24 -10.30 17.82
CA LEU C 315 0.32 -8.84 17.71
C LEU C 315 0.11 -8.47 16.24
N ARG C 316 0.74 -9.21 15.34
CA ARG C 316 0.61 -8.92 13.91
C ARG C 316 -0.85 -9.08 13.49
N LEU C 317 -1.50 -10.14 13.95
CA LEU C 317 -2.88 -10.36 13.61
C LEU C 317 -3.69 -9.20 14.18
N VAL C 318 -3.40 -8.80 15.40
CA VAL C 318 -4.13 -7.71 16.01
C VAL C 318 -4.03 -6.44 15.20
N ALA C 319 -2.87 -6.18 14.60
CA ALA C 319 -2.68 -4.96 13.83
C ALA C 319 -2.78 -5.12 12.32
N LEU C 320 -3.30 -6.26 11.86
CA LEU C 320 -3.40 -6.54 10.43
C LEU C 320 -3.79 -5.39 9.52
N GLY C 321 -4.99 -4.83 9.67
CA GLY C 321 -5.37 -3.71 8.81
C GLY C 321 -5.60 -3.95 7.32
N GLY C 322 -6.21 -2.97 6.66
CA GLY C 322 -6.52 -3.07 5.24
C GLY C 322 -5.44 -3.52 4.28
N THR C 323 -4.26 -2.91 4.37
CA THR C 323 -3.15 -3.24 3.47
C THR C 323 -2.85 -4.72 3.32
N ASP C 324 -2.99 -5.46 4.42
CA ASP C 324 -2.70 -6.89 4.42
C ASP C 324 -3.94 -7.77 4.57
N ALA C 325 -5.11 -7.15 4.63
CA ALA C 325 -6.35 -7.90 4.79
C ALA C 325 -6.49 -9.09 3.84
N PHE C 326 -5.76 -9.07 2.73
CA PHE C 326 -5.84 -10.17 1.76
C PHE C 326 -5.40 -11.51 2.35
N LEU C 327 -4.60 -11.47 3.41
CA LEU C 327 -4.12 -12.68 4.06
C LEU C 327 -5.21 -13.43 4.81
N LEU C 328 -6.30 -12.73 5.13
CA LEU C 328 -7.41 -13.34 5.85
C LEU C 328 -8.28 -14.20 4.95
N GLU C 329 -8.10 -14.06 3.63
CA GLU C 329 -8.89 -14.82 2.67
C GLU C 329 -8.76 -16.33 2.85
N SER C 330 -9.68 -17.07 2.26
CA SER C 330 -9.71 -18.52 2.35
C SER C 330 -8.41 -19.13 1.83
N LEU C 331 -7.90 -18.57 0.75
CA LEU C 331 -6.68 -19.05 0.14
C LEU C 331 -5.54 -19.25 1.14
N PHE C 332 -5.46 -18.38 2.12
CA PHE C 332 -4.39 -18.45 3.11
C PHE C 332 -4.74 -19.10 4.45
N ARG C 333 -5.99 -19.47 4.65
CA ARG C 333 -6.39 -20.09 5.91
C ARG C 333 -5.64 -21.35 6.27
N ASP C 334 -4.51 -21.57 5.63
CA ASP C 334 -3.69 -22.75 5.92
C ASP C 334 -2.24 -22.37 6.07
N THR C 335 -1.91 -21.17 5.61
CA THR C 335 -0.53 -20.68 5.68
C THR C 335 -0.46 -19.35 6.41
N ILE C 336 -1.61 -18.77 6.72
CA ILE C 336 -1.66 -17.49 7.41
C ILE C 336 -0.96 -17.43 8.75
N TRP C 337 -1.14 -18.45 9.59
CA TRP C 337 -0.45 -18.39 10.86
C TRP C 337 1.06 -18.48 10.64
N GLY C 338 1.46 -19.19 9.60
CA GLY C 338 2.88 -19.31 9.29
C GLY C 338 3.43 -17.97 8.85
N HIS C 339 2.64 -17.22 8.06
CA HIS C 339 3.10 -15.92 7.59
C HIS C 339 3.11 -14.97 8.76
N LEU C 340 2.03 -14.97 9.56
CA LEU C 340 1.98 -14.09 10.74
C LEU C 340 3.21 -14.35 11.58
N GLU C 341 3.64 -15.62 11.59
CA GLU C 341 4.79 -16.06 12.35
C GLU C 341 6.09 -15.47 11.80
N LEU C 342 6.23 -15.49 10.47
CA LEU C 342 7.42 -14.90 9.86
C LEU C 342 7.33 -13.38 9.99
N SER C 343 6.33 -12.77 9.35
CA SER C 343 6.07 -11.33 9.40
C SER C 343 5.15 -11.03 8.25
N VAL C 344 4.44 -9.90 8.34
CA VAL C 344 3.47 -9.54 7.31
C VAL C 344 3.95 -8.43 6.38
N SER C 345 4.11 -7.23 6.92
CA SER C 345 4.54 -6.09 6.14
C SER C 345 5.14 -5.02 7.05
N ARG C 346 6.00 -4.18 6.48
CA ARG C 346 6.63 -3.14 7.24
C ARG C 346 5.59 -2.26 7.95
N ASP C 347 4.45 -2.04 7.32
CA ASP C 347 3.43 -1.20 7.93
C ASP C 347 2.82 -1.91 9.12
N ASN C 348 2.63 -3.22 8.96
CA ASN C 348 2.07 -4.01 10.03
C ASN C 348 3.06 -4.05 11.21
N GLU C 349 4.30 -4.43 10.90
CA GLU C 349 5.34 -4.52 11.90
C GLU C 349 5.53 -3.18 12.61
N GLU C 350 5.63 -2.10 11.83
CA GLU C 350 5.81 -0.76 12.37
C GLU C 350 4.74 -0.42 13.39
N LEU C 351 3.49 -0.62 12.96
CA LEU C 351 2.32 -0.34 13.78
C LEU C 351 2.34 -1.06 15.13
N LEU C 352 2.47 -2.38 15.10
CA LEU C 352 2.49 -3.16 16.33
C LEU C 352 3.60 -2.68 17.28
N CYS C 353 4.75 -2.35 16.70
CA CYS C 353 5.87 -1.88 17.50
C CYS C 353 5.50 -0.64 18.28
N LYS C 354 4.96 0.35 17.59
CA LYS C 354 4.61 1.59 18.25
C LYS C 354 3.56 1.33 19.32
N ALA C 355 2.61 0.45 19.00
CA ALA C 355 1.55 0.11 19.94
C ALA C 355 2.13 -0.45 21.24
N VAL C 356 3.04 -1.41 21.10
CA VAL C 356 3.69 -2.06 22.25
C VAL C 356 4.52 -1.06 23.02
N ARG C 357 5.30 -0.29 22.28
CA ARG C 357 6.16 0.69 22.90
C ARG C 357 5.37 1.74 23.65
N GLU C 358 4.33 2.29 23.01
CA GLU C 358 3.50 3.31 23.63
C GLU C 358 2.87 2.78 24.91
N ALA C 359 2.45 1.51 24.88
CA ALA C 359 1.84 0.87 26.03
C ALA C 359 2.83 0.77 27.17
N CYS C 360 4.06 0.37 26.83
CA CYS C 360 5.13 0.24 27.82
C CYS C 360 5.46 1.57 28.48
N LYS C 361 5.64 2.60 27.64
CA LYS C 361 5.96 3.92 28.15
C LYS C 361 4.86 4.39 29.05
N SER C 362 3.63 4.20 28.60
CA SER C 362 2.49 4.63 29.37
C SER C 362 2.41 3.86 30.69
N ALA C 363 2.68 2.57 30.63
CA ALA C 363 2.62 1.75 31.84
C ALA C 363 3.69 2.19 32.83
N LEU C 364 4.90 2.41 32.32
CA LEU C 364 6.04 2.84 33.14
C LEU C 364 5.80 4.14 33.91
N ALA C 365 5.10 5.08 33.28
CA ALA C 365 4.80 6.35 33.90
C ALA C 365 3.88 6.19 35.12
N GLY C 366 3.13 5.10 35.16
CA GLY C 366 2.21 4.87 36.27
C GLY C 366 2.81 4.56 37.62
N TYR C 367 4.05 4.08 37.66
CA TYR C 367 4.70 3.75 38.93
C TYR C 367 5.07 5.04 39.68
N HIS C 368 5.22 4.97 41.00
CA HIS C 368 5.53 6.16 41.77
C HIS C 368 6.93 6.18 42.38
N THR C 369 7.82 5.34 41.84
CA THR C 369 9.19 5.26 42.31
C THR C 369 10.01 4.77 41.14
N THR C 370 11.23 5.27 41.01
CA THR C 370 12.09 4.86 39.92
C THR C 370 12.83 3.60 40.35
N ILE C 371 13.40 2.89 39.38
CA ILE C 371 14.14 1.69 39.70
C ILE C 371 15.24 1.99 40.71
N GLU C 372 15.90 3.14 40.55
CA GLU C 372 16.96 3.54 41.46
C GLU C 372 16.50 3.62 42.92
N GLN C 373 15.33 4.21 43.13
CA GLN C 373 14.77 4.37 44.48
C GLN C 373 14.41 3.03 45.10
N ASP C 374 13.86 2.13 44.29
CA ASP C 374 13.48 0.80 44.74
C ASP C 374 14.75 0.06 45.15
N ARG C 375 15.70 -0.03 44.23
CA ARG C 375 16.96 -0.71 44.53
C ARG C 375 17.66 -0.13 45.74
N GLU C 376 17.51 1.16 45.97
CA GLU C 376 18.14 1.76 47.15
C GLU C 376 17.40 1.28 48.40
N LEU C 377 16.09 1.20 48.31
CA LEU C 377 15.27 0.75 49.43
C LEU C 377 15.63 -0.68 49.82
N LYS C 378 15.83 -1.53 48.82
CA LYS C 378 16.18 -2.94 49.01
C LYS C 378 17.47 -3.11 49.79
N GLU C 379 18.30 -2.09 49.77
CA GLU C 379 19.57 -2.17 50.45
C GLU C 379 19.39 -2.02 51.96
N GLY C 380 18.20 -1.58 52.37
CA GLY C 380 17.92 -1.44 53.78
C GLY C 380 17.00 -2.54 54.29
N ASN C 381 16.47 -2.37 55.50
CA ASN C 381 15.57 -3.35 56.08
C ASN C 381 14.12 -3.01 55.77
N LEU C 382 13.51 -3.82 54.91
CA LEU C 382 12.12 -3.61 54.52
C LEU C 382 11.22 -4.64 55.20
N ASP C 383 10.03 -4.23 55.62
CA ASP C 383 9.12 -5.18 56.26
C ASP C 383 8.50 -6.08 55.18
N SER C 384 8.15 -7.30 55.58
CA SER C 384 7.57 -8.28 54.66
C SER C 384 6.78 -7.70 53.49
N ARG C 385 5.72 -6.96 53.78
CA ARG C 385 4.89 -6.42 52.72
C ARG C 385 5.47 -5.30 51.88
N LEU C 386 6.29 -4.45 52.48
CA LEU C 386 6.92 -3.38 51.72
C LEU C 386 7.96 -4.03 50.83
N ALA C 387 8.65 -5.02 51.38
CA ALA C 387 9.67 -5.76 50.64
C ALA C 387 9.07 -6.35 49.37
N ILE C 388 7.89 -6.95 49.50
CA ILE C 388 7.23 -7.56 48.35
C ILE C 388 6.91 -6.53 47.30
N ALA C 389 6.29 -5.43 47.73
CA ALA C 389 5.94 -4.39 46.77
C ALA C 389 7.17 -3.87 46.05
N VAL C 390 8.19 -3.47 46.81
CA VAL C 390 9.38 -2.92 46.19
C VAL C 390 10.01 -3.86 45.17
N GLY C 391 10.12 -5.14 45.51
CA GLY C 391 10.69 -6.09 44.59
C GLY C 391 9.81 -6.27 43.37
N ILE C 392 8.52 -6.40 43.62
CA ILE C 392 7.58 -6.57 42.54
C ILE C 392 7.64 -5.42 41.55
N ARG C 393 7.38 -4.21 42.01
CA ARG C 393 7.39 -3.04 41.12
C ARG C 393 8.74 -2.79 40.45
N GLU C 394 9.84 -3.15 41.10
CA GLU C 394 11.13 -2.96 40.47
C GLU C 394 11.19 -3.89 39.27
N GLY C 395 10.79 -5.14 39.50
CA GLY C 395 10.80 -6.16 38.47
C GLY C 395 9.92 -5.85 37.28
N GLU C 396 8.69 -5.40 37.54
CA GLU C 396 7.79 -5.06 36.46
C GLU C 396 8.44 -3.95 35.64
N LYS C 397 9.01 -2.97 36.34
CA LYS C 397 9.65 -1.87 35.64
C LYS C 397 10.79 -2.38 34.76
N MET C 398 11.49 -3.39 35.25
CA MET C 398 12.60 -3.98 34.49
C MET C 398 12.10 -4.68 33.24
N VAL C 399 11.03 -5.46 33.38
CA VAL C 399 10.49 -6.18 32.24
C VAL C 399 9.89 -5.21 31.23
N LEU C 400 9.15 -4.22 31.74
CA LEU C 400 8.53 -3.23 30.89
C LEU C 400 9.60 -2.55 30.07
N GLN C 401 10.67 -2.12 30.73
CA GLN C 401 11.75 -1.45 30.00
C GLN C 401 12.43 -2.40 29.03
N GLN C 402 12.47 -3.67 29.39
CA GLN C 402 13.11 -4.66 28.54
C GLN C 402 12.28 -4.81 27.28
N ILE C 403 10.97 -4.85 27.45
CA ILE C 403 10.08 -4.99 26.30
C ILE C 403 10.24 -3.80 25.37
N ASP C 404 10.24 -2.60 25.94
CA ASP C 404 10.39 -1.40 25.12
C ASP C 404 11.64 -1.51 24.25
N GLY C 405 12.74 -1.93 24.88
CA GLY C 405 14.00 -2.08 24.18
C GLY C 405 13.94 -3.15 23.10
N ILE C 406 13.27 -4.25 23.39
CA ILE C 406 13.18 -5.31 22.39
C ILE C 406 12.47 -4.79 21.15
N PHE C 407 11.41 -4.00 21.35
CA PHE C 407 10.66 -3.47 20.23
C PHE C 407 11.28 -2.24 19.62
N GLU C 408 12.02 -1.47 20.42
CA GLU C 408 12.70 -0.29 19.90
C GLU C 408 13.74 -0.78 18.92
N GLN C 409 14.35 -1.92 19.25
CA GLN C 409 15.36 -2.56 18.43
C GLN C 409 14.70 -2.98 17.13
N LYS C 410 13.50 -3.56 17.26
CA LYS C 410 12.74 -4.01 16.09
C LYS C 410 12.41 -2.83 15.18
N GLU C 411 12.16 -1.65 15.77
CA GLU C 411 11.85 -0.48 14.97
C GLU C 411 13.05 -0.09 14.15
N LEU C 412 14.25 -0.33 14.69
CA LEU C 412 15.46 -0.01 13.96
C LEU C 412 15.75 -1.05 12.89
N GLU C 413 15.36 -2.30 13.14
CA GLU C 413 15.62 -3.37 12.19
C GLU C 413 14.39 -3.59 11.33
N LEU C 414 13.48 -2.64 11.43
CA LEU C 414 12.22 -2.69 10.70
C LEU C 414 12.39 -3.07 9.24
N ASP C 415 13.56 -2.81 8.66
CA ASP C 415 13.78 -3.14 7.25
C ASP C 415 14.52 -4.43 6.99
N GLN C 416 15.13 -4.99 8.03
CA GLN C 416 15.87 -6.24 7.89
C GLN C 416 14.92 -7.41 7.72
N LEU C 417 13.75 -7.32 8.35
CA LEU C 417 12.76 -8.40 8.25
C LEU C 417 12.31 -8.53 6.80
N GLU C 418 12.23 -9.75 6.31
CA GLU C 418 11.76 -9.91 4.95
C GLU C 418 10.31 -10.34 5.02
N TYR C 419 9.42 -9.38 4.79
CA TYR C 419 7.98 -9.58 4.87
C TYR C 419 7.34 -10.51 3.85
N TYR C 420 6.03 -10.69 3.95
CA TYR C 420 5.31 -11.58 3.05
C TYR C 420 5.66 -11.43 1.57
N GLN C 421 5.53 -10.22 1.06
CA GLN C 421 5.83 -10.00 -0.35
C GLN C 421 7.25 -10.43 -0.69
N GLU C 422 8.25 -9.80 -0.07
CA GLU C 422 9.63 -10.15 -0.37
C GLU C 422 9.85 -11.66 -0.37
N ARG C 423 9.20 -12.37 0.54
CA ARG C 423 9.35 -13.81 0.62
C ARG C 423 8.74 -14.49 -0.60
N ARG C 424 7.67 -13.91 -1.13
CA ARG C 424 6.97 -14.46 -2.28
C ARG C 424 7.93 -14.52 -3.47
N LEU C 425 8.77 -13.48 -3.62
CA LEU C 425 9.72 -13.41 -4.71
C LEU C 425 11.13 -13.72 -4.22
N LYS C 426 11.42 -15.00 -4.00
CA LYS C 426 12.75 -15.40 -3.51
C LYS C 426 13.78 -15.70 -4.58
N ASP C 427 13.53 -16.75 -5.37
CA ASP C 427 14.45 -17.14 -6.42
C ASP C 427 13.76 -17.19 -7.78
N LEU C 428 13.30 -16.03 -8.24
CA LEU C 428 12.61 -15.92 -9.52
C LEU C 428 13.37 -16.58 -10.66
N GLY C 429 14.66 -16.79 -10.47
CA GLY C 429 15.47 -17.40 -11.51
C GLY C 429 15.59 -16.47 -12.70
N LEU C 430 15.67 -15.17 -12.43
CA LEU C 430 15.81 -14.18 -13.49
C LEU C 430 17.04 -14.54 -14.30
N CYS C 431 18.17 -14.61 -13.61
CA CYS C 431 19.43 -14.92 -14.26
C CYS C 431 19.64 -16.40 -14.46
N GLY C 432 18.98 -16.94 -15.48
CA GLY C 432 19.12 -18.34 -15.78
C GLY C 432 19.81 -18.50 -17.11
N GLU C 433 19.11 -19.07 -18.08
CA GLU C 433 19.66 -19.29 -19.41
C GLU C 433 18.87 -18.46 -20.41
N ASN C 434 19.18 -18.63 -21.69
CA ASN C 434 18.47 -17.92 -22.74
C ASN C 434 17.53 -18.93 -23.39
N GLY C 435 16.34 -19.05 -22.83
CA GLY C 435 15.37 -20.00 -23.33
C GLY C 435 15.00 -19.78 -24.78
N ASP C 436 15.09 -18.55 -25.27
CA ASP C 436 14.74 -18.27 -26.66
C ASP C 436 15.41 -19.28 -27.57
N ILE C 437 16.71 -19.45 -27.41
CA ILE C 437 17.47 -20.35 -28.26
C ILE C 437 16.89 -21.74 -28.33
N LEU C 438 16.26 -22.20 -27.25
CA LEU C 438 15.62 -23.51 -27.25
C LEU C 438 14.22 -23.40 -27.86
N GLU C 439 13.46 -22.42 -27.38
CA GLU C 439 12.10 -22.17 -27.87
C GLU C 439 12.13 -22.26 -29.39
N ASN C 440 13.14 -21.59 -29.95
CA ASN C 440 13.36 -21.53 -31.39
C ASN C 440 13.54 -22.92 -32.01
N LEU C 441 14.07 -23.86 -31.24
CA LEU C 441 14.31 -25.21 -31.76
C LEU C 441 13.15 -26.21 -31.57
N TYR C 442 12.02 -25.76 -31.03
CA TYR C 442 10.86 -26.63 -30.82
C TYR C 442 9.89 -26.58 -31.99
N PHE C 443 9.98 -25.52 -32.78
CA PHE C 443 9.09 -25.32 -33.93
C PHE C 443 9.85 -25.35 -35.27
#